data_5VM4
#
_entry.id   5VM4
#
_cell.length_a   161.566
_cell.length_b   93.254
_cell.length_c   110.576
_cell.angle_alpha   90.00
_cell.angle_beta   104.07
_cell.angle_gamma   90.00
#
_symmetry.space_group_name_H-M   'C 1 2 1'
#
loop_
_entity.id
_entity.type
_entity.pdbx_description
1 polymer 'Single domain camelid nanobody VHH T10'
2 non-polymer 'ACETATE ION'
3 non-polymer 'FORMIC ACID'
4 water water
#
_entity_poly.entity_id   1
_entity_poly.type   'polypeptide(L)'
_entity_poly.pdbx_seq_one_letter_code
;MAQVKLQQSGGGMVQTGDSLRLSCVGSRRALSSTIVGWFRQIPGKEREFVGGIAWSSSDTWYADSVKGRFTISKDDAANG
VHLQMSSLKPEDTAVYYCASALRRPGSDASDYTRIPDYPYWGQGTQVTVSSHHHHHH
;
_entity_poly.pdbx_strand_id   A,B,C,D,E,F,G,H,I,J,K,L
#
loop_
_chem_comp.id
_chem_comp.type
_chem_comp.name
_chem_comp.formula
ACT non-polymer 'ACETATE ION' 'C2 H3 O2 -1'
FMT non-polymer 'FORMIC ACID' 'C H2 O2'
#
# COMPACT_ATOMS: atom_id res chain seq x y z
N LYS A 5 -10.03 12.84 19.39
CA LYS A 5 -9.04 12.60 18.30
C LYS A 5 -7.98 11.58 18.69
N LEU A 6 -7.69 10.72 17.74
CA LEU A 6 -6.63 9.74 17.84
C LEU A 6 -5.74 10.07 16.64
N GLN A 7 -4.59 10.69 16.90
CA GLN A 7 -3.65 11.13 15.86
C GLN A 7 -2.72 9.95 15.56
N GLN A 8 -2.61 9.61 14.29
CA GLN A 8 -1.79 8.48 13.84
C GLN A 8 -0.54 8.90 13.07
N SER A 9 0.47 8.06 13.05
CA SER A 9 1.70 8.37 12.35
C SER A 9 2.50 7.10 12.09
N GLY A 10 3.41 7.16 11.10
CA GLY A 10 4.29 6.03 10.80
C GLY A 10 4.08 5.27 9.49
N GLY A 11 3.12 5.71 8.69
CA GLY A 11 2.84 5.06 7.39
C GLY A 11 4.04 5.08 6.46
N GLY A 12 4.16 4.06 5.62
CA GLY A 12 5.30 3.99 4.71
C GLY A 12 5.19 2.74 3.90
N MET A 13 6.21 2.49 3.09
CA MET A 13 6.35 1.27 2.37
C MET A 13 7.63 0.61 2.80
N VAL A 14 7.55 -0.70 2.91
CA VAL A 14 8.69 -1.50 3.25
C VAL A 14 8.73 -2.77 2.37
N GLN A 15 9.83 -3.50 2.54
CA GLN A 15 10.08 -4.76 1.87
C GLN A 15 9.51 -5.88 2.76
N THR A 16 9.33 -7.04 2.16
CA THR A 16 8.95 -8.24 2.88
C THR A 16 10.07 -8.58 3.85
N GLY A 17 9.71 -8.92 5.07
CA GLY A 17 10.70 -9.24 6.11
C GLY A 17 11.04 -8.08 7.00
N ASP A 18 10.66 -6.87 6.59
CA ASP A 18 11.00 -5.67 7.34
C ASP A 18 10.09 -5.46 8.55
N SER A 19 10.48 -4.47 9.34
CA SER A 19 9.75 -4.00 10.49
C SER A 19 9.32 -2.54 10.27
N LEU A 20 8.26 -2.14 10.95
CA LEU A 20 7.71 -0.80 10.86
C LEU A 20 6.83 -0.61 12.09
N ARG A 21 6.82 0.61 12.65
CA ARG A 21 5.96 0.93 13.77
C ARG A 21 5.10 2.15 13.50
N LEU A 22 3.86 1.97 13.89
CA LEU A 22 2.87 3.01 13.85
C LEU A 22 2.65 3.51 15.26
N SER A 23 2.23 4.77 15.35
CA SER A 23 1.96 5.39 16.61
C SER A 23 0.59 6.02 16.59
N CYS A 24 -0.02 6.04 17.77
CA CYS A 24 -1.34 6.61 17.98
C CYS A 24 -1.34 7.42 19.29
N VAL A 25 -1.69 8.70 19.22
CA VAL A 25 -1.73 9.54 20.42
C VAL A 25 -3.08 10.17 20.62
N GLY A 26 -3.66 9.94 21.79
CA GLY A 26 -5.00 10.50 22.10
C GLY A 26 -4.95 11.96 22.52
N SER A 27 -5.93 12.76 22.10
CA SER A 27 -6.02 14.17 22.55
C SER A 27 -6.28 14.27 24.04
N ARG A 28 -7.11 13.40 24.59
CA ARG A 28 -7.23 13.47 26.01
C ARG A 28 -6.52 12.30 26.66
N ARG A 29 -6.02 12.54 27.85
CA ARG A 29 -5.26 11.53 28.58
C ARG A 29 -6.09 10.29 28.83
N ALA A 30 -5.47 9.12 28.62
CA ALA A 30 -6.09 7.85 28.88
C ALA A 30 -6.31 7.67 30.38
N LEU A 31 -7.36 6.93 30.71
CA LEU A 31 -7.65 6.54 32.08
C LEU A 31 -7.28 5.08 32.26
N SER A 32 -7.44 4.59 33.49
CA SER A 32 -7.03 3.26 33.83
C SER A 32 -7.85 2.20 33.09
N SER A 33 -9.09 2.57 32.70
CA SER A 33 -9.95 1.62 31.97
C SER A 33 -9.92 1.87 30.42
N THR A 34 -9.04 2.76 29.95
CA THR A 34 -8.87 3.01 28.52
C THR A 34 -8.28 1.80 27.83
N ILE A 35 -8.81 1.46 26.67
CA ILE A 35 -8.28 0.37 25.83
C ILE A 35 -7.97 0.98 24.46
N VAL A 36 -6.81 0.64 23.91
CA VAL A 36 -6.44 1.10 22.57
C VAL A 36 -6.29 -0.15 21.69
N GLY A 37 -7.00 -0.19 20.56
CA GLY A 37 -6.91 -1.28 19.60
C GLY A 37 -6.42 -0.82 18.26
N TRP A 38 -6.09 -1.79 17.42
CA TRP A 38 -5.66 -1.54 16.05
C TRP A 38 -6.45 -2.45 15.18
N PHE A 39 -6.87 -1.88 14.06
CA PHE A 39 -7.60 -2.57 13.05
C PHE A 39 -6.92 -2.29 11.72
N ARG A 40 -7.25 -3.08 10.71
CA ARG A 40 -6.74 -2.80 9.37
C ARG A 40 -7.73 -3.20 8.29
N GLN A 41 -7.64 -2.51 7.16
CA GLN A 41 -8.51 -2.80 6.01
C GLN A 41 -7.81 -2.51 4.70
N ILE A 42 -7.71 -3.52 3.82
CA ILE A 42 -7.29 -3.31 2.43
C ILE A 42 -8.53 -3.34 1.56
N PRO A 43 -8.59 -2.56 0.46
CA PRO A 43 -9.82 -2.59 -0.34
C PRO A 43 -10.17 -3.97 -0.88
N GLY A 44 -11.43 -4.34 -0.66
CA GLY A 44 -11.97 -5.63 -1.11
C GLY A 44 -12.14 -6.62 0.02
N LYS A 45 -11.58 -6.28 1.17
CA LYS A 45 -11.72 -7.07 2.38
C LYS A 45 -12.35 -6.22 3.50
N GLU A 46 -12.82 -6.93 4.52
CA GLU A 46 -13.44 -6.27 5.68
C GLU A 46 -12.36 -5.74 6.61
N ARG A 47 -12.72 -4.70 7.35
CA ARG A 47 -11.85 -4.16 8.36
C ARG A 47 -11.70 -5.22 9.42
N GLU A 48 -10.46 -5.50 9.81
CA GLU A 48 -10.13 -6.65 10.61
C GLU A 48 -9.35 -6.23 11.83
N PHE A 49 -9.64 -6.89 12.95
CA PHE A 49 -8.92 -6.63 14.21
C PHE A 49 -7.48 -7.12 14.12
N VAL A 50 -6.55 -6.33 14.65
CA VAL A 50 -5.14 -6.68 14.68
C VAL A 50 -4.67 -7.00 16.12
N GLY A 51 -4.85 -6.03 17.04
CA GLY A 51 -4.49 -6.28 18.45
C GLY A 51 -4.90 -5.10 19.32
N GLY A 52 -4.79 -5.28 20.62
CA GLY A 52 -5.14 -4.24 21.53
C GLY A 52 -4.32 -4.31 22.79
N ILE A 53 -4.37 -3.24 23.56
CA ILE A 53 -3.62 -3.11 24.81
C ILE A 53 -4.56 -2.46 25.83
N ALA A 54 -4.48 -2.91 27.08
CA ALA A 54 -5.10 -2.24 28.23
C ALA A 54 -4.15 -1.21 28.86
N TRP A 55 -4.58 0.05 28.91
CA TRP A 55 -3.73 1.11 29.39
C TRP A 55 -3.21 0.84 30.80
N SER A 56 -4.08 0.34 31.66
CA SER A 56 -3.71 0.24 33.09
C SER A 56 -2.63 -0.80 33.32
N SER A 57 -2.78 -1.97 32.70
CA SER A 57 -1.87 -3.12 32.92
C SER A 57 -0.82 -3.30 31.83
N SER A 58 -1.07 -2.70 30.67
CA SER A 58 -0.26 -2.99 29.47
C SER A 58 -0.40 -4.44 28.95
N ASP A 59 -1.43 -5.15 29.39
CA ASP A 59 -1.79 -6.45 28.83
C ASP A 59 -2.25 -6.26 27.39
N THR A 60 -1.98 -7.26 26.55
CA THR A 60 -2.26 -7.15 25.12
C THR A 60 -2.80 -8.44 24.61
N TRP A 61 -3.50 -8.36 23.49
CA TRP A 61 -4.11 -9.52 22.86
C TRP A 61 -4.10 -9.24 21.35
N TYR A 62 -3.99 -10.29 20.56
CA TYR A 62 -3.72 -10.16 19.12
C TYR A 62 -4.60 -11.09 18.30
N ALA A 63 -4.91 -10.66 17.08
CA ALA A 63 -5.45 -11.57 16.08
C ALA A 63 -4.45 -12.70 15.78
N ASP A 64 -5.00 -13.89 15.53
CA ASP A 64 -4.17 -15.03 15.13
C ASP A 64 -3.15 -14.70 14.01
N SER A 65 -3.56 -13.92 13.03
CA SER A 65 -2.73 -13.69 11.85
C SER A 65 -1.43 -12.90 12.16
N VAL A 66 -1.36 -12.22 13.30
CA VAL A 66 -0.22 -11.38 13.63
C VAL A 66 0.49 -11.75 14.93
N LYS A 67 -0.07 -12.69 15.68
CA LYS A 67 0.47 -13.12 16.97
C LYS A 67 1.91 -13.59 16.79
N GLY A 68 2.83 -13.11 17.63
CA GLY A 68 4.26 -13.46 17.47
C GLY A 68 5.06 -12.63 16.47
N ARG A 69 4.38 -11.74 15.73
CA ARG A 69 5.04 -10.85 14.76
C ARG A 69 4.86 -9.39 15.13
N PHE A 70 3.67 -9.04 15.64
CA PHE A 70 3.35 -7.67 16.03
C PHE A 70 3.34 -7.50 17.57
N THR A 71 3.81 -6.34 18.03
CA THR A 71 3.69 -5.98 19.45
C THR A 71 3.20 -4.59 19.61
N ILE A 72 2.23 -4.44 20.48
CA ILE A 72 1.76 -3.14 20.89
C ILE A 72 2.36 -2.74 22.22
N SER A 73 2.87 -1.51 22.30
CA SER A 73 3.46 -1.07 23.56
C SER A 73 2.88 0.29 23.95
N LYS A 74 2.84 0.53 25.26
CA LYS A 74 2.37 1.79 25.85
C LYS A 74 3.51 2.80 25.96
N ASP A 75 3.20 4.09 25.76
CA ASP A 75 4.13 5.22 25.94
C ASP A 75 3.39 6.23 26.81
N ASP A 76 3.58 6.08 28.12
CA ASP A 76 2.78 6.80 29.10
C ASP A 76 2.95 8.30 28.93
N ALA A 77 4.19 8.75 28.72
CA ALA A 77 4.52 10.16 28.67
C ALA A 77 3.88 10.86 27.47
N ALA A 78 3.93 10.18 26.32
CA ALA A 78 3.33 10.70 25.10
C ALA A 78 1.80 10.51 25.00
N ASN A 79 1.17 9.91 26.02
CA ASN A 79 -0.25 9.49 25.96
C ASN A 79 -0.50 8.63 24.70
N GLY A 80 0.44 7.75 24.40
CA GLY A 80 0.40 7.01 23.14
C GLY A 80 0.65 5.54 23.22
N VAL A 81 0.34 4.87 22.13
CA VAL A 81 0.74 3.50 21.92
C VAL A 81 1.43 3.35 20.57
N HIS A 82 2.25 2.32 20.48
CA HIS A 82 2.96 2.01 19.24
C HIS A 82 2.63 0.59 18.82
N LEU A 83 2.26 0.43 17.56
CA LEU A 83 2.10 -0.89 16.98
C LEU A 83 3.37 -1.22 16.21
N GLN A 84 4.17 -2.14 16.76
CA GLN A 84 5.45 -2.55 16.17
C GLN A 84 5.24 -3.85 15.45
N MET A 85 5.49 -3.82 14.15
CA MET A 85 5.15 -4.90 13.26
C MET A 85 6.45 -5.47 12.78
N SER A 86 6.63 -6.79 12.82
CA SER A 86 7.81 -7.41 12.22
C SER A 86 7.42 -8.56 11.34
N SER A 87 8.39 -9.11 10.61
CA SER A 87 8.16 -10.17 9.61
C SER A 87 7.02 -9.81 8.70
N LEU A 88 7.04 -8.55 8.31
CA LEU A 88 5.97 -8.06 7.44
C LEU A 88 5.95 -8.81 6.14
N LYS A 89 4.76 -9.03 5.66
CA LYS A 89 4.58 -9.68 4.40
C LYS A 89 3.51 -8.93 3.59
N PRO A 90 3.42 -9.20 2.29
CA PRO A 90 2.47 -8.43 1.46
C PRO A 90 1.02 -8.45 1.97
N GLU A 91 0.61 -9.56 2.57
CA GLU A 91 -0.72 -9.68 3.15
C GLU A 91 -0.96 -8.78 4.36
N ASP A 92 0.07 -8.13 4.90
CA ASP A 92 -0.09 -7.08 5.92
C ASP A 92 -0.34 -5.69 5.35
N THR A 93 -0.26 -5.56 4.02
CA THR A 93 -0.62 -4.32 3.35
C THR A 93 -2.04 -3.96 3.64
N ALA A 94 -2.22 -2.76 4.17
CA ALA A 94 -3.52 -2.28 4.58
C ALA A 94 -3.47 -0.85 5.07
N VAL A 95 -4.64 -0.26 5.20
CA VAL A 95 -4.81 1.00 5.94
C VAL A 95 -5.08 0.57 7.39
N TYR A 96 -4.23 1.08 8.29
CA TYR A 96 -4.24 0.73 9.70
C TYR A 96 -4.91 1.84 10.50
N TYR A 97 -5.77 1.41 11.41
CA TYR A 97 -6.59 2.29 12.22
C TYR A 97 -6.34 2.06 13.68
N CYS A 98 -6.11 3.15 14.38
CA CYS A 98 -6.13 3.21 15.81
C CYS A 98 -7.57 3.39 16.26
N ALA A 99 -7.92 2.80 17.40
CA ALA A 99 -9.22 3.06 18.05
C ALA A 99 -9.07 3.00 19.56
N SER A 100 -10.04 3.57 20.26
CA SER A 100 -10.05 3.39 21.70
C SER A 100 -11.45 3.27 22.26
N ALA A 101 -11.52 2.74 23.49
CA ALA A 101 -12.77 2.35 24.13
C ALA A 101 -12.57 2.40 25.63
N LEU A 102 -13.66 2.47 26.39
CA LEU A 102 -13.59 2.37 27.87
C LEU A 102 -14.06 0.99 28.30
N ARG A 103 -13.22 0.22 28.99
CA ARG A 103 -13.55 -1.20 29.27
C ARG A 103 -14.77 -1.30 30.16
N ARG A 104 -15.75 -2.11 29.79
CA ARG A 104 -16.99 -2.21 30.55
C ARG A 104 -16.69 -3.09 31.76
N PRO A 105 -17.31 -2.79 32.91
CA PRO A 105 -17.13 -3.71 34.05
C PRO A 105 -17.60 -5.15 33.74
N GLY A 106 -16.94 -6.14 34.33
CA GLY A 106 -17.25 -7.54 34.04
C GLY A 106 -16.80 -8.06 32.69
N SER A 107 -16.11 -7.22 31.90
CA SER A 107 -15.45 -7.67 30.69
C SER A 107 -13.94 -7.85 30.88
N ASP A 108 -13.39 -8.87 30.26
CA ASP A 108 -11.95 -9.00 30.13
C ASP A 108 -11.52 -7.99 29.04
N ALA A 109 -10.38 -7.32 29.23
CA ALA A 109 -9.83 -6.41 28.20
C ALA A 109 -9.82 -7.07 26.81
N SER A 110 -9.33 -8.31 26.75
CA SER A 110 -9.25 -9.12 25.51
C SER A 110 -10.58 -9.40 24.80
N ASP A 111 -11.71 -9.08 25.40
CA ASP A 111 -12.97 -9.08 24.64
C ASP A 111 -13.10 -7.92 23.65
N TYR A 112 -12.26 -6.90 23.74
CA TYR A 112 -12.37 -5.75 22.86
C TYR A 112 -11.64 -6.05 21.54
N THR A 113 -12.34 -6.77 20.67
CA THR A 113 -11.79 -7.21 19.38
C THR A 113 -12.66 -6.86 18.17
N ARG A 114 -13.79 -6.20 18.39
CA ARG A 114 -14.79 -5.99 17.34
C ARG A 114 -14.98 -4.49 17.12
N ILE A 115 -15.31 -4.12 15.90
CA ILE A 115 -15.55 -2.72 15.51
C ILE A 115 -16.49 -1.93 16.43
N PRO A 116 -17.70 -2.40 16.66
CA PRO A 116 -18.58 -1.64 17.56
C PRO A 116 -18.16 -1.56 19.06
N ASP A 117 -17.17 -2.34 19.48
CA ASP A 117 -16.63 -2.25 20.83
C ASP A 117 -15.88 -0.96 21.00
N TYR A 118 -15.60 -0.24 19.89
CA TYR A 118 -14.73 0.93 19.93
C TYR A 118 -15.43 2.14 19.38
N PRO A 119 -15.66 3.15 20.23
CA PRO A 119 -16.35 4.34 19.79
C PRO A 119 -15.51 5.45 19.14
N TYR A 120 -14.20 5.43 19.34
CA TYR A 120 -13.28 6.49 18.90
C TYR A 120 -12.30 5.87 17.91
N TRP A 121 -12.12 6.52 16.75
CA TRP A 121 -11.33 6.05 15.64
C TRP A 121 -10.36 7.11 15.10
N GLY A 122 -9.16 6.67 14.72
CA GLY A 122 -8.20 7.51 14.03
C GLY A 122 -8.57 7.57 12.56
N GLN A 123 -7.86 8.38 11.79
CA GLN A 123 -8.13 8.58 10.35
C GLN A 123 -7.46 7.52 9.45
N GLY A 124 -6.56 6.68 9.99
CA GLY A 124 -5.99 5.59 9.20
C GLY A 124 -4.64 5.97 8.62
N THR A 125 -3.77 4.98 8.46
CA THR A 125 -2.39 5.15 8.05
C THR A 125 -2.10 4.01 7.05
N GLN A 126 -1.57 4.32 5.87
CA GLN A 126 -1.25 3.29 4.89
C GLN A 126 0.06 2.63 5.22
N VAL A 127 0.05 1.30 5.28
CA VAL A 127 1.26 0.48 5.33
C VAL A 127 1.26 -0.45 4.11
N THR A 128 2.32 -0.38 3.31
CA THR A 128 2.39 -1.20 2.14
C THR A 128 3.66 -2.00 2.21
N VAL A 129 3.53 -3.31 2.03
CA VAL A 129 4.70 -4.18 2.05
C VAL A 129 4.92 -4.75 0.65
N SER A 130 6.03 -4.43 -0.01
CA SER A 130 6.20 -4.94 -1.37
C SER A 130 6.67 -6.39 -1.35
N SER A 131 6.47 -7.10 -2.45
CA SER A 131 7.32 -8.27 -2.68
C SER A 131 8.71 -7.65 -2.84
N HIS A 132 9.74 -8.43 -3.10
CA HIS A 132 11.10 -7.94 -2.96
C HIS A 132 11.39 -8.00 -1.47
N HIS A 133 12.25 -8.96 -1.16
CA HIS A 133 12.73 -9.20 0.18
C HIS A 133 13.93 -8.32 0.32
N HIS A 134 14.22 -7.93 1.56
CA HIS A 134 15.41 -7.17 1.87
C HIS A 134 16.66 -7.97 1.50
N LYS B 5 8.78 24.78 -3.56
CA LYS B 5 7.83 23.77 -2.99
C LYS B 5 6.86 23.22 -4.02
N LEU B 6 6.79 21.89 -4.03
CA LEU B 6 5.81 21.18 -4.83
C LEU B 6 4.97 20.40 -3.85
N GLN B 7 3.71 20.80 -3.73
CA GLN B 7 2.80 20.17 -2.78
C GLN B 7 1.95 19.08 -3.43
N GLN B 8 1.99 17.89 -2.85
CA GLN B 8 1.35 16.71 -3.41
C GLN B 8 0.14 16.30 -2.58
N SER B 9 -0.89 15.82 -3.25
CA SER B 9 -2.06 15.26 -2.57
C SER B 9 -2.64 14.14 -3.41
N GLY B 10 -3.57 13.38 -2.81
CA GLY B 10 -4.31 12.35 -3.50
C GLY B 10 -4.06 10.88 -3.19
N GLY B 11 -3.15 10.60 -2.27
CA GLY B 11 -2.76 9.24 -1.96
C GLY B 11 -3.87 8.44 -1.34
N GLY B 12 -3.74 7.13 -1.40
CA GLY B 12 -4.74 6.26 -0.80
C GLY B 12 -4.64 4.88 -1.38
N MET B 13 -5.60 4.05 -1.05
CA MET B 13 -5.66 2.68 -1.59
C MET B 13 -6.93 2.52 -2.41
N VAL B 14 -6.81 1.75 -3.49
CA VAL B 14 -7.92 1.48 -4.41
C VAL B 14 -7.90 0.01 -4.78
N GLN B 15 -8.86 -0.38 -5.58
CA GLN B 15 -9.02 -1.74 -6.07
C GLN B 15 -8.31 -1.82 -7.43
N THR B 16 -7.96 -3.02 -7.86
CA THR B 16 -7.52 -3.19 -9.24
C THR B 16 -8.66 -2.75 -10.17
N GLY B 17 -8.31 -2.03 -11.21
CA GLY B 17 -9.30 -1.55 -12.20
C GLY B 17 -9.82 -0.16 -11.88
N ASP B 18 -9.47 0.35 -10.70
CA ASP B 18 -9.90 1.70 -10.30
C ASP B 18 -9.07 2.83 -10.94
N SER B 19 -9.57 4.05 -10.81
CA SER B 19 -8.88 5.28 -11.17
C SER B 19 -8.64 6.12 -9.93
N LEU B 20 -7.56 6.88 -9.98
CA LEU B 20 -7.14 7.72 -8.85
C LEU B 20 -6.38 8.87 -9.44
N ARG B 21 -6.52 10.06 -8.87
CA ARG B 21 -5.68 11.14 -9.32
C ARG B 21 -4.90 11.82 -8.22
N LEU B 22 -3.61 12.04 -8.50
CA LEU B 22 -2.69 12.72 -7.64
C LEU B 22 -2.57 14.17 -8.15
N SER B 23 -2.33 15.10 -7.24
CA SER B 23 -2.18 16.48 -7.63
C SER B 23 -0.85 16.99 -7.18
N CYS B 24 -0.36 17.96 -7.93
CA CYS B 24 0.85 18.62 -7.55
C CYS B 24 0.72 20.10 -7.86
N VAL B 25 0.97 20.90 -6.85
CA VAL B 25 0.81 22.34 -6.94
C VAL B 25 2.16 22.96 -6.61
N GLY B 26 2.60 23.88 -7.47
CA GLY B 26 3.84 24.58 -7.24
C GLY B 26 3.59 25.89 -6.52
N SER B 27 4.42 26.19 -5.53
CA SER B 27 4.42 27.53 -4.90
C SER B 27 4.78 28.68 -5.86
N ARG B 28 5.61 28.43 -6.89
CA ARG B 28 6.01 29.53 -7.77
C ARG B 28 5.18 29.41 -9.03
N ARG B 29 4.59 30.51 -9.47
CA ARG B 29 3.77 30.53 -10.69
C ARG B 29 4.52 29.93 -11.88
N ALA B 30 3.89 29.01 -12.60
CA ALA B 30 4.55 28.43 -13.78
C ALA B 30 4.77 29.46 -14.90
N LEU B 31 5.81 29.24 -15.71
CA LEU B 31 6.10 30.02 -16.93
C LEU B 31 5.99 29.10 -18.14
N SER B 32 6.18 29.66 -19.33
CA SER B 32 6.14 28.87 -20.56
C SER B 32 7.18 27.72 -20.53
N SER B 33 8.33 27.95 -19.91
CA SER B 33 9.39 26.95 -19.87
C SER B 33 9.24 25.89 -18.78
N THR B 34 8.21 26.00 -17.96
CA THR B 34 8.05 25.07 -16.85
C THR B 34 7.66 23.66 -17.35
N ILE B 35 8.28 22.65 -16.75
CA ILE B 35 7.93 21.27 -17.02
C ILE B 35 7.64 20.59 -15.70
N VAL B 36 6.60 19.77 -15.68
CA VAL B 36 6.25 19.00 -14.48
C VAL B 36 6.21 17.53 -14.82
N GLY B 37 6.89 16.75 -14.00
CA GLY B 37 7.03 15.30 -14.21
C GLY B 37 6.66 14.51 -12.98
N TRP B 38 6.32 13.24 -13.23
CA TRP B 38 5.99 12.29 -12.20
C TRP B 38 6.89 11.06 -12.29
N PHE B 39 7.35 10.60 -11.13
CA PHE B 39 8.17 9.41 -11.05
C PHE B 39 7.52 8.54 -9.98
N ARG B 40 7.91 7.28 -9.90
CA ARG B 40 7.43 6.43 -8.82
C ARG B 40 8.48 5.47 -8.36
N GLN B 41 8.36 5.03 -7.09
CA GLN B 41 9.31 4.07 -6.56
C GLN B 41 8.64 3.10 -5.56
N ILE B 42 8.91 1.80 -5.75
CA ILE B 42 8.46 0.74 -4.80
C ILE B 42 9.72 0.18 -4.12
N PRO B 43 9.65 -0.18 -2.81
CA PRO B 43 10.91 -0.74 -2.30
C PRO B 43 11.34 -1.97 -3.08
N GLY B 44 12.59 -1.96 -3.50
CA GLY B 44 13.22 -3.09 -4.19
C GLY B 44 13.47 -2.77 -5.64
N LYS B 45 12.87 -1.69 -6.12
CA LYS B 45 13.07 -1.24 -7.45
C LYS B 45 13.57 0.19 -7.51
N GLU B 46 14.19 0.53 -8.62
CA GLU B 46 14.66 1.89 -8.82
C GLU B 46 13.50 2.87 -9.05
N ARG B 47 13.71 4.14 -8.72
CA ARG B 47 12.76 5.22 -9.03
C ARG B 47 12.58 5.35 -10.54
N GLU B 48 11.35 5.26 -11.05
CA GLU B 48 11.16 5.21 -12.49
C GLU B 48 10.30 6.35 -12.99
N PHE B 49 10.61 6.84 -14.18
CA PHE B 49 9.80 7.87 -14.81
C PHE B 49 8.42 7.33 -15.14
N VAL B 50 7.38 8.14 -14.91
CA VAL B 50 6.00 7.82 -15.22
C VAL B 50 5.50 8.67 -16.41
N GLY B 51 5.68 9.98 -16.32
CA GLY B 51 5.18 10.88 -17.36
C GLY B 51 5.40 12.34 -17.05
N GLY B 52 5.23 13.19 -18.05
CA GLY B 52 5.43 14.63 -17.87
C GLY B 52 4.55 15.46 -18.77
N ILE B 53 4.43 16.75 -18.42
CA ILE B 53 3.64 17.73 -19.16
C ILE B 53 4.45 19.05 -19.31
N ALA B 54 4.38 19.65 -20.51
CA ALA B 54 4.93 20.98 -20.77
C ALA B 54 3.82 22.03 -20.51
N TRP B 55 4.15 22.96 -19.62
CA TRP B 55 3.26 24.08 -19.33
C TRP B 55 2.98 24.92 -20.56
N SER B 56 3.96 25.09 -21.43
CA SER B 56 3.79 25.97 -22.61
C SER B 56 2.68 25.51 -23.57
N SER B 57 2.57 24.20 -23.72
CA SER B 57 1.75 23.59 -24.79
C SER B 57 0.74 22.60 -24.27
N SER B 58 0.86 22.19 -23.00
CA SER B 58 0.17 20.97 -22.50
C SER B 58 0.54 19.65 -23.17
N ASP B 59 1.64 19.61 -23.95
CA ASP B 59 2.02 18.33 -24.58
C ASP B 59 2.49 17.44 -23.44
N THR B 60 2.27 16.15 -23.58
CA THR B 60 2.63 15.17 -22.55
C THR B 60 3.44 14.04 -23.18
N TRP B 61 4.16 13.33 -22.32
CA TRP B 61 4.96 12.18 -22.72
C TRP B 61 4.97 11.22 -21.58
N TYR B 62 4.93 9.93 -21.87
CA TYR B 62 4.69 8.89 -20.85
C TYR B 62 5.69 7.74 -20.94
N ALA B 63 5.98 7.10 -19.81
CA ALA B 63 6.60 5.78 -19.82
C ALA B 63 5.71 4.78 -20.57
N ASP B 64 6.38 3.88 -21.28
CA ASP B 64 5.72 2.80 -21.96
C ASP B 64 4.75 2.01 -21.08
N SER B 65 5.16 1.72 -19.84
CA SER B 65 4.38 0.93 -18.89
C SER B 65 3.01 1.53 -18.49
N VAL B 66 2.82 2.85 -18.70
CA VAL B 66 1.58 3.50 -18.33
C VAL B 66 0.88 4.24 -19.47
N LYS B 67 1.47 4.27 -20.65
CA LYS B 67 0.90 5.02 -21.76
C LYS B 67 -0.44 4.42 -22.09
N GLY B 68 -1.43 5.28 -22.29
CA GLY B 68 -2.78 4.81 -22.56
C GLY B 68 -3.66 4.62 -21.34
N ARG B 69 -3.06 4.49 -20.15
CA ARG B 69 -3.79 4.31 -18.89
C ARG B 69 -3.72 5.55 -18.00
N PHE B 70 -2.60 6.26 -18.01
CA PHE B 70 -2.39 7.48 -17.22
C PHE B 70 -2.44 8.73 -18.09
N THR B 71 -2.96 9.81 -17.51
CA THR B 71 -3.07 11.07 -18.18
C THR B 71 -2.67 12.19 -17.25
N ILE B 72 -1.79 13.08 -17.69
CA ILE B 72 -1.45 14.24 -16.90
C ILE B 72 -2.18 15.47 -17.47
N SER B 73 -2.83 16.22 -16.59
CA SER B 73 -3.55 17.41 -17.01
C SER B 73 -3.04 18.63 -16.32
N LYS B 74 -2.98 19.72 -17.07
CA LYS B 74 -2.75 21.07 -16.53
C LYS B 74 -3.95 21.57 -15.77
N ASP B 75 -3.68 22.24 -14.65
CA ASP B 75 -4.65 23.02 -13.89
C ASP B 75 -4.18 24.45 -13.74
N ASP B 76 -4.50 25.21 -14.77
CA ASP B 76 -3.96 26.50 -14.91
C ASP B 76 -4.25 27.31 -13.66
N ALA B 77 -5.54 27.42 -13.31
CA ALA B 77 -5.99 28.16 -12.12
C ALA B 77 -5.31 27.73 -10.79
N ALA B 78 -5.04 26.45 -10.63
CA ALA B 78 -4.39 25.97 -9.38
C ALA B 78 -2.86 26.11 -9.35
N ASN B 79 -2.30 26.50 -10.50
CA ASN B 79 -0.88 26.44 -10.75
C ASN B 79 -0.41 25.02 -10.48
N GLY B 80 -1.15 24.04 -11.01
CA GLY B 80 -0.85 22.66 -10.70
C GLY B 80 -1.09 21.75 -11.85
N VAL B 81 -0.90 20.47 -11.56
CA VAL B 81 -1.12 19.49 -12.55
C VAL B 81 -1.71 18.30 -11.86
N HIS B 82 -2.44 17.48 -12.61
CA HIS B 82 -3.02 16.27 -12.01
C HIS B 82 -2.57 15.04 -12.78
N LEU B 83 -2.14 13.99 -12.08
CA LEU B 83 -1.90 12.71 -12.74
C LEU B 83 -3.11 11.82 -12.52
N GLN B 84 -3.92 11.60 -13.56
CA GLN B 84 -5.08 10.72 -13.45
C GLN B 84 -4.62 9.37 -13.89
N MET B 85 -4.69 8.39 -13.00
CA MET B 85 -4.29 7.05 -13.29
C MET B 85 -5.48 6.14 -13.40
N SER B 86 -5.57 5.39 -14.51
CA SER B 86 -6.65 4.42 -14.72
C SER B 86 -6.13 3.04 -14.99
N SER B 87 -7.08 2.10 -14.98
CA SER B 87 -6.79 0.68 -15.10
C SER B 87 -5.64 0.32 -14.18
N LEU B 88 -5.73 0.82 -12.96
CA LEU B 88 -4.65 0.52 -12.02
C LEU B 88 -4.53 -0.95 -11.73
N LYS B 89 -3.28 -1.40 -11.48
CA LYS B 89 -3.10 -2.72 -10.93
C LYS B 89 -2.00 -2.75 -9.89
N PRO B 90 -1.82 -3.90 -9.22
CA PRO B 90 -0.84 -4.01 -8.13
C PRO B 90 0.55 -3.58 -8.53
N GLU B 91 0.91 -3.79 -9.80
CA GLU B 91 2.20 -3.33 -10.33
C GLU B 91 2.36 -1.80 -10.30
N ASP B 92 1.26 -1.07 -10.18
CA ASP B 92 1.29 0.41 -10.05
C ASP B 92 1.44 0.91 -8.61
N THR B 93 1.42 -0.01 -7.65
CA THR B 93 1.69 0.35 -6.27
C THR B 93 3.06 0.98 -6.14
N ALA B 94 3.11 2.17 -5.54
CA ALA B 94 4.37 2.88 -5.39
C ALA B 94 4.21 4.18 -4.61
N VAL B 95 5.33 4.77 -4.23
CA VAL B 95 5.32 6.15 -3.77
C VAL B 95 5.55 6.99 -5.01
N TYR B 96 4.63 7.92 -5.26
CA TYR B 96 4.68 8.73 -6.47
C TYR B 96 5.23 10.13 -6.14
N TYR B 97 6.19 10.59 -6.93
CA TYR B 97 6.83 11.89 -6.75
C TYR B 97 6.53 12.82 -7.93
N CYS B 98 6.05 14.03 -7.62
CA CYS B 98 6.04 15.22 -8.51
C CYS B 98 7.45 15.82 -8.54
N ALA B 99 7.85 16.34 -9.71
CA ALA B 99 9.15 17.06 -9.86
C ALA B 99 8.99 18.15 -10.91
N SER B 100 9.75 19.24 -10.83
CA SER B 100 9.65 20.18 -11.92
C SER B 100 11.03 20.67 -12.33
N ALA B 101 11.05 21.28 -13.51
CA ALA B 101 12.26 21.70 -14.17
C ALA B 101 11.94 22.85 -15.12
N LEU B 102 12.99 23.53 -15.54
CA LEU B 102 12.91 24.60 -16.52
C LEU B 102 13.50 24.06 -17.83
N ARG B 103 12.69 24.05 -18.89
CA ARG B 103 13.14 23.51 -20.18
C ARG B 103 14.40 24.25 -20.64
N ARG B 104 15.43 23.49 -20.98
CA ARG B 104 16.64 24.09 -21.47
C ARG B 104 16.48 24.43 -22.96
N PRO B 105 17.04 25.57 -23.42
CA PRO B 105 16.98 25.88 -24.88
C PRO B 105 17.52 24.73 -25.70
N GLY B 106 16.89 24.41 -26.80
CA GLY B 106 17.39 23.32 -27.64
C GLY B 106 16.77 21.96 -27.39
N SER B 107 16.14 21.77 -26.24
CA SER B 107 15.59 20.44 -25.92
C SER B 107 14.08 20.46 -26.11
N ASP B 108 13.54 19.43 -26.73
CA ASP B 108 12.12 19.12 -26.63
C ASP B 108 11.76 18.87 -25.16
N ALA B 109 10.58 19.31 -24.76
CA ALA B 109 10.06 18.98 -23.42
C ALA B 109 10.05 17.47 -23.11
N SER B 110 9.75 16.63 -24.11
CA SER B 110 9.71 15.17 -23.94
C SER B 110 11.07 14.51 -23.66
N ASP B 111 12.16 15.28 -23.78
CA ASP B 111 13.48 14.81 -23.29
C ASP B 111 13.51 14.70 -21.77
N TYR B 112 12.59 15.36 -21.07
CA TYR B 112 12.65 15.43 -19.59
C TYR B 112 12.09 14.17 -18.97
N THR B 113 12.93 13.14 -18.94
CA THR B 113 12.51 11.83 -18.54
C THR B 113 13.37 11.24 -17.46
N ARG B 114 14.43 11.91 -17.03
CA ARG B 114 15.40 11.25 -16.12
C ARG B 114 15.47 12.02 -14.82
N ILE B 115 15.83 11.32 -13.75
CA ILE B 115 15.87 11.91 -12.44
C ILE B 115 16.69 13.21 -12.36
N PRO B 116 17.93 13.19 -12.86
CA PRO B 116 18.71 14.45 -12.79
C PRO B 116 18.24 15.61 -13.68
N ASP B 117 17.28 15.35 -14.57
CA ASP B 117 16.66 16.41 -15.39
C ASP B 117 15.77 17.39 -14.52
N TYR B 118 15.48 16.96 -13.31
CA TYR B 118 14.52 17.67 -12.41
C TYR B 118 15.13 18.07 -11.11
N PRO B 119 15.31 19.38 -10.94
CA PRO B 119 15.97 19.78 -9.71
C PRO B 119 15.02 19.94 -8.52
N TYR B 120 13.71 20.03 -8.77
CA TYR B 120 12.73 20.25 -7.70
C TYR B 120 11.81 19.05 -7.59
N TRP B 121 11.66 18.59 -6.34
CA TRP B 121 10.92 17.37 -6.04
C TRP B 121 9.90 17.59 -4.96
N GLY B 122 8.76 16.93 -5.08
CA GLY B 122 7.81 16.85 -3.97
C GLY B 122 8.29 15.79 -2.96
N GLN B 123 7.49 15.63 -1.92
CA GLN B 123 7.77 14.80 -0.74
C GLN B 123 7.28 13.34 -0.99
N GLY B 124 6.45 13.13 -2.00
CA GLY B 124 5.97 11.79 -2.33
C GLY B 124 4.61 11.46 -1.73
N THR B 125 3.83 10.67 -2.49
CA THR B 125 2.50 10.26 -2.11
C THR B 125 2.33 8.76 -2.32
N GLN B 126 1.75 8.09 -1.34
CA GLN B 126 1.59 6.65 -1.39
C GLN B 126 0.35 6.22 -2.15
N VAL B 127 0.52 5.31 -3.09
CA VAL B 127 -0.60 4.75 -3.78
C VAL B 127 -0.50 3.24 -3.72
N THR B 128 -1.52 2.59 -3.19
CA THR B 128 -1.55 1.13 -3.09
C THR B 128 -2.76 0.59 -3.87
N VAL B 129 -2.52 -0.35 -4.77
CA VAL B 129 -3.57 -1.03 -5.49
C VAL B 129 -3.71 -2.45 -5.00
N SER B 130 -4.83 -2.72 -4.34
CA SER B 130 -5.19 -4.05 -3.88
C SER B 130 -5.37 -5.05 -5.01
N SER B 131 -5.05 -6.30 -4.72
CA SER B 131 -5.21 -7.34 -5.70
C SER B 131 -6.72 -7.68 -5.90
N HIS B 132 -7.58 -7.16 -5.02
CA HIS B 132 -9.04 -7.19 -5.24
C HIS B 132 -9.46 -6.19 -6.34
N HIS B 133 -10.12 -6.73 -7.36
CA HIS B 133 -10.72 -5.94 -8.44
C HIS B 133 -12.05 -5.39 -7.97
N HIS B 134 -12.45 -4.27 -8.52
CA HIS B 134 -13.74 -3.67 -8.17
C HIS B 134 -14.85 -4.63 -8.66
N HIS B 135 -16.06 -4.45 -8.13
CA HIS B 135 -17.17 -5.39 -8.34
C HIS B 135 -18.22 -4.87 -9.34
N HIS B 136 -17.75 -4.16 -10.35
CA HIS B 136 -18.65 -3.53 -11.34
C HIS B 136 -18.14 -3.79 -12.74
N LYS C 5 27.03 -1.14 43.34
CA LYS C 5 26.33 -2.21 44.11
C LYS C 5 24.99 -2.38 43.42
N LEU C 6 24.33 -3.48 43.74
CA LEU C 6 23.07 -3.83 43.19
C LEU C 6 22.16 -4.07 44.38
N GLN C 7 21.20 -3.19 44.56
CA GLN C 7 20.34 -3.22 45.74
C GLN C 7 19.12 -4.01 45.42
N GLN C 8 18.83 -5.03 46.21
CA GLN C 8 17.64 -5.84 45.93
C GLN C 8 16.53 -5.66 46.95
N SER C 9 15.31 -5.98 46.54
CA SER C 9 14.18 -5.91 47.45
C SER C 9 13.05 -6.77 46.94
N GLY C 10 12.08 -7.06 47.83
CA GLY C 10 10.83 -7.74 47.47
C GLY C 10 10.64 -9.14 48.01
N GLY C 11 11.60 -9.63 48.78
CA GLY C 11 11.45 -10.96 49.33
C GLY C 11 10.24 -11.23 50.21
N GLY C 12 9.81 -12.48 50.27
CA GLY C 12 8.67 -12.77 51.08
C GLY C 12 8.27 -14.19 50.87
N MET C 13 7.19 -14.56 51.51
CA MET C 13 6.68 -15.90 51.43
C MET C 13 5.27 -15.79 50.81
N VAL C 14 4.98 -16.68 49.87
CA VAL C 14 3.70 -16.71 49.20
C VAL C 14 3.20 -18.14 49.11
N GLN C 15 1.97 -18.26 48.62
CA GLN C 15 1.29 -19.53 48.39
C GLN C 15 1.61 -20.04 46.96
N THR C 16 1.56 -21.35 46.74
CA THR C 16 1.63 -21.90 45.40
C THR C 16 0.54 -21.25 44.50
N GLY C 17 0.90 -20.81 43.30
CA GLY C 17 -0.05 -20.12 42.38
C GLY C 17 -0.04 -18.62 42.55
N ASP C 18 0.61 -18.08 43.59
CA ASP C 18 0.72 -16.60 43.70
C ASP C 18 1.79 -15.95 42.81
N SER C 19 1.82 -14.62 42.82
CA SER C 19 2.82 -13.83 42.13
C SER C 19 3.54 -12.95 43.15
N LEU C 20 4.70 -12.46 42.74
CA LEU C 20 5.57 -11.68 43.61
C LEU C 20 6.62 -11.05 42.72
N ARG C 21 6.99 -9.81 42.98
CA ARG C 21 8.08 -9.21 42.23
C ARG C 21 9.24 -8.75 43.09
N LEU C 22 10.43 -8.99 42.56
CA LEU C 22 11.66 -8.58 43.15
C LEU C 22 12.16 -7.42 42.34
N SER C 23 12.93 -6.55 42.97
CA SER C 23 13.50 -5.40 42.32
C SER C 23 15.02 -5.37 42.49
N CYS C 24 15.68 -4.80 41.50
CA CYS C 24 17.11 -4.59 41.60
C CYS C 24 17.43 -3.23 41.02
N VAL C 25 18.19 -2.45 41.78
CA VAL C 25 18.56 -1.08 41.42
C VAL C 25 20.05 -0.92 41.54
N GLY C 26 20.66 -0.42 40.48
CA GLY C 26 22.12 -0.25 40.41
C GLY C 26 22.56 1.09 40.97
N SER C 27 23.71 1.12 41.65
CA SER C 27 24.21 2.40 42.19
C SER C 27 24.69 3.32 41.10
N ARG C 28 25.18 2.80 39.99
CA ARG C 28 25.45 3.72 38.87
C ARG C 28 24.51 3.49 37.72
N ARG C 29 24.24 4.58 37.01
CA ARG C 29 23.33 4.55 35.88
C ARG C 29 23.77 3.47 34.91
N ALA C 30 22.82 2.62 34.47
CA ALA C 30 23.09 1.68 33.38
C ALA C 30 23.51 2.44 32.11
N LEU C 31 24.28 1.80 31.27
CA LEU C 31 24.63 2.29 29.95
C LEU C 31 23.90 1.43 28.96
N SER C 32 23.99 1.78 27.68
CA SER C 32 23.26 1.07 26.64
C SER C 32 23.68 -0.42 26.54
N SER C 33 24.93 -0.72 26.90
CA SER C 33 25.43 -2.08 26.86
C SER C 33 25.19 -2.86 28.16
N THR C 34 24.49 -2.29 29.11
CA THR C 34 24.29 -2.95 30.40
C THR C 34 23.33 -4.12 30.25
N ILE C 35 23.63 -5.22 30.93
CA ILE C 35 22.75 -6.36 31.01
C ILE C 35 22.51 -6.66 32.48
N VAL C 36 21.27 -7.00 32.82
CA VAL C 36 20.92 -7.36 34.16
C VAL C 36 20.31 -8.75 34.15
N GLY C 37 20.86 -9.65 34.94
CA GLY C 37 20.38 -11.02 35.01
C GLY C 37 19.95 -11.38 36.40
N TRP C 38 19.17 -12.44 36.49
CA TRP C 38 18.74 -12.98 37.72
C TRP C 38 19.14 -14.45 37.79
N PHE C 39 19.65 -14.82 38.97
CA PHE C 39 19.98 -16.20 39.28
C PHE C 39 19.32 -16.59 40.59
N ARG C 40 19.28 -17.88 40.84
CA ARG C 40 18.76 -18.36 42.10
C ARG C 40 19.47 -19.56 42.64
N GLN C 41 19.48 -19.67 43.95
CA GLN C 41 20.11 -20.83 44.57
C GLN C 41 19.42 -21.21 45.87
N ILE C 42 19.07 -22.50 45.98
CA ILE C 42 18.53 -23.09 47.23
C ILE C 42 19.63 -24.03 47.80
N PRO C 43 19.69 -24.14 49.14
CA PRO C 43 20.78 -24.96 49.65
C PRO C 43 20.65 -26.41 49.17
N GLY C 44 21.76 -26.95 48.68
CA GLY C 44 21.82 -28.30 48.12
C GLY C 44 21.81 -28.40 46.61
N LYS C 45 21.55 -27.27 45.93
CA LYS C 45 21.57 -27.15 44.50
C LYS C 45 22.54 -26.07 44.07
N GLU C 46 22.90 -26.11 42.78
CA GLU C 46 23.76 -25.12 42.19
C GLU C 46 22.99 -23.82 41.91
N ARG C 47 23.71 -22.71 41.90
CA ARG C 47 23.11 -21.42 41.57
C ARG C 47 22.79 -21.46 40.08
N GLU C 48 21.53 -21.24 39.74
CA GLU C 48 21.02 -21.46 38.39
C GLU C 48 20.53 -20.15 37.81
N PHE C 49 20.66 -20.02 36.49
CA PHE C 49 20.17 -18.85 35.76
C PHE C 49 18.67 -18.85 35.70
N VAL C 50 18.07 -17.68 35.79
CA VAL C 50 16.62 -17.52 35.78
C VAL C 50 16.25 -16.72 34.52
N GLY C 51 16.83 -15.54 34.36
CA GLY C 51 16.54 -14.71 33.18
C GLY C 51 17.32 -13.42 33.13
N GLY C 52 17.22 -12.71 32.03
CA GLY C 52 17.99 -11.54 31.85
C GLY C 52 17.33 -10.57 30.92
N ILE C 53 17.80 -9.34 30.95
CA ILE C 53 17.25 -8.25 30.14
C ILE C 53 18.39 -7.39 29.66
N ALA C 54 18.26 -6.85 28.44
CA ALA C 54 19.23 -5.89 27.89
C ALA C 54 18.67 -4.50 28.10
N TRP C 55 19.45 -3.65 28.77
CA TRP C 55 19.00 -2.33 29.09
C TRP C 55 18.57 -1.51 27.85
N SER C 56 19.28 -1.66 26.75
CA SER C 56 19.07 -0.79 25.59
C SER C 56 17.75 -1.16 24.87
N SER C 57 17.54 -2.45 24.63
CA SER C 57 16.40 -2.97 23.87
C SER C 57 15.24 -3.43 24.72
N SER C 58 15.50 -3.71 26.00
CA SER C 58 14.53 -4.44 26.84
C SER C 58 14.22 -5.82 26.32
N ASP C 59 15.06 -6.39 25.45
CA ASP C 59 14.91 -7.78 25.08
C ASP C 59 15.23 -8.60 26.33
N THR C 60 14.62 -9.78 26.44
CA THR C 60 14.73 -10.65 27.65
C THR C 60 14.98 -12.07 27.18
N TRP C 61 15.60 -12.90 28.02
CA TRP C 61 15.81 -14.30 27.70
C TRP C 61 15.68 -15.05 29.03
N TYR C 62 15.11 -16.25 29.00
CA TYR C 62 14.80 -17.00 30.23
C TYR C 62 15.29 -18.43 30.22
N ALA C 63 15.58 -18.96 31.42
CA ALA C 63 15.73 -20.38 31.56
C ALA C 63 14.41 -21.09 31.21
N ASP C 64 14.56 -22.30 30.68
CA ASP C 64 13.41 -23.16 30.35
C ASP C 64 12.44 -23.30 31.52
N SER C 65 12.97 -23.53 32.71
CA SER C 65 12.13 -23.72 33.89
C SER C 65 11.14 -22.57 34.22
N VAL C 66 11.39 -21.33 33.79
CA VAL C 66 10.53 -20.17 34.15
C VAL C 66 9.89 -19.47 32.97
N LYS C 67 10.23 -19.89 31.75
CA LYS C 67 9.65 -19.28 30.53
C LYS C 67 8.15 -19.45 30.59
N GLY C 68 7.44 -18.39 30.21
CA GLY C 68 5.98 -18.31 30.34
C GLY C 68 5.40 -17.95 31.72
N ARG C 69 6.23 -17.92 32.77
CA ARG C 69 5.74 -17.65 34.13
C ARG C 69 6.35 -16.38 34.70
N PHE C 70 7.65 -16.16 34.43
CA PHE C 70 8.39 -15.00 34.95
C PHE C 70 8.62 -13.98 33.84
N THR C 71 8.56 -12.70 34.18
CA THR C 71 8.88 -11.61 33.28
C THR C 71 9.76 -10.60 33.95
N ILE C 72 10.82 -10.24 33.26
CA ILE C 72 11.68 -9.16 33.67
C ILE C 72 11.35 -7.88 32.94
N SER C 73 11.10 -6.83 33.70
CA SER C 73 10.83 -5.53 33.12
C SER C 73 11.85 -4.48 33.57
N LYS C 74 12.04 -3.54 32.66
CA LYS C 74 12.96 -2.44 32.79
C LYS C 74 12.25 -1.29 33.50
N ASP C 75 12.93 -0.61 34.41
CA ASP C 75 12.38 0.59 35.05
C ASP C 75 13.44 1.69 34.93
N ASP C 76 13.30 2.45 33.84
CA ASP C 76 14.32 3.41 33.44
C ASP C 76 14.48 4.53 34.47
N ALA C 77 13.38 4.99 35.07
CA ALA C 77 13.40 6.06 36.07
C ALA C 77 14.19 5.70 37.33
N ALA C 78 13.92 4.54 37.93
CA ALA C 78 14.62 4.08 39.13
C ALA C 78 15.97 3.41 38.86
N ASN C 79 16.44 3.41 37.61
CA ASN C 79 17.67 2.71 37.23
C ASN C 79 17.61 1.25 37.72
N GLY C 80 16.46 0.63 37.49
CA GLY C 80 16.16 -0.66 38.07
C GLY C 80 15.45 -1.62 37.15
N VAL C 81 15.41 -2.86 37.57
CA VAL C 81 14.66 -3.87 36.89
C VAL C 81 13.80 -4.57 37.91
N HIS C 82 12.74 -5.21 37.43
CA HIS C 82 11.85 -5.96 38.29
C HIS C 82 11.71 -7.36 37.72
N LEU C 83 11.87 -8.36 38.57
CA LEU C 83 11.58 -9.75 38.20
C LEU C 83 10.20 -10.09 38.73
N GLN C 84 9.24 -10.25 37.81
CA GLN C 84 7.86 -10.49 38.17
C GLN C 84 7.59 -11.97 37.95
N MET C 85 7.29 -12.66 39.04
CA MET C 85 7.16 -14.10 39.03
C MET C 85 5.71 -14.41 39.23
N SER C 86 5.15 -15.29 38.38
CA SER C 86 3.79 -15.83 38.53
C SER C 86 3.80 -17.33 38.45
N SER C 87 2.64 -17.92 38.76
CA SER C 87 2.47 -19.38 38.85
C SER C 87 3.58 -20.00 39.67
N LEU C 88 3.88 -19.35 40.78
CA LEU C 88 4.94 -19.78 41.67
C LEU C 88 4.66 -21.16 42.24
N LYS C 89 5.71 -21.96 42.33
CA LYS C 89 5.61 -23.32 42.85
C LYS C 89 6.65 -23.51 43.92
N PRO C 90 6.49 -24.53 44.75
CA PRO C 90 7.54 -24.73 45.79
C PRO C 90 8.94 -24.88 45.19
N GLU C 91 9.04 -25.44 44.00
CA GLU C 91 10.35 -25.63 43.36
C GLU C 91 10.98 -24.28 42.94
N ASP C 92 10.23 -23.17 43.06
CA ASP C 92 10.79 -21.79 42.89
C ASP C 92 11.39 -21.16 44.17
N THR C 93 11.25 -21.83 45.31
CA THR C 93 11.84 -21.39 46.58
C THR C 93 13.38 -21.36 46.43
N ALA C 94 13.97 -20.20 46.71
CA ALA C 94 15.38 -19.95 46.53
C ALA C 94 15.73 -18.55 47.00
N VAL C 95 17.02 -18.31 47.19
CA VAL C 95 17.60 -16.97 47.35
C VAL C 95 17.89 -16.50 45.92
N TYR C 96 17.30 -15.36 45.57
CA TYR C 96 17.43 -14.82 44.21
C TYR C 96 18.45 -13.72 44.21
N TYR C 97 19.32 -13.74 43.21
CA TYR C 97 20.42 -12.80 43.02
C TYR C 97 20.24 -12.05 41.73
N CYS C 98 20.31 -10.74 41.84
CA CYS C 98 20.46 -9.83 40.72
C CYS C 98 21.96 -9.80 40.37
N ALA C 99 22.28 -9.59 39.10
CA ALA C 99 23.66 -9.45 38.64
C ALA C 99 23.66 -8.59 37.40
N SER C 100 24.79 -7.93 37.14
CA SER C 100 24.93 -7.01 35.99
C SER C 100 26.23 -7.28 35.27
N ALA C 101 26.28 -6.90 33.99
CA ALA C 101 27.41 -7.17 33.13
C ALA C 101 27.43 -6.15 31.99
N LEU C 102 28.59 -5.97 31.36
CA LEU C 102 28.70 -5.15 30.17
C LEU C 102 28.83 -6.03 28.97
N ARG C 103 27.84 -5.97 28.08
CA ARG C 103 27.77 -6.89 26.91
C ARG C 103 28.99 -6.74 26.01
N ARG C 104 29.67 -7.83 25.75
CA ARG C 104 30.86 -7.81 24.89
C ARG C 104 30.42 -7.66 23.41
N PRO C 105 31.11 -6.82 22.63
CA PRO C 105 30.88 -6.83 21.17
C PRO C 105 31.02 -8.24 20.58
N GLY C 106 30.16 -8.61 19.65
CA GLY C 106 30.22 -9.95 19.06
C GLY C 106 29.28 -10.97 19.68
N SER C 107 28.80 -10.67 20.89
CA SER C 107 27.83 -11.52 21.55
C SER C 107 26.40 -11.00 21.43
N ASP C 108 25.47 -11.93 21.42
CA ASP C 108 24.06 -11.65 21.66
C ASP C 108 23.87 -11.45 23.15
N ALA C 109 22.93 -10.58 23.53
CA ALA C 109 22.60 -10.38 24.93
C ALA C 109 22.21 -11.70 25.64
N SER C 110 21.51 -12.58 24.94
CA SER C 110 21.08 -13.85 25.51
C SER C 110 22.20 -14.88 25.67
N ASP C 111 23.42 -14.55 25.26
CA ASP C 111 24.57 -15.38 25.62
C ASP C 111 24.92 -15.20 27.10
N TYR C 112 24.42 -14.14 27.75
CA TYR C 112 24.71 -13.86 29.17
C TYR C 112 23.83 -14.71 30.11
N THR C 113 24.23 -15.95 30.28
CA THR C 113 23.43 -16.88 31.08
C THR C 113 24.24 -17.62 32.14
N ARG C 114 25.53 -17.34 32.23
CA ARG C 114 26.40 -18.11 33.12
C ARG C 114 26.93 -17.21 34.24
N ILE C 115 27.20 -17.78 35.40
CA ILE C 115 27.79 -17.04 36.52
C ILE C 115 29.01 -16.19 36.16
N PRO C 116 30.00 -16.77 35.47
CA PRO C 116 31.20 -15.98 35.17
C PRO C 116 30.98 -14.81 34.17
N ASP C 117 29.85 -14.82 33.47
CA ASP C 117 29.53 -13.77 32.54
C ASP C 117 29.19 -12.49 33.30
N TYR C 118 28.95 -12.56 34.62
CA TYR C 118 28.47 -11.41 35.39
C TYR C 118 29.45 -11.01 36.44
N PRO C 119 30.06 -9.82 36.30
CA PRO C 119 31.01 -9.46 37.37
C PRO C 119 30.41 -8.81 38.62
N TYR C 120 29.18 -8.34 38.55
CA TYR C 120 28.52 -7.58 39.62
C TYR C 120 27.33 -8.36 40.16
N TRP C 121 27.26 -8.50 41.48
CA TRP C 121 26.22 -9.31 42.14
C TRP C 121 25.60 -8.56 43.31
N GLY C 122 24.28 -8.74 43.47
CA GLY C 122 23.59 -8.27 44.67
C GLY C 122 23.70 -9.34 45.75
N GLN C 123 23.11 -9.03 46.88
CA GLN C 123 23.30 -9.69 48.17
C GLN C 123 22.34 -10.91 48.33
N GLY C 124 21.32 -10.96 47.51
CA GLY C 124 20.39 -12.08 47.47
C GLY C 124 19.14 -11.74 48.27
N THR C 125 17.99 -12.32 47.86
CA THR C 125 16.65 -12.01 48.38
C THR C 125 15.95 -13.35 48.51
N GLN C 126 15.42 -13.65 49.68
CA GLN C 126 14.69 -14.91 49.90
C GLN C 126 13.29 -14.88 49.38
N VAL C 127 12.99 -15.91 48.61
CA VAL C 127 11.63 -16.18 48.15
C VAL C 127 11.26 -17.61 48.52
N THR C 128 10.19 -17.71 49.26
CA THR C 128 9.73 -19.00 49.70
C THR C 128 8.29 -19.19 49.30
N VAL C 129 8.04 -20.29 48.61
CA VAL C 129 6.70 -20.65 48.16
C VAL C 129 6.23 -21.88 48.93
N SER C 130 5.21 -21.69 49.75
CA SER C 130 4.60 -22.76 50.51
C SER C 130 3.76 -23.65 49.63
N SER C 131 3.60 -24.89 50.08
CA SER C 131 2.75 -25.89 49.44
C SER C 131 1.25 -25.64 49.55
N HIS C 132 0.84 -24.67 50.37
CA HIS C 132 -0.55 -24.27 50.40
C HIS C 132 -0.92 -23.40 49.21
N HIS C 133 -2.02 -23.77 48.56
CA HIS C 133 -2.48 -23.12 47.34
C HIS C 133 -3.40 -22.03 47.82
N HIS C 134 -3.46 -20.92 47.10
CA HIS C 134 -4.42 -19.85 47.40
C HIS C 134 -5.87 -20.35 47.26
N LYS D 5 13.42 43.22 3.34
CA LYS D 5 13.71 41.80 3.06
C LYS D 5 13.63 41.55 1.54
N LEU D 6 14.53 40.70 1.07
CA LEU D 6 14.49 40.19 -0.28
C LEU D 6 14.44 38.67 -0.16
N GLN D 7 13.29 38.06 -0.40
CA GLN D 7 13.13 36.59 -0.20
C GLN D 7 13.53 35.87 -1.47
N GLN D 8 14.45 34.93 -1.35
CA GLN D 8 14.95 34.20 -2.51
C GLN D 8 14.44 32.78 -2.55
N SER D 9 14.37 32.19 -3.73
CA SER D 9 13.98 30.79 -3.91
C SER D 9 14.47 30.31 -5.27
N GLY D 10 14.32 29.02 -5.54
CA GLY D 10 14.71 28.43 -6.80
C GLY D 10 16.00 27.62 -6.78
N GLY D 11 16.64 27.48 -5.63
CA GLY D 11 17.92 26.79 -5.55
C GLY D 11 17.84 25.29 -5.75
N GLY D 12 18.96 24.70 -6.15
CA GLY D 12 19.02 23.23 -6.24
C GLY D 12 20.31 22.83 -6.95
N MET D 13 20.34 21.59 -7.39
CA MET D 13 21.42 21.09 -8.21
C MET D 13 20.90 20.65 -9.58
N VAL D 14 21.73 20.92 -10.60
CA VAL D 14 21.41 20.63 -11.97
C VAL D 14 22.61 19.98 -12.67
N GLN D 15 22.40 19.55 -13.90
CA GLN D 15 23.45 18.96 -14.71
C GLN D 15 24.10 20.07 -15.51
N THR D 16 25.32 19.84 -15.97
CA THR D 16 25.91 20.71 -16.98
C THR D 16 24.99 20.73 -18.23
N GLY D 17 24.76 21.94 -18.71
CA GLY D 17 23.98 22.19 -19.88
C GLY D 17 22.53 22.42 -19.51
N ASP D 18 22.19 22.29 -18.23
CA ASP D 18 20.83 22.56 -17.76
C ASP D 18 20.49 24.05 -17.59
N SER D 19 19.19 24.32 -17.45
CA SER D 19 18.68 25.66 -17.12
C SER D 19 18.02 25.60 -15.76
N LEU D 20 17.97 26.77 -15.09
CA LEU D 20 17.43 26.89 -13.76
C LEU D 20 17.06 28.33 -13.56
N ARG D 21 15.99 28.57 -12.81
CA ARG D 21 15.50 29.90 -12.58
C ARG D 21 15.43 30.20 -11.08
N LEU D 22 16.08 31.30 -10.66
CA LEU D 22 16.02 31.81 -9.28
C LEU D 22 15.02 32.96 -9.20
N SER D 23 14.42 33.13 -8.04
CA SER D 23 13.46 34.20 -7.83
C SER D 23 13.81 35.07 -6.66
N CYS D 24 13.52 36.33 -6.80
CA CYS D 24 13.68 37.27 -5.70
C CYS D 24 12.44 38.16 -5.59
N VAL D 25 11.83 38.14 -4.40
CA VAL D 25 10.63 38.93 -4.11
C VAL D 25 10.87 39.90 -2.93
N GLY D 26 10.62 41.17 -3.17
CA GLY D 26 10.85 42.18 -2.12
C GLY D 26 9.65 42.28 -1.19
N SER D 27 9.89 42.50 0.10
CA SER D 27 8.74 42.71 1.01
C SER D 27 8.06 44.06 0.76
N ARG D 28 8.82 45.06 0.30
CA ARG D 28 8.27 46.34 -0.14
C ARG D 28 8.02 46.29 -1.62
N ARG D 29 6.90 46.85 -2.07
CA ARG D 29 6.64 46.93 -3.49
C ARG D 29 7.68 47.85 -4.12
N ALA D 30 8.18 47.42 -5.27
CA ALA D 30 9.18 48.14 -6.04
C ALA D 30 8.56 49.39 -6.60
N LEU D 31 9.39 50.41 -6.81
CA LEU D 31 8.93 51.66 -7.42
C LEU D 31 9.62 51.80 -8.75
N SER D 32 9.26 52.83 -9.50
CA SER D 32 9.80 52.98 -10.84
C SER D 32 11.36 53.06 -10.85
N SER D 33 11.98 53.68 -9.84
CA SER D 33 13.46 53.75 -9.78
C SER D 33 14.13 52.56 -9.08
N THR D 34 13.37 51.54 -8.75
CA THR D 34 13.96 50.37 -8.11
C THR D 34 14.85 49.62 -9.13
N ILE D 35 15.97 49.12 -8.67
CA ILE D 35 16.86 48.31 -9.48
C ILE D 35 17.12 47.02 -8.67
N VAL D 36 17.02 45.88 -9.34
CA VAL D 36 17.25 44.62 -8.72
C VAL D 36 18.41 43.95 -9.43
N GLY D 37 19.37 43.49 -8.64
CA GLY D 37 20.56 42.89 -9.19
C GLY D 37 20.88 41.51 -8.60
N TRP D 38 21.77 40.80 -9.29
CA TRP D 38 22.20 39.51 -8.84
C TRP D 38 23.72 39.44 -8.83
N PHE D 39 24.22 38.82 -7.76
CA PHE D 39 25.62 38.60 -7.56
C PHE D 39 25.77 37.12 -7.22
N ARG D 40 26.99 36.62 -7.35
CA ARG D 40 27.27 35.27 -6.92
C ARG D 40 28.65 35.17 -6.25
N GLN D 41 28.78 34.19 -5.36
CA GLN D 41 30.02 33.95 -4.67
C GLN D 41 30.22 32.46 -4.40
N ILE D 42 31.39 31.96 -4.82
CA ILE D 42 31.84 30.62 -4.46
C ILE D 42 32.94 30.76 -3.42
N PRO D 43 33.04 29.83 -2.45
CA PRO D 43 34.09 30.04 -1.43
C PRO D 43 35.48 30.00 -2.04
N GLY D 44 36.28 31.01 -1.71
CA GLY D 44 37.62 31.17 -2.25
C GLY D 44 37.67 32.26 -3.30
N LYS D 45 36.52 32.65 -3.85
CA LYS D 45 36.46 33.78 -4.74
C LYS D 45 35.59 34.89 -4.17
N GLU D 46 35.76 36.07 -4.75
CA GLU D 46 35.04 37.26 -4.35
C GLU D 46 33.63 37.22 -4.92
N ARG D 47 32.73 37.97 -4.31
CA ARG D 47 31.35 38.15 -4.75
C ARG D 47 31.31 38.90 -6.07
N GLU D 48 30.79 38.28 -7.12
CA GLU D 48 30.81 38.87 -8.47
C GLU D 48 29.45 39.26 -9.00
N PHE D 49 29.42 40.39 -9.70
CA PHE D 49 28.19 40.82 -10.31
C PHE D 49 27.78 39.89 -11.46
N VAL D 50 26.48 39.58 -11.52
CA VAL D 50 25.92 38.73 -12.58
C VAL D 50 25.13 39.55 -13.59
N GLY D 51 24.15 40.30 -13.11
CA GLY D 51 23.34 41.10 -14.00
C GLY D 51 22.28 41.80 -13.21
N GLY D 52 21.56 42.72 -13.86
CA GLY D 52 20.52 43.47 -13.22
C GLY D 52 19.43 43.94 -14.17
N ILE D 53 18.34 44.44 -13.58
CA ILE D 53 17.14 44.87 -14.32
C ILE D 53 16.58 46.12 -13.69
N ALA D 54 16.04 46.99 -14.51
CA ALA D 54 15.40 48.20 -14.06
C ALA D 54 13.93 47.95 -14.03
N TRP D 55 13.32 48.26 -12.90
CA TRP D 55 11.91 48.00 -12.67
C TRP D 55 11.06 48.80 -13.63
N SER D 56 11.43 50.05 -13.86
CA SER D 56 10.60 50.94 -14.72
C SER D 56 10.46 50.40 -16.16
N SER D 57 11.61 50.20 -16.82
CA SER D 57 11.71 49.87 -18.23
C SER D 57 11.94 48.38 -18.54
N SER D 58 12.35 47.59 -17.55
CA SER D 58 12.81 46.23 -17.82
C SER D 58 14.10 46.16 -18.60
N ASP D 59 14.84 47.28 -18.70
CA ASP D 59 16.13 47.25 -19.34
C ASP D 59 17.03 46.34 -18.49
N THR D 60 17.95 45.61 -19.09
CA THR D 60 18.83 44.70 -18.36
C THR D 60 20.29 44.88 -18.77
N TRP D 61 21.20 44.47 -17.91
CA TRP D 61 22.63 44.48 -18.19
C TRP D 61 23.27 43.29 -17.44
N TYR D 62 24.35 42.74 -18.00
CA TYR D 62 24.89 41.46 -17.59
C TYR D 62 26.42 41.53 -17.52
N ALA D 63 27.04 40.77 -16.62
CA ALA D 63 28.45 40.57 -16.63
C ALA D 63 28.80 39.81 -17.93
N ASP D 64 30.03 39.97 -18.40
CA ASP D 64 30.48 39.35 -19.64
C ASP D 64 30.40 37.83 -19.58
N SER D 65 30.73 37.28 -18.43
CA SER D 65 30.75 35.83 -18.28
C SER D 65 29.36 35.16 -18.38
N VAL D 66 28.27 35.93 -18.35
CA VAL D 66 26.91 35.34 -18.49
C VAL D 66 26.08 35.89 -19.64
N LYS D 67 26.53 36.95 -20.30
CA LYS D 67 25.79 37.53 -21.45
C LYS D 67 25.41 36.44 -22.40
N GLY D 68 24.17 36.46 -22.84
CA GLY D 68 23.68 35.49 -23.78
C GLY D 68 23.28 34.14 -23.19
N ARG D 69 23.59 33.86 -21.93
CA ARG D 69 23.17 32.57 -21.29
C ARG D 69 22.14 32.80 -20.21
N PHE D 70 22.29 33.92 -19.48
CA PHE D 70 21.36 34.32 -18.41
C PHE D 70 20.41 35.43 -18.86
N THR D 71 19.16 35.33 -18.43
CA THR D 71 18.15 36.32 -18.69
C THR D 71 17.48 36.68 -17.38
N ILE D 72 17.45 37.97 -17.07
CA ILE D 72 16.70 38.51 -15.95
C ILE D 72 15.39 39.14 -16.40
N SER D 73 14.32 38.78 -15.73
CA SER D 73 13.01 39.31 -16.06
C SER D 73 12.25 39.70 -14.83
N LYS D 74 11.24 40.51 -15.07
CA LYS D 74 10.48 41.19 -14.06
C LYS D 74 9.07 40.62 -14.00
N ASP D 75 8.54 40.48 -12.79
CA ASP D 75 7.22 39.93 -12.56
C ASP D 75 6.42 40.92 -11.74
N ASP D 76 5.71 41.83 -12.40
CA ASP D 76 5.24 43.02 -11.72
C ASP D 76 4.22 42.70 -10.62
N ALA D 77 3.28 41.83 -10.95
CA ALA D 77 2.21 41.40 -10.05
C ALA D 77 2.77 40.85 -8.74
N ALA D 78 3.69 39.91 -8.89
CA ALA D 78 4.35 39.20 -7.78
C ALA D 78 5.44 40.01 -7.05
N ASN D 79 5.69 41.24 -7.52
CA ASN D 79 6.76 42.07 -6.99
C ASN D 79 8.10 41.33 -7.00
N GLY D 80 8.37 40.67 -8.11
CA GLY D 80 9.46 39.72 -8.18
C GLY D 80 10.34 39.88 -9.37
N VAL D 81 11.49 39.25 -9.27
CA VAL D 81 12.40 39.18 -10.38
C VAL D 81 12.90 37.77 -10.46
N HIS D 82 13.07 37.31 -11.69
CA HIS D 82 13.61 35.99 -11.94
C HIS D 82 14.93 36.08 -12.68
N LEU D 83 15.89 35.27 -12.27
CA LEU D 83 17.14 35.11 -13.00
C LEU D 83 17.07 33.74 -13.67
N GLN D 84 16.88 33.72 -14.98
CA GLN D 84 16.86 32.49 -15.72
C GLN D 84 18.26 32.19 -16.28
N MET D 85 18.80 31.05 -15.91
CA MET D 85 20.14 30.66 -16.28
C MET D 85 20.07 29.49 -17.26
N SER D 86 20.82 29.57 -18.35
CA SER D 86 20.91 28.45 -19.27
C SER D 86 22.35 28.15 -19.59
N SER D 87 22.56 27.02 -20.26
CA SER D 87 23.88 26.52 -20.56
C SER D 87 24.75 26.51 -19.33
N LEU D 88 24.21 26.00 -18.23
CA LEU D 88 24.97 26.03 -16.95
C LEU D 88 26.21 25.15 -16.99
N LYS D 89 27.27 25.57 -16.29
CA LYS D 89 28.53 24.85 -16.21
C LYS D 89 29.00 24.81 -14.75
N PRO D 90 29.92 23.89 -14.41
CA PRO D 90 30.38 23.89 -12.99
C PRO D 90 30.95 25.21 -12.53
N GLU D 91 31.53 25.99 -13.46
CA GLU D 91 31.99 27.37 -13.17
C GLU D 91 30.88 28.34 -12.70
N ASP D 92 29.63 27.97 -12.93
CA ASP D 92 28.47 28.73 -12.45
C ASP D 92 28.02 28.33 -11.04
N THR D 93 28.59 27.26 -10.50
CA THR D 93 28.33 26.87 -9.14
C THR D 93 28.63 28.00 -8.14
N ALA D 94 27.64 28.39 -7.33
CA ALA D 94 27.82 29.50 -6.40
C ALA D 94 26.63 29.72 -5.51
N VAL D 95 26.80 30.56 -4.49
CA VAL D 95 25.67 31.11 -3.73
C VAL D 95 25.26 32.34 -4.48
N TYR D 96 24.01 32.37 -4.95
CA TYR D 96 23.53 33.54 -5.72
C TYR D 96 22.69 34.46 -4.82
N TYR D 97 23.00 35.76 -4.85
CA TYR D 97 22.34 36.74 -4.00
C TYR D 97 21.58 37.74 -4.85
N CYS D 98 20.36 38.02 -4.44
CA CYS D 98 19.50 39.09 -4.99
C CYS D 98 19.81 40.37 -4.20
N ALA D 99 19.82 41.52 -4.86
CA ALA D 99 20.07 42.80 -4.15
C ALA D 99 19.23 43.89 -4.80
N SER D 100 18.94 44.96 -4.06
CA SER D 100 18.16 46.04 -4.70
C SER D 100 18.62 47.40 -4.24
N ALA D 101 18.27 48.39 -5.05
CA ALA D 101 18.80 49.72 -4.90
C ALA D 101 17.82 50.69 -5.53
N LEU D 102 18.02 51.97 -5.25
CA LEU D 102 17.20 53.00 -5.87
C LEU D 102 18.06 53.78 -6.82
N ARG D 103 17.64 53.88 -8.08
CA ARG D 103 18.51 54.49 -9.07
C ARG D 103 18.78 55.95 -8.68
N ARG D 104 20.06 56.38 -8.65
CA ARG D 104 20.38 57.77 -8.41
C ARG D 104 20.16 58.66 -9.65
N PRO D 105 19.62 59.88 -9.48
CA PRO D 105 19.44 60.78 -10.64
C PRO D 105 20.73 60.98 -11.38
N GLY D 106 20.66 60.97 -12.70
CA GLY D 106 21.83 61.16 -13.50
C GLY D 106 22.53 59.88 -13.87
N SER D 107 22.18 58.75 -13.25
CA SER D 107 22.83 57.48 -13.59
C SER D 107 21.82 56.64 -14.32
N ASP D 108 22.19 56.11 -15.46
CA ASP D 108 21.44 55.00 -16.04
C ASP D 108 21.52 53.77 -15.14
N ALA D 109 20.44 53.00 -15.12
CA ALA D 109 20.34 51.78 -14.38
C ALA D 109 21.54 50.81 -14.60
N SER D 110 22.07 50.74 -15.83
CA SER D 110 23.21 49.87 -16.10
C SER D 110 24.50 50.19 -15.32
N ASP D 111 24.57 51.31 -14.62
CA ASP D 111 25.72 51.58 -13.80
C ASP D 111 25.71 50.74 -12.49
N TYR D 112 24.58 50.06 -12.15
CA TYR D 112 24.44 49.35 -10.84
C TYR D 112 24.98 47.93 -10.98
N THR D 113 26.31 47.86 -10.88
CA THR D 113 27.12 46.68 -11.13
C THR D 113 28.05 46.35 -9.96
N ARG D 114 28.09 47.21 -8.93
CA ARG D 114 29.02 47.01 -7.85
C ARG D 114 28.32 46.74 -6.52
N ILE D 115 28.99 45.97 -5.67
CA ILE D 115 28.48 45.63 -4.33
C ILE D 115 27.98 46.83 -3.53
N PRO D 116 28.80 47.89 -3.38
CA PRO D 116 28.29 49.04 -2.59
C PRO D 116 27.21 49.87 -3.25
N ASP D 117 26.93 49.65 -4.54
CA ASP D 117 25.78 50.28 -5.21
C ASP D 117 24.41 49.77 -4.68
N TYR D 118 24.41 48.63 -3.99
CA TYR D 118 23.18 48.01 -3.49
C TYR D 118 23.12 47.91 -1.95
N PRO D 119 22.19 48.67 -1.33
CA PRO D 119 22.06 48.63 0.13
C PRO D 119 21.18 47.45 0.67
N TYR D 120 20.37 46.81 -0.15
CA TYR D 120 19.51 45.72 0.32
C TYR D 120 19.93 44.42 -0.33
N TRP D 121 20.09 43.37 0.49
CA TRP D 121 20.58 42.07 0.05
C TRP D 121 19.66 40.95 0.55
N GLY D 122 19.48 39.95 -0.29
CA GLY D 122 18.87 38.69 0.12
C GLY D 122 19.89 37.84 0.86
N GLN D 123 19.44 36.66 1.31
CA GLN D 123 20.23 35.76 2.16
C GLN D 123 20.99 34.74 1.35
N GLY D 124 20.72 34.61 0.05
CA GLY D 124 21.49 33.72 -0.79
C GLY D 124 20.79 32.40 -1.07
N THR D 125 21.10 31.85 -2.25
CA THR D 125 20.47 30.64 -2.76
C THR D 125 21.58 29.83 -3.37
N GLN D 126 21.70 28.57 -2.95
CA GLN D 126 22.77 27.69 -3.47
C GLN D 126 22.40 27.14 -4.84
N VAL D 127 23.34 27.26 -5.80
CA VAL D 127 23.19 26.62 -7.08
C VAL D 127 24.43 25.77 -7.35
N THR D 128 24.22 24.49 -7.63
CA THR D 128 25.37 23.60 -7.84
C THR D 128 25.16 22.93 -9.17
N VAL D 129 26.18 23.03 -10.01
CA VAL D 129 26.14 22.45 -11.35
C VAL D 129 27.12 21.27 -11.41
N SER D 130 26.55 20.06 -11.45
CA SER D 130 27.27 18.81 -11.49
C SER D 130 28.13 18.74 -12.73
N SER D 131 29.28 18.09 -12.63
CA SER D 131 30.14 17.88 -13.80
C SER D 131 29.52 16.87 -14.78
N HIS D 132 28.45 16.20 -14.37
CA HIS D 132 27.70 15.37 -15.27
C HIS D 132 26.80 16.22 -16.16
N HIS D 133 26.95 16.09 -17.47
CA HIS D 133 26.05 16.75 -18.45
C HIS D 133 24.76 15.95 -18.60
N HIS D 134 23.71 16.60 -19.07
CA HIS D 134 22.45 15.96 -19.34
C HIS D 134 22.59 14.98 -20.48
N HIS D 135 21.71 14.00 -20.49
CA HIS D 135 21.85 12.84 -21.43
C HIS D 135 20.92 12.95 -22.60
N HIS D 136 20.83 14.13 -23.18
CA HIS D 136 19.85 14.40 -24.23
C HIS D 136 20.42 15.28 -25.34
N LYS E 5 -8.40 15.50 2.53
CA LYS E 5 -9.28 15.51 3.70
C LYS E 5 -10.71 15.84 3.22
N LEU E 6 -11.69 15.30 3.92
CA LEU E 6 -13.10 15.56 3.68
C LEU E 6 -13.65 16.09 5.00
N GLN E 7 -13.93 17.38 5.07
CA GLN E 7 -14.42 18.02 6.28
C GLN E 7 -15.95 17.89 6.35
N GLN E 8 -16.43 17.30 7.43
CA GLN E 8 -17.87 17.08 7.63
C GLN E 8 -18.47 18.00 8.70
N SER E 9 -19.76 18.27 8.58
CA SER E 9 -20.48 19.09 9.55
C SER E 9 -21.97 18.78 9.46
N GLY E 10 -22.70 19.25 10.47
CA GLY E 10 -24.13 19.19 10.47
C GLY E 10 -24.76 18.22 11.48
N GLY E 11 -23.95 17.60 12.35
CA GLY E 11 -24.50 16.58 13.27
C GLY E 11 -25.38 17.14 14.36
N GLY E 12 -26.20 16.27 14.93
CA GLY E 12 -27.11 16.64 15.99
C GLY E 12 -28.16 15.57 16.22
N MET E 13 -29.09 15.88 17.11
CA MET E 13 -30.29 15.10 17.35
C MET E 13 -31.54 15.84 16.90
N VAL E 14 -32.46 15.07 16.33
CA VAL E 14 -33.69 15.57 15.83
C VAL E 14 -34.79 14.63 16.31
N GLN E 15 -36.02 15.03 16.00
CA GLN E 15 -37.21 14.26 16.30
C GLN E 15 -37.51 13.37 15.13
N THR E 16 -38.25 12.29 15.36
CA THR E 16 -38.79 11.52 14.23
C THR E 16 -39.65 12.47 13.36
N GLY E 17 -39.51 12.30 12.07
CA GLY E 17 -40.21 13.16 11.08
C GLY E 17 -39.50 14.46 10.77
N ASP E 18 -38.38 14.77 11.43
CA ASP E 18 -37.64 15.99 11.14
C ASP E 18 -36.75 15.85 9.93
N SER E 19 -36.15 16.97 9.49
CA SER E 19 -35.14 16.93 8.44
C SER E 19 -33.87 17.49 8.97
N LEU E 20 -32.79 17.15 8.29
CA LEU E 20 -31.47 17.57 8.71
C LEU E 20 -30.56 17.45 7.53
N ARG E 21 -29.62 18.36 7.39
CA ARG E 21 -28.58 18.16 6.38
C ARG E 21 -27.13 18.14 6.93
N LEU E 22 -26.37 17.18 6.39
CA LEU E 22 -24.93 17.06 6.63
C LEU E 22 -24.19 17.71 5.45
N SER E 23 -23.01 18.21 5.71
CA SER E 23 -22.21 18.81 4.67
C SER E 23 -20.89 18.11 4.60
N CYS E 24 -20.36 18.07 3.39
CA CYS E 24 -18.99 17.61 3.19
C CYS E 24 -18.25 18.49 2.19
N VAL E 25 -17.08 18.95 2.61
CA VAL E 25 -16.25 19.87 1.85
C VAL E 25 -14.87 19.25 1.71
N GLY E 26 -14.40 19.17 0.47
CA GLY E 26 -13.10 18.61 0.21
C GLY E 26 -12.04 19.68 0.29
N SER E 27 -10.86 19.33 0.75
CA SER E 27 -9.70 20.23 0.75
C SER E 27 -9.26 20.50 -0.68
N ARG E 28 -9.12 19.44 -1.46
CA ARG E 28 -8.81 19.61 -2.87
C ARG E 28 -10.09 19.91 -3.70
N ARG E 29 -10.02 20.87 -4.62
CA ARG E 29 -11.13 21.15 -5.55
C ARG E 29 -11.51 19.92 -6.38
N ALA E 30 -12.82 19.67 -6.48
CA ALA E 30 -13.33 18.49 -7.19
C ALA E 30 -13.15 18.67 -8.68
N LEU E 31 -12.99 17.57 -9.40
CA LEU E 31 -12.89 17.71 -10.86
C LEU E 31 -14.12 17.10 -11.47
N SER E 32 -14.19 17.08 -12.81
CA SER E 32 -15.38 16.63 -13.48
C SER E 32 -15.72 15.15 -13.15
N SER E 33 -14.71 14.31 -12.98
CA SER E 33 -14.95 12.89 -12.68
C SER E 33 -15.04 12.59 -11.18
N THR E 34 -15.07 13.62 -10.34
CA THR E 34 -15.19 13.41 -8.91
C THR E 34 -16.60 12.90 -8.53
N ILE E 35 -16.65 11.94 -7.62
CA ILE E 35 -17.88 11.40 -7.09
C ILE E 35 -17.74 11.52 -5.58
N VAL E 36 -18.83 11.95 -4.95
CA VAL E 36 -18.91 12.06 -3.52
C VAL E 36 -20.08 11.19 -3.05
N GLY E 37 -19.82 10.34 -2.06
CA GLY E 37 -20.81 9.45 -1.51
C GLY E 37 -20.99 9.56 -0.01
N TRP E 38 -22.10 9.00 0.46
CA TRP E 38 -22.41 8.95 1.86
C TRP E 38 -22.65 7.51 2.26
N PHE E 39 -22.11 7.16 3.44
CA PHE E 39 -22.29 5.87 4.03
C PHE E 39 -22.71 6.11 5.49
N ARG E 40 -23.30 5.10 6.12
CA ARG E 40 -23.64 5.25 7.54
C ARG E 40 -23.41 3.99 8.31
N GLN E 41 -23.15 4.13 9.62
CA GLN E 41 -22.87 2.96 10.46
C GLN E 41 -23.39 3.17 11.87
N ILE E 42 -24.20 2.22 12.35
CA ILE E 42 -24.63 2.13 13.77
C ILE E 42 -23.86 0.96 14.41
N PRO E 43 -23.40 1.11 15.66
CA PRO E 43 -22.74 -0.02 16.30
C PRO E 43 -23.66 -1.22 16.30
N GLY E 44 -23.15 -2.31 15.78
CA GLY E 44 -23.87 -3.58 15.71
C GLY E 44 -24.13 -3.96 14.26
N LYS E 45 -24.07 -2.99 13.37
CA LYS E 45 -24.31 -3.20 11.94
C LYS E 45 -23.14 -2.78 11.08
N GLU E 46 -23.14 -3.28 9.85
CA GLU E 46 -22.13 -2.93 8.86
C GLU E 46 -22.30 -1.52 8.37
N ARG E 47 -21.24 -0.97 7.80
CA ARG E 47 -21.26 0.35 7.21
C ARG E 47 -22.02 0.26 5.88
N GLU E 48 -23.04 1.07 5.71
CA GLU E 48 -23.97 0.87 4.61
C GLU E 48 -24.00 2.09 3.73
N PHE E 49 -24.16 1.88 2.44
CA PHE E 49 -24.19 2.96 1.49
C PHE E 49 -25.50 3.67 1.59
N VAL E 50 -25.45 5.01 1.47
CA VAL E 50 -26.65 5.83 1.53
C VAL E 50 -27.01 6.45 0.17
N GLY E 51 -26.09 7.20 -0.40
CA GLY E 51 -26.33 7.88 -1.68
C GLY E 51 -25.06 8.46 -2.24
N GLY E 52 -25.09 8.87 -3.50
CA GLY E 52 -23.94 9.43 -4.14
C GLY E 52 -24.35 10.48 -5.12
N ILE E 53 -23.39 11.36 -5.46
CA ILE E 53 -23.59 12.39 -6.50
C ILE E 53 -22.38 12.46 -7.43
N ALA E 54 -22.62 12.64 -8.72
CA ALA E 54 -21.55 12.91 -9.68
C ALA E 54 -21.32 14.44 -9.77
N TRP E 55 -20.07 14.86 -9.58
CA TRP E 55 -19.76 16.32 -9.57
C TRP E 55 -20.10 17.08 -10.85
N SER E 56 -19.71 16.54 -11.98
CA SER E 56 -19.97 17.18 -13.28
C SER E 56 -21.43 17.40 -13.55
N SER E 57 -22.24 16.35 -13.40
CA SER E 57 -23.62 16.30 -13.87
C SER E 57 -24.66 16.61 -12.80
N SER E 58 -24.27 16.42 -11.54
CA SER E 58 -25.19 16.47 -10.41
C SER E 58 -26.16 15.29 -10.37
N ASP E 59 -25.95 14.25 -11.17
CA ASP E 59 -26.80 13.06 -11.08
C ASP E 59 -26.53 12.32 -9.77
N THR E 60 -27.57 11.68 -9.24
CA THR E 60 -27.50 11.12 -7.90
C THR E 60 -28.02 9.71 -8.01
N TRP E 61 -27.69 8.91 -7.00
CA TRP E 61 -28.22 7.55 -6.87
C TRP E 61 -28.29 7.25 -5.37
N TYR E 62 -29.29 6.50 -4.95
CA TYR E 62 -29.59 6.27 -3.54
C TYR E 62 -29.83 4.80 -3.18
N ALA E 63 -29.49 4.40 -1.96
CA ALA E 63 -29.86 3.11 -1.47
C ALA E 63 -31.39 3.07 -1.37
N ASP E 64 -31.93 1.88 -1.59
CA ASP E 64 -33.38 1.66 -1.50
C ASP E 64 -33.98 2.20 -0.19
N SER E 65 -33.29 2.04 0.91
CA SER E 65 -33.87 2.41 2.20
C SER E 65 -34.03 3.94 2.39
N VAL E 66 -33.44 4.75 1.52
CA VAL E 66 -33.58 6.18 1.67
C VAL E 66 -34.10 6.91 0.46
N LYS E 67 -34.33 6.22 -0.66
CA LYS E 67 -34.82 6.93 -1.87
C LYS E 67 -36.15 7.52 -1.54
N GLY E 68 -36.41 8.73 -2.04
CA GLY E 68 -37.63 9.41 -1.75
C GLY E 68 -37.56 10.30 -0.53
N ARG E 69 -36.56 10.09 0.33
CA ARG E 69 -36.48 10.82 1.63
C ARG E 69 -35.23 11.67 1.71
N PHE E 70 -34.14 11.17 1.12
CA PHE E 70 -32.84 11.81 1.12
C PHE E 70 -32.51 12.39 -0.24
N THR E 71 -31.93 13.58 -0.24
CA THR E 71 -31.46 14.23 -1.44
C THR E 71 -30.05 14.75 -1.23
N ILE E 72 -29.14 14.46 -2.14
CA ILE E 72 -27.79 15.01 -2.10
C ILE E 72 -27.66 16.10 -3.15
N SER E 73 -27.02 17.19 -2.76
CA SER E 73 -26.83 18.22 -3.77
C SER E 73 -25.45 18.83 -3.68
N LYS E 74 -25.12 19.49 -4.78
CA LYS E 74 -23.82 20.02 -5.04
C LYS E 74 -23.81 21.49 -4.67
N ASP E 75 -22.70 21.90 -4.07
CA ASP E 75 -22.45 23.28 -3.69
C ASP E 75 -21.13 23.64 -4.32
N ASP E 76 -21.18 24.11 -5.56
CA ASP E 76 -19.96 24.24 -6.31
C ASP E 76 -19.04 25.25 -5.63
N ALA E 77 -19.64 26.36 -5.21
CA ALA E 77 -18.98 27.43 -4.48
C ALA E 77 -18.24 26.97 -3.21
N ALA E 78 -18.85 26.09 -2.42
CA ALA E 78 -18.21 25.61 -1.19
C ALA E 78 -17.19 24.50 -1.48
N ASN E 79 -17.10 24.10 -2.75
CA ASN E 79 -16.45 22.83 -3.10
C ASN E 79 -17.05 21.68 -2.25
N GLY E 80 -18.36 21.72 -2.03
CA GLY E 80 -18.97 20.77 -1.11
C GLY E 80 -20.20 20.08 -1.62
N VAL E 81 -20.66 19.12 -0.83
CA VAL E 81 -21.98 18.55 -1.07
C VAL E 81 -22.76 18.48 0.23
N HIS E 82 -24.08 18.46 0.09
CA HIS E 82 -24.96 18.35 1.23
C HIS E 82 -25.86 17.12 1.08
N LEU E 83 -25.91 16.32 2.14
CA LEU E 83 -26.90 15.26 2.25
C LEU E 83 -28.08 15.79 3.09
N GLN E 84 -29.19 16.05 2.42
CA GLN E 84 -30.39 16.53 3.05
C GLN E 84 -31.32 15.32 3.30
N MET E 85 -31.64 15.08 4.57
CA MET E 85 -32.41 13.91 4.96
C MET E 85 -33.77 14.40 5.39
N SER E 86 -34.82 13.72 4.99
CA SER E 86 -36.15 14.08 5.47
C SER E 86 -36.86 12.82 5.94
N SER E 87 -38.04 13.02 6.53
CA SER E 87 -38.78 11.93 7.16
C SER E 87 -37.85 11.00 7.96
N LEU E 88 -37.05 11.58 8.83
CA LEU E 88 -36.10 10.77 9.59
C LEU E 88 -36.82 9.89 10.60
N LYS E 89 -36.24 8.73 10.88
CA LYS E 89 -36.73 7.94 11.96
C LYS E 89 -35.60 7.28 12.70
N PRO E 90 -35.91 6.64 13.83
CA PRO E 90 -34.84 6.07 14.67
C PRO E 90 -33.91 5.15 13.92
N GLU E 91 -34.43 4.45 12.93
CA GLU E 91 -33.62 3.54 12.11
C GLU E 91 -32.55 4.29 11.27
N ASP E 92 -32.72 5.58 11.08
CA ASP E 92 -31.68 6.44 10.46
C ASP E 92 -30.55 6.93 11.39
N THR E 93 -30.67 6.64 12.68
CA THR E 93 -29.62 6.93 13.63
C THR E 93 -28.32 6.20 13.29
N ALA E 94 -27.26 6.99 13.08
CA ALA E 94 -25.99 6.42 12.74
C ALA E 94 -24.91 7.50 12.75
N VAL E 95 -23.68 7.03 12.61
CA VAL E 95 -22.57 7.86 12.21
C VAL E 95 -22.55 7.86 10.70
N TYR E 96 -22.57 9.05 10.11
CA TYR E 96 -22.64 9.24 8.66
C TYR E 96 -21.26 9.69 8.20
N TYR E 97 -20.74 9.03 7.17
CA TYR E 97 -19.45 9.33 6.60
C TYR E 97 -19.60 9.83 5.15
N CYS E 98 -18.87 10.89 4.86
CA CYS E 98 -18.60 11.39 3.52
C CYS E 98 -17.43 10.61 2.89
N ALA E 99 -17.46 10.40 1.59
CA ALA E 99 -16.35 9.71 0.90
C ALA E 99 -16.26 10.20 -0.55
N SER E 100 -15.07 10.18 -1.15
CA SER E 100 -15.04 10.60 -2.58
C SER E 100 -14.12 9.64 -3.34
N ALA E 101 -14.26 9.69 -4.64
CA ALA E 101 -13.61 8.73 -5.55
C ALA E 101 -13.54 9.41 -6.91
N LEU E 102 -12.71 8.86 -7.79
CA LEU E 102 -12.62 9.32 -9.15
C LEU E 102 -13.26 8.29 -10.03
N ARG E 103 -14.27 8.71 -10.80
CA ARG E 103 -15.01 7.79 -11.66
C ARG E 103 -14.08 7.09 -12.63
N ARG E 104 -14.15 5.77 -12.66
CA ARG E 104 -13.24 5.03 -13.54
C ARG E 104 -13.84 4.99 -14.94
N PRO E 105 -13.00 5.04 -15.98
CA PRO E 105 -13.51 4.88 -17.37
C PRO E 105 -14.21 3.56 -17.53
N GLY E 106 -15.36 3.55 -18.21
CA GLY E 106 -16.15 2.33 -18.37
C GLY E 106 -17.28 2.19 -17.37
N SER E 107 -17.22 2.95 -16.28
CA SER E 107 -18.23 2.84 -15.22
C SER E 107 -19.20 4.05 -15.22
N ASP E 108 -20.48 3.79 -14.95
CA ASP E 108 -21.40 4.89 -14.64
C ASP E 108 -21.12 5.39 -13.21
N ALA E 109 -21.39 6.64 -12.92
CA ALA E 109 -21.15 7.12 -11.55
C ALA E 109 -21.93 6.33 -10.51
N SER E 110 -23.13 5.88 -10.87
CA SER E 110 -24.01 5.11 -9.97
C SER E 110 -23.54 3.67 -9.60
N ASP E 111 -22.46 3.20 -10.24
CA ASP E 111 -21.77 2.02 -9.79
C ASP E 111 -20.99 2.27 -8.50
N TYR E 112 -20.83 3.53 -8.06
CA TYR E 112 -20.00 3.85 -6.90
C TYR E 112 -20.80 3.74 -5.61
N THR E 113 -20.98 2.48 -5.19
CA THR E 113 -21.91 2.11 -4.14
C THR E 113 -21.26 1.34 -3.02
N ARG E 114 -19.98 0.99 -3.15
CA ARG E 114 -19.36 0.03 -2.23
C ARG E 114 -18.21 0.69 -1.53
N ILE E 115 -17.92 0.27 -0.31
CA ILE E 115 -16.86 0.85 0.52
C ILE E 115 -15.50 0.96 -0.20
N PRO E 116 -15.05 -0.15 -0.82
CA PRO E 116 -13.78 -0.09 -1.51
C PRO E 116 -13.76 0.77 -2.80
N ASP E 117 -14.91 1.20 -3.32
CA ASP E 117 -14.97 2.10 -4.48
C ASP E 117 -14.40 3.50 -4.14
N TYR E 118 -14.28 3.81 -2.84
CA TYR E 118 -13.97 5.17 -2.35
C TYR E 118 -12.68 5.23 -1.56
N PRO E 119 -11.66 5.92 -2.09
CA PRO E 119 -10.41 5.88 -1.37
C PRO E 119 -10.28 6.94 -0.32
N TYR E 120 -11.12 7.96 -0.35
CA TYR E 120 -11.04 9.08 0.61
C TYR E 120 -12.30 9.13 1.46
N TRP E 121 -12.09 9.22 2.77
CA TRP E 121 -13.14 9.18 3.79
C TRP E 121 -13.06 10.36 4.75
N GLY E 122 -14.21 10.94 5.08
CA GLY E 122 -14.30 11.89 6.16
C GLY E 122 -14.26 11.14 7.51
N GLN E 123 -14.37 11.92 8.58
CA GLN E 123 -14.15 11.46 9.94
C GLN E 123 -15.47 11.02 10.63
N GLY E 124 -16.59 11.32 10.00
CA GLY E 124 -17.88 10.80 10.45
C GLY E 124 -18.58 11.83 11.31
N THR E 125 -19.90 11.85 11.23
CA THR E 125 -20.77 12.81 11.91
C THR E 125 -21.97 12.05 12.53
N GLN E 126 -22.27 12.34 13.82
CA GLN E 126 -23.32 11.64 14.55
C GLN E 126 -24.67 12.27 14.27
N VAL E 127 -25.64 11.43 13.87
CA VAL E 127 -27.03 11.84 13.76
C VAL E 127 -27.88 10.89 14.58
N THR E 128 -28.69 11.47 15.48
CA THR E 128 -29.51 10.67 16.35
C THR E 128 -30.93 11.15 16.15
N VAL E 129 -31.83 10.22 15.90
CA VAL E 129 -33.24 10.52 15.71
C VAL E 129 -34.01 9.94 16.88
N SER E 130 -34.49 10.84 17.75
CA SER E 130 -35.29 10.50 18.90
C SER E 130 -36.53 9.78 18.51
N SER E 131 -37.02 8.87 19.36
CA SER E 131 -38.32 8.22 19.07
C SER E 131 -39.53 9.15 19.29
N HIS E 132 -39.28 10.34 19.88
CA HIS E 132 -40.25 11.39 19.93
C HIS E 132 -40.43 12.02 18.52
N HIS E 133 -41.66 12.04 18.05
CA HIS E 133 -42.00 12.70 16.82
C HIS E 133 -42.22 14.20 17.09
N HIS E 134 -42.07 15.01 16.03
CA HIS E 134 -42.33 16.43 16.17
C HIS E 134 -43.84 16.69 16.38
N HIS E 135 -44.17 17.87 16.88
CA HIS E 135 -45.57 18.14 17.31
C HIS E 135 -46.38 19.04 16.38
N HIS E 136 -46.19 18.89 15.09
CA HIS E 136 -46.79 19.82 14.13
C HIS E 136 -47.46 18.99 13.04
N LYS F 5 -13.61 -33.32 -15.18
CA LYS F 5 -12.56 -34.10 -15.90
C LYS F 5 -12.33 -33.47 -17.26
N LEU F 6 -11.08 -33.12 -17.50
CA LEU F 6 -10.65 -32.73 -18.80
C LEU F 6 -9.54 -33.73 -19.09
N GLN F 7 -9.73 -34.64 -20.02
CA GLN F 7 -8.69 -35.65 -20.30
C GLN F 7 -7.69 -35.09 -21.32
N GLN F 8 -6.41 -35.11 -20.96
CA GLN F 8 -5.36 -34.62 -21.83
C GLN F 8 -4.57 -35.72 -22.45
N SER F 9 -4.01 -35.43 -23.60
CA SER F 9 -3.09 -36.36 -24.24
C SER F 9 -2.13 -35.57 -25.17
N GLY F 10 -1.06 -36.25 -25.58
CA GLY F 10 -0.17 -35.76 -26.65
C GLY F 10 1.23 -35.45 -26.18
N GLY F 11 1.58 -35.83 -24.95
CA GLY F 11 2.85 -35.38 -24.37
C GLY F 11 4.01 -36.14 -24.95
N GLY F 12 5.21 -35.58 -24.86
CA GLY F 12 6.38 -36.25 -25.41
C GLY F 12 7.52 -35.26 -25.54
N MET F 13 8.60 -35.69 -26.16
CA MET F 13 9.75 -34.86 -26.43
C MET F 13 9.96 -34.74 -27.93
N VAL F 14 10.38 -33.54 -28.32
CA VAL F 14 10.59 -33.18 -29.70
C VAL F 14 11.90 -32.41 -29.85
N GLN F 15 12.28 -32.12 -31.09
CA GLN F 15 13.48 -31.39 -31.38
C GLN F 15 13.11 -29.93 -31.50
N THR F 16 14.08 -29.03 -31.33
CA THR F 16 13.85 -27.63 -31.61
C THR F 16 13.44 -27.51 -33.08
N GLY F 17 12.41 -26.72 -33.31
CA GLY F 17 11.86 -26.47 -34.66
C GLY F 17 10.77 -27.43 -35.05
N ASP F 18 10.50 -28.40 -34.20
CA ASP F 18 9.41 -29.35 -34.42
C ASP F 18 8.02 -28.79 -34.07
N SER F 19 6.99 -29.57 -34.40
CA SER F 19 5.59 -29.29 -34.06
C SER F 19 5.04 -30.48 -33.32
N LEU F 20 4.03 -30.21 -32.49
CA LEU F 20 3.46 -31.22 -31.64
C LEU F 20 2.07 -30.74 -31.32
N ARG F 21 1.11 -31.65 -31.21
CA ARG F 21 -0.21 -31.24 -30.73
C ARG F 21 -0.68 -31.97 -29.47
N LEU F 22 -1.26 -31.16 -28.58
CA LEU F 22 -1.93 -31.66 -27.40
C LEU F 22 -3.43 -31.64 -27.62
N SER F 23 -4.12 -32.56 -26.95
CA SER F 23 -5.56 -32.64 -27.06
C SER F 23 -6.18 -32.61 -25.70
N CYS F 24 -7.37 -32.06 -25.65
CA CYS F 24 -8.14 -32.00 -24.41
C CYS F 24 -9.58 -32.33 -24.70
N VAL F 25 -10.12 -33.31 -23.98
CA VAL F 25 -11.50 -33.77 -24.16
C VAL F 25 -12.26 -33.73 -22.83
N GLY F 26 -13.42 -33.07 -22.85
CA GLY F 26 -14.16 -32.86 -21.62
C GLY F 26 -15.09 -34.02 -21.37
N SER F 27 -15.39 -34.30 -20.11
CA SER F 27 -16.29 -35.42 -19.79
C SER F 27 -17.73 -35.08 -20.12
N ARG F 28 -18.14 -33.83 -20.00
CA ARG F 28 -19.43 -33.46 -20.58
C ARG F 28 -19.31 -32.60 -21.83
N ARG F 29 -20.31 -32.71 -22.69
CA ARG F 29 -20.35 -31.98 -23.95
C ARG F 29 -20.32 -30.47 -23.70
N ALA F 30 -19.45 -29.79 -24.43
CA ALA F 30 -19.34 -28.35 -24.39
C ALA F 30 -20.69 -27.75 -24.77
N LEU F 31 -21.00 -26.55 -24.26
CA LEU F 31 -22.14 -25.79 -24.73
C LEU F 31 -21.64 -24.58 -25.51
N SER F 32 -22.55 -23.80 -26.10
CA SER F 32 -22.17 -22.62 -26.87
C SER F 32 -21.31 -21.57 -26.12
N SER F 33 -21.46 -21.47 -24.79
CA SER F 33 -20.68 -20.50 -23.99
C SER F 33 -19.44 -21.17 -23.33
N THR F 34 -19.16 -22.42 -23.68
CA THR F 34 -17.95 -23.08 -23.19
C THR F 34 -16.68 -22.41 -23.77
N ILE F 35 -15.66 -22.26 -22.92
CA ILE F 35 -14.37 -21.75 -23.34
C ILE F 35 -13.32 -22.74 -22.87
N VAL F 36 -12.32 -22.99 -23.72
CA VAL F 36 -11.29 -23.92 -23.42
C VAL F 36 -9.96 -23.21 -23.60
N GLY F 37 -9.14 -23.30 -22.55
CA GLY F 37 -7.89 -22.58 -22.50
C GLY F 37 -6.72 -23.50 -22.23
N TRP F 38 -5.52 -23.02 -22.54
CA TRP F 38 -4.28 -23.75 -22.28
C TRP F 38 -3.33 -22.86 -21.47
N PHE F 39 -2.67 -23.46 -20.49
CA PHE F 39 -1.71 -22.73 -19.69
C PHE F 39 -0.51 -23.67 -19.66
N ARG F 40 0.63 -23.15 -19.20
CA ARG F 40 1.79 -23.99 -19.02
C ARG F 40 2.64 -23.57 -17.83
N GLN F 41 3.39 -24.50 -17.30
CA GLN F 41 4.25 -24.22 -16.15
C GLN F 41 5.51 -25.07 -16.16
N ILE F 42 6.65 -24.42 -15.97
CA ILE F 42 7.94 -25.09 -15.79
C ILE F 42 8.36 -24.81 -14.34
N PRO F 43 8.93 -25.81 -13.65
CA PRO F 43 9.33 -25.54 -12.26
C PRO F 43 10.27 -24.35 -12.20
N GLY F 44 9.92 -23.38 -11.37
CA GLY F 44 10.72 -22.19 -11.19
C GLY F 44 10.04 -20.96 -11.72
N LYS F 45 8.99 -21.15 -12.54
CA LYS F 45 8.20 -20.06 -13.06
C LYS F 45 6.74 -20.28 -12.76
N GLU F 46 5.97 -19.20 -12.81
CA GLU F 46 4.54 -19.25 -12.52
C GLU F 46 3.77 -19.83 -13.70
N ARG F 47 2.57 -20.30 -13.46
CA ARG F 47 1.74 -20.84 -14.51
C ARG F 47 1.32 -19.72 -15.47
N GLU F 48 1.50 -19.92 -16.76
CA GLU F 48 1.32 -18.84 -17.74
C GLU F 48 0.25 -19.18 -18.75
N PHE F 49 -0.54 -18.18 -19.10
CA PHE F 49 -1.55 -18.36 -20.11
C PHE F 49 -0.86 -18.57 -21.48
N VAL F 50 -1.35 -19.53 -22.22
CA VAL F 50 -0.92 -19.82 -23.59
C VAL F 50 -1.95 -19.35 -24.64
N GLY F 51 -3.18 -19.83 -24.53
CA GLY F 51 -4.19 -19.48 -25.56
C GLY F 51 -5.52 -20.08 -25.25
N GLY F 52 -6.55 -19.63 -25.95
CA GLY F 52 -7.84 -20.22 -25.80
C GLY F 52 -8.68 -20.16 -27.05
N ILE F 53 -9.82 -20.87 -26.96
CA ILE F 53 -10.81 -20.94 -28.04
C ILE F 53 -12.24 -20.88 -27.46
N ALA F 54 -13.15 -20.23 -28.19
CA ALA F 54 -14.56 -20.21 -27.84
C ALA F 54 -15.27 -21.30 -28.63
N TRP F 55 -16.00 -22.15 -27.92
CA TRP F 55 -16.65 -23.30 -28.53
C TRP F 55 -17.65 -22.89 -29.61
N SER F 56 -18.46 -21.88 -29.34
CA SER F 56 -19.51 -21.56 -30.32
C SER F 56 -18.95 -21.07 -31.65
N SER F 57 -18.02 -20.11 -31.58
CA SER F 57 -17.49 -19.41 -32.75
C SER F 57 -16.22 -19.94 -33.34
N SER F 58 -15.45 -20.72 -32.56
CA SER F 58 -14.03 -21.01 -32.88
C SER F 58 -13.10 -19.78 -32.88
N ASP F 59 -13.50 -18.68 -32.25
CA ASP F 59 -12.61 -17.54 -32.13
C ASP F 59 -11.46 -17.91 -31.20
N THR F 60 -10.25 -17.47 -31.47
CA THR F 60 -9.09 -17.80 -30.62
C THR F 60 -8.36 -16.54 -30.18
N TRP F 61 -7.52 -16.65 -29.15
CA TRP F 61 -6.69 -15.55 -28.67
C TRP F 61 -5.47 -16.20 -27.99
N TYR F 62 -4.33 -15.56 -28.08
CA TYR F 62 -3.06 -16.16 -27.70
C TYR F 62 -2.21 -15.23 -26.86
N ALA F 63 -1.35 -15.79 -26.01
CA ALA F 63 -0.24 -15.03 -25.44
C ALA F 63 0.68 -14.52 -26.51
N ASP F 64 1.25 -13.33 -26.26
CA ASP F 64 2.23 -12.73 -27.16
C ASP F 64 3.37 -13.68 -27.49
N SER F 65 3.85 -14.43 -26.51
CA SER F 65 5.04 -15.26 -26.71
C SER F 65 4.79 -16.50 -27.60
N VAL F 66 3.54 -16.81 -27.90
CA VAL F 66 3.25 -17.94 -28.79
C VAL F 66 2.44 -17.53 -30.00
N LYS F 67 2.09 -16.25 -30.10
CA LYS F 67 1.19 -15.84 -31.19
C LYS F 67 1.86 -16.07 -32.53
N GLY F 68 1.15 -16.67 -33.46
CA GLY F 68 1.71 -16.98 -34.76
C GLY F 68 2.41 -18.33 -34.84
N ARG F 69 2.75 -18.94 -33.71
CA ARG F 69 3.35 -20.30 -33.68
C ARG F 69 2.41 -21.38 -33.21
N PHE F 70 1.47 -21.03 -32.31
CA PHE F 70 0.49 -21.98 -31.81
C PHE F 70 -0.90 -21.77 -32.44
N THR F 71 -1.60 -22.87 -32.71
CA THR F 71 -2.98 -22.83 -33.13
C THR F 71 -3.84 -23.79 -32.30
N ILE F 72 -4.95 -23.26 -31.80
CA ILE F 72 -5.92 -24.07 -31.11
C ILE F 72 -7.07 -24.30 -32.05
N SER F 73 -7.55 -25.54 -32.13
CA SER F 73 -8.71 -25.79 -32.92
C SER F 73 -9.71 -26.66 -32.21
N LYS F 74 -10.96 -26.45 -32.60
CA LYS F 74 -12.11 -27.20 -32.13
C LYS F 74 -12.29 -28.50 -32.92
N ASP F 75 -12.63 -29.56 -32.18
CA ASP F 75 -12.96 -30.84 -32.77
C ASP F 75 -14.36 -31.23 -32.33
N ASP F 76 -15.38 -30.82 -33.08
CA ASP F 76 -16.74 -30.92 -32.53
C ASP F 76 -17.13 -32.35 -32.20
N ALA F 77 -16.86 -33.24 -33.16
CA ALA F 77 -17.13 -34.68 -33.06
C ALA F 77 -16.67 -35.25 -31.74
N ALA F 78 -15.42 -34.95 -31.39
CA ALA F 78 -14.77 -35.58 -30.26
C ALA F 78 -15.01 -34.84 -28.97
N ASN F 79 -15.71 -33.71 -29.04
CA ASN F 79 -15.90 -32.83 -27.87
C ASN F 79 -14.55 -32.37 -27.30
N GLY F 80 -13.64 -32.07 -28.20
CA GLY F 80 -12.28 -31.82 -27.84
C GLY F 80 -11.72 -30.61 -28.53
N VAL F 81 -10.56 -30.21 -28.03
CA VAL F 81 -9.83 -29.15 -28.66
C VAL F 81 -8.38 -29.59 -28.71
N HIS F 82 -7.72 -29.06 -29.73
CA HIS F 82 -6.35 -29.44 -30.03
C HIS F 82 -5.51 -28.19 -29.97
N LEU F 83 -4.38 -28.25 -29.27
CA LEU F 83 -3.37 -27.18 -29.31
C LEU F 83 -2.21 -27.68 -30.16
N GLN F 84 -2.05 -27.12 -31.35
CA GLN F 84 -0.93 -27.47 -32.21
C GLN F 84 0.15 -26.42 -32.02
N MET F 85 1.34 -26.86 -31.65
CA MET F 85 2.45 -25.97 -31.40
C MET F 85 3.50 -26.13 -32.47
N SER F 86 3.99 -25.02 -33.02
CA SER F 86 5.06 -25.05 -34.00
C SER F 86 6.21 -24.17 -33.61
N SER F 87 7.30 -24.30 -34.37
CA SER F 87 8.55 -23.60 -34.13
C SER F 87 8.93 -23.71 -32.67
N LEU F 88 8.84 -24.94 -32.16
CA LEU F 88 9.04 -25.17 -30.71
C LEU F 88 10.47 -24.94 -30.35
N LYS F 89 10.71 -24.36 -29.16
CA LYS F 89 12.04 -24.12 -28.70
C LYS F 89 12.14 -24.56 -27.27
N PRO F 90 13.37 -24.65 -26.76
CA PRO F 90 13.50 -25.13 -25.36
C PRO F 90 12.73 -24.28 -24.37
N GLU F 91 12.48 -23.00 -24.71
CA GLU F 91 11.69 -22.09 -23.88
C GLU F 91 10.19 -22.49 -23.79
N ASP F 92 9.75 -23.39 -24.67
CA ASP F 92 8.38 -23.93 -24.64
C ASP F 92 8.27 -25.22 -23.80
N THR F 93 9.37 -25.73 -23.30
CA THR F 93 9.36 -26.86 -22.41
C THR F 93 8.52 -26.54 -21.15
N ALA F 94 7.50 -27.35 -20.86
CA ALA F 94 6.60 -27.10 -19.75
C ALA F 94 5.62 -28.24 -19.56
N VAL F 95 4.94 -28.23 -18.43
CA VAL F 95 3.74 -29.04 -18.24
C VAL F 95 2.60 -28.17 -18.72
N TYR F 96 1.84 -28.68 -19.66
CA TYR F 96 0.76 -27.92 -20.26
C TYR F 96 -0.56 -28.39 -19.66
N TYR F 97 -1.41 -27.43 -19.34
CA TYR F 97 -2.69 -27.71 -18.71
C TYR F 97 -3.79 -27.17 -19.60
N CYS F 98 -4.79 -27.99 -19.81
CA CYS F 98 -6.11 -27.65 -20.39
C CYS F 98 -6.99 -27.17 -19.22
N ALA F 99 -7.86 -26.22 -19.52
CA ALA F 99 -8.81 -25.65 -18.56
C ALA F 99 -10.06 -25.18 -19.30
N SER F 100 -11.21 -25.14 -18.61
CA SER F 100 -12.41 -24.67 -19.28
C SER F 100 -13.27 -23.91 -18.31
N ALA F 101 -14.19 -23.15 -18.87
CA ALA F 101 -14.95 -22.17 -18.13
C ALA F 101 -16.21 -21.90 -18.93
N LEU F 102 -17.16 -21.23 -18.29
CA LEU F 102 -18.37 -20.78 -18.99
C LEU F 102 -18.29 -19.27 -19.20
N ARG F 103 -18.38 -18.81 -20.46
CA ARG F 103 -18.23 -17.38 -20.75
C ARG F 103 -19.28 -16.57 -20.00
N ARG F 104 -18.83 -15.53 -19.28
CA ARG F 104 -19.79 -14.74 -18.52
C ARG F 104 -20.46 -13.70 -19.44
N PRO F 105 -21.74 -13.40 -19.22
CA PRO F 105 -22.36 -12.37 -20.06
C PRO F 105 -21.63 -11.05 -20.01
N GLY F 106 -21.56 -10.40 -21.17
CA GLY F 106 -20.87 -9.13 -21.28
C GLY F 106 -19.36 -9.18 -21.39
N SER F 107 -18.74 -10.37 -21.39
CA SER F 107 -17.30 -10.48 -21.58
C SER F 107 -17.02 -11.03 -22.98
N ASP F 108 -16.04 -10.45 -23.67
CA ASP F 108 -15.47 -11.06 -24.90
C ASP F 108 -14.80 -12.35 -24.44
N ALA F 109 -14.88 -13.39 -25.26
CA ALA F 109 -14.24 -14.65 -24.93
C ALA F 109 -12.72 -14.47 -24.65
N SER F 110 -12.07 -13.58 -25.39
CA SER F 110 -10.65 -13.28 -25.17
C SER F 110 -10.29 -12.67 -23.80
N ASP F 111 -11.28 -12.33 -22.99
CA ASP F 111 -11.00 -11.92 -21.62
C ASP F 111 -10.58 -13.12 -20.75
N TYR F 112 -10.79 -14.37 -21.20
CA TYR F 112 -10.47 -15.57 -20.43
C TYR F 112 -8.99 -15.94 -20.58
N THR F 113 -8.17 -15.20 -19.84
CA THR F 113 -6.73 -15.29 -19.91
C THR F 113 -6.07 -15.59 -18.58
N ARG F 114 -6.84 -15.66 -17.49
CA ARG F 114 -6.21 -15.75 -16.17
C ARG F 114 -6.61 -17.00 -15.41
N ILE F 115 -5.69 -17.49 -14.60
CA ILE F 115 -5.92 -18.71 -13.84
C ILE F 115 -7.31 -18.78 -13.17
N PRO F 116 -7.67 -17.76 -12.39
CA PRO F 116 -8.97 -17.86 -11.73
C PRO F 116 -10.20 -17.72 -12.64
N ASP F 117 -10.03 -17.35 -13.90
CA ASP F 117 -11.14 -17.35 -14.84
C ASP F 117 -11.65 -18.76 -15.20
N TYR F 118 -10.86 -19.80 -14.90
CA TYR F 118 -11.17 -21.17 -15.29
C TYR F 118 -11.35 -22.07 -14.09
N PRO F 119 -12.57 -22.60 -13.87
CA PRO F 119 -12.80 -23.43 -12.67
C PRO F 119 -12.46 -24.91 -12.88
N TYR F 120 -12.32 -25.34 -14.12
CA TYR F 120 -12.03 -26.76 -14.43
C TYR F 120 -10.68 -26.93 -15.06
N TRP F 121 -9.91 -27.87 -14.53
CA TRP F 121 -8.53 -28.11 -14.96
C TRP F 121 -8.25 -29.58 -15.25
N GLY F 122 -7.43 -29.80 -16.27
CA GLY F 122 -6.87 -31.11 -16.51
C GLY F 122 -5.66 -31.33 -15.63
N GLN F 123 -5.10 -32.51 -15.78
CA GLN F 123 -4.07 -33.03 -14.92
C GLN F 123 -2.65 -32.63 -15.43
N GLY F 124 -2.54 -32.10 -16.63
CA GLY F 124 -1.24 -31.62 -17.13
C GLY F 124 -0.55 -32.64 -18.00
N THR F 125 0.16 -32.17 -19.03
CA THR F 125 0.86 -32.98 -20.03
C THR F 125 2.28 -32.42 -20.24
N GLN F 126 3.27 -33.30 -20.14
CA GLN F 126 4.67 -32.89 -20.19
C GLN F 126 5.10 -32.77 -21.64
N VAL F 127 5.65 -31.60 -21.97
CA VAL F 127 6.24 -31.35 -23.27
C VAL F 127 7.65 -30.85 -23.11
N THR F 128 8.60 -31.56 -23.70
CA THR F 128 9.99 -31.21 -23.59
C THR F 128 10.60 -31.00 -24.97
N VAL F 129 11.24 -29.86 -25.18
CA VAL F 129 11.89 -29.53 -26.43
C VAL F 129 13.41 -29.58 -26.24
N SER F 130 14.04 -30.62 -26.80
CA SER F 130 15.49 -30.79 -26.76
C SER F 130 16.12 -29.61 -27.43
N SER F 131 17.29 -29.21 -26.93
CA SER F 131 18.13 -28.20 -27.62
C SER F 131 18.71 -28.63 -29.00
N HIS F 132 18.62 -29.91 -29.31
CA HIS F 132 18.88 -30.42 -30.65
C HIS F 132 17.76 -30.03 -31.63
N HIS F 133 18.14 -29.36 -32.70
CA HIS F 133 17.21 -28.95 -33.76
C HIS F 133 17.07 -30.12 -34.73
N HIS F 134 15.97 -30.15 -35.47
CA HIS F 134 15.79 -31.23 -36.41
C HIS F 134 16.82 -31.12 -37.56
N HIS F 135 17.00 -32.20 -38.31
CA HIS F 135 18.08 -32.24 -39.31
C HIS F 135 17.58 -32.10 -40.72
N HIS F 136 16.56 -31.30 -40.94
CA HIS F 136 15.92 -31.18 -42.27
C HIS F 136 15.90 -29.72 -42.71
N LYS G 5 -17.81 2.63 -44.39
CA LYS G 5 -19.19 2.17 -44.13
C LYS G 5 -19.46 1.79 -42.66
N LEU G 6 -20.58 2.30 -42.20
CA LEU G 6 -21.12 1.96 -40.91
C LEU G 6 -22.51 1.46 -41.22
N GLN G 7 -22.71 0.17 -41.03
CA GLN G 7 -23.98 -0.46 -41.33
C GLN G 7 -24.87 -0.40 -40.09
N GLN G 8 -26.07 0.13 -40.28
CA GLN G 8 -27.03 0.30 -39.20
C GLN G 8 -28.17 -0.70 -39.33
N SER G 9 -28.81 -1.02 -38.23
CA SER G 9 -30.01 -1.83 -38.28
C SER G 9 -30.81 -1.54 -37.03
N GLY G 10 -32.10 -1.87 -37.09
CA GLY G 10 -32.90 -1.94 -35.89
C GLY G 10 -34.10 -1.04 -35.89
N GLY G 11 -34.42 -0.43 -37.03
CA GLY G 11 -35.47 0.58 -37.06
C GLY G 11 -36.83 -0.03 -36.93
N GLY G 12 -37.76 0.77 -36.46
CA GLY G 12 -39.13 0.31 -36.39
C GLY G 12 -39.94 1.26 -35.56
N MET G 13 -41.18 0.87 -35.31
CA MET G 13 -42.04 1.63 -34.45
C MET G 13 -42.39 0.90 -33.18
N VAL G 14 -42.53 1.68 -32.10
CA VAL G 14 -42.81 1.13 -30.81
C VAL G 14 -43.78 2.01 -30.05
N GLN G 15 -44.21 1.53 -28.90
CA GLN G 15 -45.11 2.23 -28.01
C GLN G 15 -44.31 3.14 -27.07
N THR G 16 -44.97 4.16 -26.53
CA THR G 16 -44.37 4.96 -25.49
C THR G 16 -44.08 4.00 -24.35
N GLY G 17 -42.91 4.14 -23.76
CA GLY G 17 -42.49 3.29 -22.63
C GLY G 17 -41.71 2.07 -23.10
N ASP G 18 -41.66 1.84 -24.40
CA ASP G 18 -40.99 0.65 -24.88
C ASP G 18 -39.47 0.87 -24.92
N SER G 19 -38.72 -0.22 -25.16
CA SER G 19 -37.28 -0.11 -25.46
C SER G 19 -37.08 -0.60 -26.88
N LEU G 20 -35.96 -0.17 -27.46
CA LEU G 20 -35.53 -0.62 -28.78
C LEU G 20 -34.01 -0.56 -28.88
N ARG G 21 -33.43 -1.46 -29.67
CA ARG G 21 -31.99 -1.50 -29.83
C ARG G 21 -31.60 -1.21 -31.27
N LEU G 22 -30.80 -0.16 -31.49
CA LEU G 22 -30.15 0.08 -32.78
C LEU G 22 -28.72 -0.48 -32.77
N SER G 23 -28.23 -0.90 -33.93
CA SER G 23 -26.92 -1.51 -34.02
C SER G 23 -26.13 -0.83 -35.07
N CYS G 24 -24.83 -0.70 -34.81
CA CYS G 24 -23.91 -0.15 -35.80
C CYS G 24 -22.71 -1.04 -35.95
N VAL G 25 -22.45 -1.48 -37.18
CA VAL G 25 -21.27 -2.29 -37.47
C VAL G 25 -20.35 -1.65 -38.54
N GLY G 26 -19.09 -1.49 -38.18
CA GLY G 26 -18.12 -0.85 -39.07
C GLY G 26 -17.56 -1.87 -40.02
N SER G 27 -17.19 -1.45 -41.22
CA SER G 27 -16.59 -2.39 -42.19
C SER G 27 -15.14 -2.64 -41.85
N ARG G 28 -14.52 -1.63 -41.26
CA ARG G 28 -13.17 -1.71 -40.73
C ARG G 28 -13.20 -2.07 -39.24
N ARG G 29 -12.36 -3.01 -38.82
CA ARG G 29 -12.23 -3.35 -37.40
C ARG G 29 -11.82 -2.11 -36.60
N ALA G 30 -12.46 -1.92 -35.45
CA ALA G 30 -12.23 -0.78 -34.58
C ALA G 30 -10.83 -0.86 -33.99
N LEU G 31 -10.21 0.30 -33.80
CA LEU G 31 -8.95 0.36 -33.08
C LEU G 31 -9.19 0.85 -31.66
N SER G 32 -8.18 0.69 -30.79
CA SER G 32 -8.27 1.20 -29.41
C SER G 32 -8.76 2.68 -29.29
N SER G 33 -8.39 3.56 -30.23
CA SER G 33 -8.77 4.95 -30.22
C SER G 33 -10.08 5.23 -30.98
N THR G 34 -10.77 4.20 -31.41
CA THR G 34 -12.04 4.41 -32.09
C THR G 34 -13.11 4.90 -31.14
N ILE G 35 -13.93 5.81 -31.63
CA ILE G 35 -15.07 6.28 -30.88
C ILE G 35 -16.26 6.13 -31.82
N VAL G 36 -17.35 5.61 -31.30
CA VAL G 36 -18.58 5.53 -32.05
C VAL G 36 -19.65 6.41 -31.35
N GLY G 37 -20.34 7.24 -32.14
CA GLY G 37 -21.40 8.11 -31.61
C GLY G 37 -22.74 7.86 -32.28
N TRP G 38 -23.77 8.37 -31.63
CA TRP G 38 -25.11 8.42 -32.17
C TRP G 38 -25.65 9.84 -32.17
N PHE G 39 -26.33 10.18 -33.28
CA PHE G 39 -27.00 11.43 -33.47
C PHE G 39 -28.44 11.13 -33.93
N ARG G 40 -29.35 12.09 -33.78
CA ARG G 40 -30.73 11.93 -34.32
C ARG G 40 -31.27 13.23 -34.91
N GLN G 41 -32.13 13.09 -35.92
CA GLN G 41 -32.77 14.24 -36.54
C GLN G 41 -34.22 13.98 -36.89
N ILE G 42 -35.09 14.89 -36.50
CA ILE G 42 -36.49 14.83 -36.92
C ILE G 42 -36.66 16.02 -37.85
N PRO G 43 -37.47 15.87 -38.92
CA PRO G 43 -37.66 17.02 -39.81
C PRO G 43 -38.17 18.25 -39.08
N GLY G 44 -37.46 19.37 -39.20
CA GLY G 44 -37.80 20.63 -38.57
C GLY G 44 -36.92 20.94 -37.37
N LYS G 45 -36.10 19.98 -36.95
CA LYS G 45 -35.04 20.23 -36.00
C LYS G 45 -33.68 19.87 -36.53
N GLU G 46 -32.66 20.44 -35.88
CA GLU G 46 -31.29 20.19 -36.32
C GLU G 46 -30.83 18.84 -35.76
N ARG G 47 -29.83 18.26 -36.39
CA ARG G 47 -29.28 16.98 -35.98
C ARG G 47 -28.64 17.10 -34.60
N GLU G 48 -28.98 16.22 -33.67
CA GLU G 48 -28.55 16.40 -32.29
C GLU G 48 -27.77 15.20 -31.80
N PHE G 49 -26.79 15.44 -30.98
CA PHE G 49 -26.05 14.35 -30.36
C PHE G 49 -26.93 13.61 -29.36
N VAL G 50 -26.84 12.27 -29.40
CA VAL G 50 -27.50 11.40 -28.48
C VAL G 50 -26.55 10.81 -27.42
N GLY G 51 -25.47 10.18 -27.89
CA GLY G 51 -24.50 9.52 -26.99
C GLY G 51 -23.31 8.89 -27.72
N GLY G 52 -22.29 8.48 -26.98
CA GLY G 52 -21.09 7.96 -27.57
C GLY G 52 -20.44 6.96 -26.66
N ILE G 53 -19.59 6.09 -27.25
CA ILE G 53 -18.78 5.10 -26.51
C ILE G 53 -17.33 5.08 -27.00
N ALA G 54 -16.40 4.89 -26.08
CA ALA G 54 -15.00 4.73 -26.40
C ALA G 54 -14.72 3.25 -26.58
N TRP G 55 -14.18 2.84 -27.72
CA TRP G 55 -13.92 1.42 -27.96
C TRP G 55 -12.95 0.83 -26.93
N SER G 56 -11.97 1.61 -26.50
CA SER G 56 -10.90 1.06 -25.65
C SER G 56 -11.46 0.68 -24.30
N SER G 57 -12.18 1.60 -23.68
CA SER G 57 -12.55 1.48 -22.27
C SER G 57 -14.00 1.12 -22.08
N SER G 58 -14.81 1.25 -23.14
CA SER G 58 -16.27 1.25 -23.03
C SER G 58 -16.85 2.42 -22.21
N ASP G 59 -16.08 3.50 -22.01
CA ASP G 59 -16.65 4.68 -21.39
C ASP G 59 -17.74 5.27 -22.31
N THR G 60 -18.85 5.72 -21.72
CA THR G 60 -19.96 6.31 -22.46
C THR G 60 -20.30 7.72 -21.94
N TRP G 61 -20.96 8.51 -22.78
CA TRP G 61 -21.37 9.85 -22.41
C TRP G 61 -22.63 10.13 -23.21
N TYR G 62 -23.55 10.90 -22.63
CA TYR G 62 -24.88 11.07 -23.21
C TYR G 62 -25.32 12.55 -23.21
N ALA G 63 -26.19 12.90 -24.18
CA ALA G 63 -26.95 14.14 -24.11
C ALA G 63 -27.83 14.08 -22.89
N ASP G 64 -28.03 15.25 -22.31
CA ASP G 64 -28.85 15.38 -21.11
C ASP G 64 -30.26 14.81 -21.25
N SER G 65 -30.86 14.95 -22.44
CA SER G 65 -32.25 14.55 -22.60
C SER G 65 -32.41 13.03 -22.66
N VAL G 66 -31.34 12.27 -22.83
CA VAL G 66 -31.45 10.81 -22.87
C VAL G 66 -30.72 10.10 -21.74
N LYS G 67 -29.95 10.85 -20.99
CA LYS G 67 -29.09 10.26 -19.92
C LYS G 67 -29.99 9.47 -18.94
N GLY G 68 -29.62 8.22 -18.67
CA GLY G 68 -30.37 7.37 -17.77
C GLY G 68 -31.43 6.50 -18.40
N ARG G 69 -31.85 6.85 -19.62
CA ARG G 69 -32.79 6.07 -20.39
C ARG G 69 -32.09 5.28 -21.50
N PHE G 70 -31.04 5.87 -22.08
CA PHE G 70 -30.27 5.22 -23.14
C PHE G 70 -28.97 4.62 -22.65
N THR G 71 -28.59 3.48 -23.24
CA THR G 71 -27.36 2.77 -22.95
C THR G 71 -26.71 2.35 -24.24
N ILE G 72 -25.42 2.65 -24.39
CA ILE G 72 -24.61 2.22 -25.51
C ILE G 72 -23.62 1.17 -25.03
N SER G 73 -23.52 0.05 -25.76
CA SER G 73 -22.66 -1.04 -25.35
C SER G 73 -21.82 -1.41 -26.55
N LYS G 74 -20.67 -2.00 -26.28
CA LYS G 74 -19.74 -2.40 -27.30
C LYS G 74 -19.93 -3.90 -27.51
N ASP G 75 -19.70 -4.39 -28.73
CA ASP G 75 -19.80 -5.81 -29.02
C ASP G 75 -18.53 -6.15 -29.81
N ASP G 76 -17.50 -6.60 -29.09
CA ASP G 76 -16.18 -6.60 -29.66
C ASP G 76 -16.11 -7.60 -30.79
N ALA G 77 -16.69 -8.79 -30.59
CA ALA G 77 -16.68 -9.83 -31.63
C ALA G 77 -17.49 -9.49 -32.91
N ALA G 78 -18.51 -8.65 -32.80
CA ALA G 78 -19.30 -8.26 -33.98
C ALA G 78 -18.74 -7.00 -34.62
N ASN G 79 -17.69 -6.45 -34.02
CA ASN G 79 -17.17 -5.13 -34.41
C ASN G 79 -18.29 -4.10 -34.41
N GLY G 80 -19.10 -4.15 -33.35
CA GLY G 80 -20.31 -3.36 -33.33
C GLY G 80 -20.58 -2.61 -32.07
N VAL G 81 -21.48 -1.65 -32.16
CA VAL G 81 -22.01 -1.07 -30.97
C VAL G 81 -23.54 -1.09 -31.05
N HIS G 82 -24.14 -1.15 -29.85
CA HIS G 82 -25.59 -1.18 -29.69
C HIS G 82 -26.08 0.01 -28.90
N LEU G 83 -26.98 0.80 -29.49
CA LEU G 83 -27.73 1.82 -28.74
C LEU G 83 -29.03 1.21 -28.28
N GLN G 84 -29.15 0.97 -26.99
CA GLN G 84 -30.36 0.40 -26.43
C GLN G 84 -31.13 1.54 -25.75
N MET G 85 -32.29 1.84 -26.32
CA MET G 85 -33.06 2.99 -25.91
C MET G 85 -34.19 2.50 -25.03
N SER G 86 -34.39 3.14 -23.88
CA SER G 86 -35.54 2.79 -23.03
C SER G 86 -36.36 3.98 -22.64
N SER G 87 -37.51 3.70 -22.04
CA SER G 87 -38.51 4.72 -21.70
C SER G 87 -38.70 5.65 -22.88
N LEU G 88 -38.88 5.06 -24.05
CA LEU G 88 -39.06 5.88 -25.23
C LEU G 88 -40.32 6.71 -25.13
N LYS G 89 -40.26 7.87 -25.77
CA LYS G 89 -41.35 8.79 -25.84
C LYS G 89 -41.45 9.37 -27.25
N PRO G 90 -42.62 9.90 -27.60
CA PRO G 90 -42.78 10.52 -28.90
C PRO G 90 -41.68 11.52 -29.29
N GLU G 91 -41.14 12.25 -28.31
CA GLU G 91 -39.96 13.15 -28.49
C GLU G 91 -38.68 12.47 -29.01
N ASP G 92 -38.57 11.16 -28.82
CA ASP G 92 -37.43 10.36 -29.29
C ASP G 92 -37.60 9.93 -30.75
N THR G 93 -38.76 10.19 -31.31
CA THR G 93 -38.98 9.93 -32.75
C THR G 93 -37.98 10.71 -33.62
N ALA G 94 -37.27 9.99 -34.49
CA ALA G 94 -36.20 10.59 -35.27
C ALA G 94 -35.56 9.55 -36.19
N VAL G 95 -34.77 10.04 -37.14
CA VAL G 95 -33.79 9.25 -37.85
C VAL G 95 -32.50 9.27 -37.02
N TYR G 96 -32.06 8.08 -36.64
CA TYR G 96 -30.88 7.91 -35.81
C TYR G 96 -29.70 7.53 -36.70
N TYR G 97 -28.58 8.22 -36.49
CA TYR G 97 -27.36 8.04 -37.24
C TYR G 97 -26.25 7.54 -36.31
N CYS G 98 -25.56 6.50 -36.77
CA CYS G 98 -24.28 6.02 -36.22
C CYS G 98 -23.16 6.84 -36.91
N ALA G 99 -22.12 7.15 -36.15
CA ALA G 99 -20.98 7.91 -36.66
C ALA G 99 -19.70 7.44 -35.94
N SER G 100 -18.52 7.55 -36.56
CA SER G 100 -17.32 7.13 -35.83
C SER G 100 -16.14 8.07 -36.10
N ALA G 101 -15.15 8.03 -35.20
CA ALA G 101 -14.08 8.99 -35.21
C ALA G 101 -12.87 8.32 -34.52
N LEU G 102 -11.72 8.92 -34.71
CA LEU G 102 -10.49 8.49 -34.03
C LEU G 102 -10.18 9.52 -32.97
N ARG G 103 -10.05 9.10 -31.72
CA ARG G 103 -9.78 10.04 -30.61
C ARG G 103 -8.48 10.79 -30.81
N ARG G 104 -8.54 12.11 -30.79
CA ARG G 104 -7.34 12.91 -30.94
C ARG G 104 -6.54 12.99 -29.62
N PRO G 105 -5.20 12.94 -29.72
CA PRO G 105 -4.39 13.06 -28.47
C PRO G 105 -4.78 14.32 -27.71
N GLY G 106 -4.89 14.23 -26.39
CA GLY G 106 -5.27 15.38 -25.57
C GLY G 106 -6.75 15.57 -25.26
N SER G 107 -7.63 14.79 -25.89
CA SER G 107 -9.06 14.95 -25.69
C SER G 107 -9.60 13.72 -24.95
N ASP G 108 -10.47 13.95 -24.00
CA ASP G 108 -11.24 12.87 -23.42
C ASP G 108 -12.14 12.36 -24.52
N ALA G 109 -12.49 11.07 -24.46
CA ALA G 109 -13.45 10.54 -25.42
C ALA G 109 -14.79 11.29 -25.36
N SER G 110 -15.19 11.69 -24.15
CA SER G 110 -16.42 12.44 -23.95
C SER G 110 -16.45 13.82 -24.60
N ASP G 111 -15.36 14.30 -25.21
CA ASP G 111 -15.45 15.54 -26.01
C ASP G 111 -16.05 15.36 -27.39
N TYR G 112 -16.21 14.10 -27.83
CA TYR G 112 -16.76 13.79 -29.14
C TYR G 112 -18.29 13.87 -29.11
N THR G 113 -18.79 15.09 -29.15
CA THR G 113 -20.23 15.35 -29.01
C THR G 113 -20.76 16.14 -30.20
N ARG G 114 -19.92 16.49 -31.18
CA ARG G 114 -20.34 17.44 -32.19
C ARG G 114 -20.26 16.82 -33.55
N ILE G 115 -21.12 17.26 -34.46
CA ILE G 115 -21.16 16.72 -35.81
C ILE G 115 -19.81 16.69 -36.53
N PRO G 116 -19.07 17.82 -36.55
CA PRO G 116 -17.79 17.77 -37.26
C PRO G 116 -16.72 16.94 -36.56
N ASP G 117 -16.91 16.55 -35.31
CA ASP G 117 -15.96 15.62 -34.63
C ASP G 117 -15.94 14.23 -35.32
N TYR G 118 -16.91 13.93 -36.18
CA TYR G 118 -17.09 12.55 -36.69
C TYR G 118 -17.03 12.51 -38.19
N PRO G 119 -15.95 11.95 -38.76
CA PRO G 119 -15.83 11.98 -40.21
C PRO G 119 -16.61 10.85 -40.92
N TYR G 120 -16.99 9.82 -40.21
CA TYR G 120 -17.68 8.66 -40.80
C TYR G 120 -19.10 8.54 -40.26
N TRP G 121 -20.05 8.41 -41.18
CA TRP G 121 -21.49 8.37 -40.85
C TRP G 121 -22.18 7.22 -41.51
N GLY G 122 -23.12 6.64 -40.78
CA GLY G 122 -24.00 5.61 -41.30
C GLY G 122 -25.12 6.29 -42.07
N GLN G 123 -26.00 5.47 -42.62
CA GLN G 123 -27.11 5.88 -43.50
C GLN G 123 -28.35 6.35 -42.74
N GLY G 124 -28.45 6.07 -41.45
CA GLY G 124 -29.62 6.51 -40.72
C GLY G 124 -30.68 5.44 -40.64
N THR G 125 -31.37 5.40 -39.49
CA THR G 125 -32.39 4.39 -39.15
C THR G 125 -33.59 5.08 -38.49
N GLN G 126 -34.78 4.79 -39.01
CA GLN G 126 -36.03 5.43 -38.56
C GLN G 126 -36.54 4.78 -37.30
N VAL G 127 -36.79 5.61 -36.29
CA VAL G 127 -37.42 5.18 -35.10
C VAL G 127 -38.61 6.07 -34.81
N THR G 128 -39.77 5.44 -34.63
CA THR G 128 -40.99 6.17 -34.39
C THR G 128 -41.60 5.62 -33.13
N VAL G 129 -41.97 6.52 -32.21
CA VAL G 129 -42.59 6.16 -30.95
C VAL G 129 -44.00 6.71 -30.94
N SER G 130 -44.96 5.78 -31.01
CA SER G 130 -46.36 6.07 -30.97
C SER G 130 -46.73 6.72 -29.64
N SER G 131 -47.72 7.61 -29.67
CA SER G 131 -48.29 8.16 -28.43
C SER G 131 -49.08 7.14 -27.60
N HIS G 132 -49.38 5.98 -28.18
CA HIS G 132 -49.94 4.90 -27.40
C HIS G 132 -48.83 4.30 -26.51
N HIS G 133 -49.10 4.23 -25.22
CA HIS G 133 -48.19 3.59 -24.25
C HIS G 133 -48.49 2.08 -24.23
N HIS G 134 -47.55 1.26 -23.78
CA HIS G 134 -47.81 -0.20 -23.69
C HIS G 134 -48.84 -0.48 -22.61
N HIS G 135 -49.49 -1.63 -22.73
CA HIS G 135 -50.63 -1.95 -21.81
C HIS G 135 -50.27 -2.90 -20.70
N HIS G 136 -49.14 -2.72 -20.05
CA HIS G 136 -48.65 -3.73 -19.10
C HIS G 136 -48.23 -3.11 -17.77
N LYS H 5 60.16 4.29 -22.40
CA LYS H 5 58.98 3.40 -22.60
C LYS H 5 58.60 2.68 -21.29
N LEU H 6 57.32 2.73 -21.00
CA LEU H 6 56.73 1.98 -19.89
C LEU H 6 55.68 1.10 -20.53
N GLN H 7 55.94 -0.19 -20.58
CA GLN H 7 55.10 -1.13 -21.28
C GLN H 7 54.10 -1.70 -20.29
N GLN H 8 52.81 -1.60 -20.62
CA GLN H 8 51.73 -2.01 -19.69
C GLN H 8 51.06 -3.30 -20.15
N SER H 9 50.51 -4.05 -19.22
CA SER H 9 49.74 -5.24 -19.57
C SER H 9 48.71 -5.54 -18.49
N GLY H 10 47.76 -6.43 -18.80
CA GLY H 10 46.75 -6.93 -17.84
C GLY H 10 45.31 -6.45 -17.91
N GLY H 11 45.00 -5.60 -18.89
CA GLY H 11 43.66 -5.06 -18.98
C GLY H 11 42.61 -6.15 -19.15
N GLY H 12 41.40 -5.90 -18.64
CA GLY H 12 40.34 -6.88 -18.79
C GLY H 12 39.08 -6.39 -18.12
N MET H 13 38.05 -7.21 -18.21
CA MET H 13 36.79 -6.90 -17.58
C MET H 13 36.53 -7.94 -16.50
N VAL H 14 36.09 -7.49 -15.32
CA VAL H 14 35.80 -8.40 -14.25
C VAL H 14 34.47 -8.03 -13.60
N GLN H 15 34.07 -8.84 -12.64
CA GLN H 15 32.87 -8.65 -11.82
C GLN H 15 33.20 -7.80 -10.58
N THR H 16 32.17 -7.22 -9.97
CA THR H 16 32.32 -6.55 -8.71
C THR H 16 32.79 -7.55 -7.67
N GLY H 17 33.81 -7.18 -6.90
CA GLY H 17 34.37 -8.07 -5.89
C GLY H 17 35.55 -8.85 -6.41
N ASP H 18 35.81 -8.80 -7.72
CA ASP H 18 36.95 -9.58 -8.25
C ASP H 18 38.30 -8.92 -8.02
N SER H 19 39.36 -9.62 -8.39
CA SER H 19 40.72 -9.07 -8.36
C SER H 19 41.29 -9.14 -9.77
N LEU H 20 42.31 -8.33 -9.97
CA LEU H 20 42.91 -8.20 -11.25
C LEU H 20 44.24 -7.52 -11.02
N ARG H 21 45.20 -7.87 -11.86
CA ARG H 21 46.58 -7.44 -11.74
C ARG H 21 47.06 -6.78 -13.05
N LEU H 22 47.58 -5.57 -12.94
CA LEU H 22 48.18 -4.84 -14.04
C LEU H 22 49.67 -4.85 -13.82
N SER H 23 50.42 -4.85 -14.92
CA SER H 23 51.88 -4.83 -14.85
C SER H 23 52.45 -3.68 -15.66
N CYS H 24 53.58 -3.18 -15.21
CA CYS H 24 54.31 -2.14 -15.92
C CYS H 24 55.80 -2.45 -15.91
N VAL H 25 56.41 -2.44 -17.09
CA VAL H 25 57.85 -2.75 -17.28
C VAL H 25 58.55 -1.60 -17.99
N GLY H 26 59.59 -1.07 -17.37
CA GLY H 26 60.39 0.02 -17.95
C GLY H 26 61.39 -0.49 -18.97
N SER H 27 61.62 0.26 -20.04
CA SER H 27 62.69 -0.09 -20.99
C SER H 27 64.11 0.14 -20.40
N ARG H 28 64.30 1.12 -19.53
CA ARG H 28 65.53 1.26 -18.76
C ARG H 28 65.46 0.62 -17.41
N ARG H 29 66.55 0.01 -16.99
CA ARG H 29 66.63 -0.61 -15.68
C ARG H 29 66.38 0.49 -14.66
N ALA H 30 65.54 0.21 -13.65
CA ALA H 30 65.25 1.19 -12.61
C ALA H 30 66.49 1.48 -11.78
N LEU H 31 66.58 2.71 -11.29
CA LEU H 31 67.64 3.15 -10.40
C LEU H 31 67.09 3.20 -8.97
N SER H 32 67.98 3.39 -8.00
CA SER H 32 67.59 3.37 -6.60
C SER H 32 66.56 4.47 -6.25
N SER H 33 66.67 5.64 -6.88
CA SER H 33 65.71 6.72 -6.64
C SER H 33 64.54 6.74 -7.68
N THR H 34 64.38 5.68 -8.46
CA THR H 34 63.23 5.56 -9.35
C THR H 34 61.98 5.36 -8.54
N ILE H 35 60.91 6.00 -8.95
CA ILE H 35 59.57 5.84 -8.38
C ILE H 35 58.60 5.45 -9.50
N VAL H 36 57.66 4.56 -9.21
CA VAL H 36 56.64 4.18 -10.19
C VAL H 36 55.28 4.46 -9.59
N GLY H 37 54.43 5.16 -10.34
CA GLY H 37 53.12 5.52 -9.89
C GLY H 37 52.11 4.95 -10.84
N TRP H 38 50.89 4.93 -10.37
CA TRP H 38 49.74 4.54 -11.13
C TRP H 38 48.71 5.64 -10.98
N PHE H 39 48.08 5.96 -12.09
CA PHE H 39 47.00 6.89 -12.17
C PHE H 39 45.85 6.21 -12.96
N ARG H 40 44.68 6.80 -12.94
CA ARG H 40 43.56 6.26 -13.73
C ARG H 40 42.65 7.37 -14.16
N GLN H 41 42.01 7.19 -15.32
CA GLN H 41 41.08 8.18 -15.82
C GLN H 41 39.94 7.49 -16.55
N ILE H 42 38.70 7.84 -16.18
CA ILE H 42 37.52 7.50 -16.93
C ILE H 42 37.00 8.73 -17.69
N PRO H 43 36.46 8.53 -18.90
CA PRO H 43 35.94 9.72 -19.58
C PRO H 43 34.92 10.52 -18.74
N GLY H 44 35.18 11.81 -18.57
CA GLY H 44 34.24 12.66 -17.82
C GLY H 44 34.87 13.10 -16.52
N LYS H 45 35.96 12.46 -16.12
CA LYS H 45 36.62 12.76 -14.88
C LYS H 45 38.09 13.05 -15.15
N GLU H 46 38.70 13.74 -14.20
CA GLU H 46 40.10 14.02 -14.18
C GLU H 46 40.94 12.76 -13.94
N ARG H 47 42.16 12.76 -14.47
CA ARG H 47 43.10 11.68 -14.22
C ARG H 47 43.45 11.75 -12.74
N GLU H 48 43.28 10.65 -12.02
CA GLU H 48 43.46 10.63 -10.59
C GLU H 48 44.62 9.73 -10.17
N PHE H 49 45.36 10.17 -9.15
CA PHE H 49 46.39 9.30 -8.53
C PHE H 49 45.76 8.07 -7.88
N VAL H 50 46.45 6.93 -7.99
CA VAL H 50 46.03 5.67 -7.39
C VAL H 50 47.04 5.22 -6.33
N GLY H 51 48.32 5.10 -6.71
CA GLY H 51 49.34 4.68 -5.75
C GLY H 51 50.72 4.70 -6.35
N GLY H 52 51.72 4.46 -5.50
CA GLY H 52 53.08 4.48 -5.97
C GLY H 52 53.98 3.64 -5.08
N ILE H 53 55.13 3.29 -5.64
CA ILE H 53 56.14 2.48 -4.96
C ILE H 53 57.52 3.11 -5.24
N ALA H 54 58.40 3.04 -4.24
CA ALA H 54 59.79 3.43 -4.37
C ALA H 54 60.59 2.20 -4.68
N TRP H 55 61.35 2.25 -5.76
CA TRP H 55 62.05 1.06 -6.21
C TRP H 55 63.10 0.53 -5.19
N SER H 56 63.80 1.42 -4.52
CA SER H 56 64.88 0.96 -3.62
C SER H 56 64.31 0.22 -2.41
N SER H 57 63.34 0.84 -1.73
CA SER H 57 62.77 0.34 -0.49
C SER H 57 61.52 -0.56 -0.63
N SER H 58 60.84 -0.49 -1.78
CA SER H 58 59.47 -1.04 -1.94
C SER H 58 58.39 -0.41 -1.02
N ASP H 59 58.67 0.73 -0.39
CA ASP H 59 57.61 1.44 0.32
C ASP H 59 56.57 1.91 -0.69
N THR H 60 55.33 2.03 -0.21
CA THR H 60 54.20 2.36 -1.06
C THR H 60 53.36 3.43 -0.38
N TRP H 61 52.59 4.15 -1.18
CA TRP H 61 51.60 5.11 -0.70
C TRP H 61 50.41 5.07 -1.67
N TYR H 62 49.21 5.29 -1.16
CA TYR H 62 47.96 5.10 -1.91
C TYR H 62 47.01 6.29 -1.72
N ALA H 63 46.21 6.56 -2.74
CA ALA H 63 45.06 7.45 -2.58
C ALA H 63 44.06 6.83 -1.63
N ASP H 64 43.34 7.71 -0.91
CA ASP H 64 42.28 7.29 0.04
C ASP H 64 41.32 6.29 -0.61
N SER H 65 40.88 6.58 -1.83
CA SER H 65 39.87 5.76 -2.49
C SER H 65 40.23 4.28 -2.64
N VAL H 66 41.52 3.92 -2.66
CA VAL H 66 41.90 2.52 -2.92
C VAL H 66 42.70 1.88 -1.78
N LYS H 67 43.15 2.67 -0.82
CA LYS H 67 43.87 2.12 0.35
C LYS H 67 43.15 0.91 0.97
N GLY H 68 43.88 -0.16 1.32
CA GLY H 68 43.26 -1.38 1.83
C GLY H 68 42.80 -2.40 0.78
N ARG H 69 42.61 -1.95 -0.46
CA ARG H 69 42.10 -2.77 -1.54
C ARG H 69 43.12 -3.05 -2.65
N PHE H 70 43.98 -2.06 -2.96
CA PHE H 70 45.00 -2.22 -4.00
C PHE H 70 46.37 -2.33 -3.32
N THR H 71 47.26 -3.13 -3.92
CA THR H 71 48.68 -3.26 -3.53
C THR H 71 49.61 -3.20 -4.73
N ILE H 72 50.64 -2.39 -4.65
CA ILE H 72 51.67 -2.35 -5.68
C ILE H 72 52.88 -3.18 -5.21
N SER H 73 53.36 -4.10 -6.04
CA SER H 73 54.55 -4.87 -5.70
C SER H 73 55.61 -4.72 -6.77
N LYS H 74 56.86 -4.85 -6.34
CA LYS H 74 58.04 -4.71 -7.17
C LYS H 74 58.39 -6.08 -7.72
N ASP H 75 58.87 -6.12 -8.96
CA ASP H 75 59.35 -7.33 -9.59
C ASP H 75 60.72 -6.98 -10.12
N ASP H 76 61.75 -7.23 -9.31
CA ASP H 76 63.09 -6.81 -9.66
C ASP H 76 63.58 -7.43 -10.96
N ALA H 77 63.26 -8.71 -11.15
CA ALA H 77 63.80 -9.51 -12.25
C ALA H 77 63.20 -9.06 -13.57
N ALA H 78 61.90 -8.82 -13.57
CA ALA H 78 61.21 -8.25 -14.73
C ALA H 78 61.48 -6.76 -14.95
N ASN H 79 62.17 -6.10 -14.01
CA ASN H 79 62.27 -4.63 -14.00
C ASN H 79 60.85 -4.02 -14.10
N GLY H 80 59.93 -4.57 -13.33
CA GLY H 80 58.59 -4.02 -13.32
C GLY H 80 57.95 -3.96 -11.97
N VAL H 81 56.71 -3.51 -12.01
CA VAL H 81 55.86 -3.49 -10.85
C VAL H 81 54.48 -3.96 -11.23
N HIS H 82 53.74 -4.41 -10.22
CA HIS H 82 52.40 -4.90 -10.43
C HIS H 82 51.47 -4.12 -9.54
N LEU H 83 50.37 -3.66 -10.11
CA LEU H 83 49.27 -3.10 -9.34
C LEU H 83 48.21 -4.18 -9.24
N GLN H 84 48.07 -4.71 -8.02
CA GLN H 84 47.13 -5.82 -7.73
C GLN H 84 45.93 -5.23 -7.04
N MET H 85 44.79 -5.28 -7.72
CA MET H 85 43.59 -4.62 -7.29
C MET H 85 42.63 -5.68 -6.77
N SER H 86 41.97 -5.39 -5.66
CA SER H 86 41.00 -6.32 -5.05
C SER H 86 39.81 -5.54 -4.61
N SER H 87 38.75 -6.29 -4.29
CA SER H 87 37.45 -5.72 -3.95
C SER H 87 37.04 -4.66 -4.96
N LEU H 88 37.18 -5.02 -6.23
CA LEU H 88 36.91 -4.08 -7.32
C LEU H 88 35.43 -3.74 -7.37
N LYS H 89 35.15 -2.47 -7.71
CA LYS H 89 33.80 -1.94 -7.81
C LYS H 89 33.67 -1.21 -9.16
N PRO H 90 32.42 -0.96 -9.60
CA PRO H 90 32.22 -0.21 -10.86
C PRO H 90 32.94 1.16 -10.91
N GLU H 91 33.02 1.81 -9.76
CA GLU H 91 33.72 3.09 -9.67
C GLU H 91 35.25 3.02 -9.88
N ASP H 92 35.82 1.81 -9.90
CA ASP H 92 37.25 1.61 -10.29
C ASP H 92 37.48 1.45 -11.80
N THR H 93 36.38 1.38 -12.55
CA THR H 93 36.46 1.33 -14.01
C THR H 93 37.18 2.56 -14.58
N ALA H 94 38.23 2.33 -15.36
CA ALA H 94 39.06 3.42 -15.83
C ALA H 94 40.17 2.93 -16.72
N VAL H 95 40.80 3.84 -17.41
CA VAL H 95 42.11 3.54 -18.06
C VAL H 95 43.18 3.85 -17.02
N TYR H 96 44.04 2.87 -16.78
CA TYR H 96 45.09 2.93 -15.77
C TYR H 96 46.39 3.23 -16.45
N TYR H 97 47.11 4.22 -15.95
CA TYR H 97 48.41 4.58 -16.50
C TYR H 97 49.49 4.31 -15.49
N CYS H 98 50.58 3.73 -15.99
CA CYS H 98 51.82 3.58 -15.27
C CYS H 98 52.59 4.86 -15.53
N ALA H 99 53.38 5.30 -14.54
CA ALA H 99 54.28 6.44 -14.76
C ALA H 99 55.52 6.30 -13.90
N SER H 100 56.61 6.96 -14.29
CA SER H 100 57.79 6.94 -13.40
C SER H 100 58.49 8.27 -13.34
N ALA H 101 59.37 8.36 -12.33
CA ALA H 101 59.95 9.62 -11.93
C ALA H 101 61.20 9.33 -11.14
N LEU H 102 62.11 10.29 -11.10
CA LEU H 102 63.31 10.20 -10.30
C LEU H 102 63.13 11.04 -9.04
N ARG H 103 63.23 10.40 -7.87
CA ARG H 103 62.95 11.08 -6.59
C ARG H 103 63.91 12.24 -6.34
N ARG H 104 63.40 13.43 -6.11
CA ARG H 104 64.28 14.59 -5.91
C ARG H 104 64.84 14.52 -4.49
N PRO H 105 66.11 14.91 -4.32
CA PRO H 105 66.62 14.91 -2.94
C PRO H 105 65.80 15.84 -2.01
N GLY H 106 65.70 15.47 -0.75
CA GLY H 106 64.93 16.27 0.21
C GLY H 106 63.44 15.97 0.23
N SER H 107 62.97 15.09 -0.68
CA SER H 107 61.56 14.76 -0.76
C SER H 107 61.36 13.36 -0.27
N ASP H 108 60.18 13.16 0.31
CA ASP H 108 59.63 11.86 0.61
C ASP H 108 59.11 11.23 -0.68
N ALA H 109 59.26 9.92 -0.83
CA ALA H 109 58.70 9.23 -2.01
C ALA H 109 57.21 9.45 -2.15
N SER H 110 56.52 9.41 -1.01
CA SER H 110 55.08 9.63 -0.96
C SER H 110 54.61 11.03 -1.31
N ASP H 111 55.53 11.97 -1.53
CA ASP H 111 55.13 13.25 -2.10
C ASP H 111 54.80 13.10 -3.59
N TYR H 112 55.23 11.99 -4.21
CA TYR H 112 55.04 11.78 -5.67
C TYR H 112 53.61 11.25 -5.99
N THR H 113 52.69 12.19 -6.00
CA THR H 113 51.26 11.89 -6.13
C THR H 113 50.57 12.70 -7.23
N ARG H 114 51.27 13.59 -7.90
CA ARG H 114 50.63 14.44 -8.90
C ARG H 114 51.21 14.23 -10.28
N ILE H 115 50.38 14.56 -11.26
CA ILE H 115 50.71 14.38 -12.64
C ILE H 115 52.06 15.00 -13.06
N PRO H 116 52.29 16.28 -12.76
CA PRO H 116 53.54 16.85 -13.19
C PRO H 116 54.79 16.34 -12.41
N ASP H 117 54.58 15.56 -11.34
CA ASP H 117 55.70 14.89 -10.66
C ASP H 117 56.35 13.80 -11.53
N TYR H 118 55.64 13.32 -12.56
CA TYR H 118 56.05 12.14 -13.33
C TYR H 118 56.30 12.52 -14.79
N PRO H 119 57.57 12.48 -15.25
CA PRO H 119 57.88 12.77 -16.66
C PRO H 119 57.60 11.62 -17.64
N TYR H 120 57.57 10.39 -17.17
CA TYR H 120 57.38 9.25 -18.08
C TYR H 120 56.06 8.56 -17.83
N TRP H 121 55.33 8.26 -18.93
CA TRP H 121 54.01 7.68 -18.90
C TRP H 121 53.88 6.50 -19.80
N GLY H 122 53.12 5.50 -19.38
CA GLY H 122 52.78 4.40 -20.23
C GLY H 122 51.58 4.79 -21.03
N GLN H 123 51.14 3.87 -21.86
CA GLN H 123 50.10 4.02 -22.88
C GLN H 123 48.69 3.87 -22.31
N GLY H 124 48.56 3.24 -21.15
CA GLY H 124 47.25 3.12 -20.56
C GLY H 124 46.66 1.75 -20.84
N THR H 125 45.92 1.25 -19.87
CA THR H 125 45.36 -0.08 -19.86
C THR H 125 43.94 0.01 -19.36
N GLN H 126 43.03 -0.58 -20.12
CA GLN H 126 41.63 -0.56 -19.82
C GLN H 126 41.23 -1.59 -18.74
N VAL H 127 40.59 -1.10 -17.70
CA VAL H 127 40.04 -1.92 -16.64
C VAL H 127 38.55 -1.64 -16.40
N THR H 128 37.75 -2.69 -16.53
CA THR H 128 36.30 -2.49 -16.43
C THR H 128 35.69 -3.46 -15.47
N VAL H 129 34.91 -2.92 -14.54
CA VAL H 129 34.29 -3.72 -13.52
C VAL H 129 32.80 -3.65 -13.73
N SER H 130 32.18 -4.77 -14.08
CA SER H 130 30.77 -4.78 -14.36
C SER H 130 30.03 -4.76 -13.03
N SER H 131 28.77 -4.35 -13.08
CA SER H 131 27.95 -4.25 -11.87
C SER H 131 27.43 -5.61 -11.39
N HIS H 132 27.62 -6.67 -12.16
CA HIS H 132 27.23 -8.03 -11.71
C HIS H 132 28.25 -8.55 -10.67
N HIS H 133 27.77 -9.16 -9.60
CA HIS H 133 28.67 -9.70 -8.55
C HIS H 133 29.01 -11.13 -8.88
N HIS H 134 30.21 -11.57 -8.45
CA HIS H 134 30.57 -12.99 -8.57
C HIS H 134 29.65 -13.93 -7.78
N LYS I 5 8.20 12.84 9.33
CA LYS I 5 9.03 14.04 9.10
C LYS I 5 10.41 13.91 9.73
N LEU I 6 11.41 14.14 8.91
CA LEU I 6 12.76 14.20 9.31
C LEU I 6 13.19 15.59 8.85
N GLN I 7 13.35 16.52 9.78
CA GLN I 7 13.73 17.90 9.47
C GLN I 7 15.25 17.96 9.33
N GLN I 8 15.74 18.48 8.21
CA GLN I 8 17.17 18.62 8.06
C GLN I 8 17.63 20.07 8.11
N SER I 9 18.89 20.25 8.44
CA SER I 9 19.51 21.58 8.50
C SER I 9 21.02 21.49 8.27
N GLY I 10 21.63 22.63 7.97
CA GLY I 10 23.09 22.74 7.94
C GLY I 10 23.76 22.83 6.58
N GLY I 11 22.96 22.91 5.53
CA GLY I 11 23.53 23.06 4.19
C GLY I 11 24.36 24.33 4.01
N GLY I 12 25.28 24.26 3.07
CA GLY I 12 26.14 25.41 2.83
C GLY I 12 27.21 25.07 1.83
N MET I 13 28.10 26.00 1.62
CA MET I 13 29.21 25.78 0.74
C MET I 13 30.50 26.00 1.53
N VAL I 14 31.50 25.14 1.32
CA VAL I 14 32.75 25.21 2.04
C VAL I 14 33.92 24.99 1.05
N GLN I 15 35.13 25.17 1.57
CA GLN I 15 36.38 24.95 0.82
C GLN I 15 36.81 23.48 0.95
N THR I 16 37.62 23.00 0.00
CA THR I 16 38.28 21.71 0.15
C THR I 16 39.08 21.70 1.46
N GLY I 17 38.95 20.65 2.26
CA GLY I 17 39.65 20.52 3.54
C GLY I 17 38.83 20.96 4.72
N ASP I 18 37.72 21.66 4.47
CA ASP I 18 36.89 22.11 5.59
C ASP I 18 36.04 20.97 6.17
N SER I 19 35.38 21.34 7.26
CA SER I 19 34.38 20.52 7.91
C SER I 19 33.01 21.22 7.86
N LEU I 20 31.97 20.44 8.06
CA LEU I 20 30.64 20.95 8.12
C LEU I 20 29.78 19.89 8.74
N ARG I 21 28.78 20.28 9.53
CA ARG I 21 27.82 19.26 10.01
C ARG I 21 26.38 19.54 9.62
N LEU I 22 25.71 18.45 9.26
CA LEU I 22 24.28 18.45 9.00
C LEU I 22 23.60 17.82 10.16
N SER I 23 22.35 18.21 10.36
CA SER I 23 21.54 17.72 11.43
C SER I 23 20.24 17.18 10.86
N CYS I 24 19.71 16.19 11.55
CA CYS I 24 18.43 15.62 11.23
C CYS I 24 17.65 15.39 12.52
N VAL I 25 16.40 15.84 12.53
CA VAL I 25 15.51 15.76 13.71
C VAL I 25 14.17 15.13 13.34
N GLY I 26 13.79 14.11 14.09
CA GLY I 26 12.55 13.38 13.84
C GLY I 26 11.37 14.01 14.53
N SER I 27 10.24 14.08 13.86
CA SER I 27 9.01 14.57 14.52
C SER I 27 8.51 13.62 15.57
N ARG I 28 8.74 12.33 15.45
CA ARG I 28 8.40 11.49 16.57
C ARG I 28 9.63 10.95 17.29
N ARG I 29 9.49 10.75 18.59
CA ARG I 29 10.58 10.28 19.41
C ARG I 29 11.09 8.93 18.89
N ALA I 30 12.42 8.83 18.75
CA ALA I 30 13.10 7.58 18.41
C ALA I 30 12.87 6.51 19.47
N LEU I 31 12.79 5.25 19.03
CA LEU I 31 12.76 4.09 19.90
C LEU I 31 14.10 3.38 19.87
N SER I 32 14.25 2.37 20.74
CA SER I 32 15.50 1.64 20.85
C SER I 32 15.87 0.93 19.56
N SER I 33 14.89 0.57 18.72
CA SER I 33 15.19 -0.09 17.44
C SER I 33 15.33 0.91 16.24
N THR I 34 15.24 2.21 16.52
CA THR I 34 15.30 3.22 15.45
C THR I 34 16.70 3.26 14.90
N ILE I 35 16.80 3.35 13.57
CA ILE I 35 18.06 3.49 12.87
C ILE I 35 17.94 4.75 12.01
N VAL I 36 19.00 5.56 12.02
CA VAL I 36 19.04 6.79 11.22
C VAL I 36 20.20 6.69 10.24
N GLY I 37 19.92 6.85 8.94
CA GLY I 37 20.93 6.78 7.94
C GLY I 37 21.05 8.11 7.20
N TRP I 38 22.15 8.21 6.50
CA TRP I 38 22.42 9.29 5.59
C TRP I 38 22.82 8.74 4.24
N PHE I 39 22.23 9.35 3.21
CA PHE I 39 22.53 9.09 1.81
C PHE I 39 22.85 10.42 1.10
N ARG I 40 23.41 10.33 -0.11
CA ARG I 40 23.70 11.55 -0.85
C ARG I 40 23.54 11.31 -2.36
N GLN I 41 23.22 12.38 -3.08
CA GLN I 41 23.06 12.26 -4.53
C GLN I 41 23.39 13.58 -5.18
N ILE I 42 24.30 13.51 -6.18
CA ILE I 42 24.62 14.63 -7.08
C ILE I 42 23.98 14.29 -8.48
N PRO I 43 23.48 15.30 -9.21
CA PRO I 43 22.89 14.95 -10.49
C PRO I 43 23.86 14.22 -11.41
N GLY I 44 23.39 13.09 -11.93
CA GLY I 44 24.14 12.24 -12.87
C GLY I 44 24.65 10.98 -12.20
N LYS I 45 24.52 10.88 -10.88
CA LYS I 45 24.86 9.67 -10.16
C LYS I 45 23.69 9.13 -9.33
N GLU I 46 23.81 7.87 -8.94
CA GLU I 46 22.84 7.25 -8.05
C GLU I 46 22.91 7.78 -6.62
N ARG I 47 21.79 7.66 -5.91
CA ARG I 47 21.71 8.05 -4.53
C ARG I 47 22.52 6.98 -3.79
N GLU I 48 23.53 7.41 -3.04
CA GLU I 48 24.45 6.50 -2.39
C GLU I 48 24.43 6.61 -0.89
N PHE I 49 24.61 5.45 -0.25
CA PHE I 49 24.69 5.38 1.21
C PHE I 49 25.95 6.08 1.73
N VAL I 50 25.82 6.83 2.83
CA VAL I 50 26.97 7.52 3.46
C VAL I 50 27.33 6.90 4.82
N GLY I 51 26.32 6.77 5.68
CA GLY I 51 26.51 6.17 7.03
C GLY I 51 25.21 5.99 7.79
N GLY I 52 25.27 5.26 8.90
CA GLY I 52 24.16 5.13 9.76
C GLY I 52 24.55 5.00 11.22
N ILE I 53 23.57 5.25 12.09
CA ILE I 53 23.72 5.11 13.53
C ILE I 53 22.51 4.34 14.08
N ALA I 54 22.75 3.55 15.11
CA ALA I 54 21.71 2.88 15.84
C ALA I 54 21.41 3.71 17.07
N TRP I 55 20.15 4.05 17.26
CA TRP I 55 19.77 4.93 18.33
C TRP I 55 20.06 4.29 19.71
N SER I 56 19.82 3.00 19.84
CA SER I 56 20.01 2.30 21.13
C SER I 56 21.47 2.38 21.62
N SER I 57 22.38 1.98 20.73
CA SER I 57 23.79 1.79 21.09
C SER I 57 24.69 2.94 20.69
N SER I 58 24.26 3.75 19.73
CA SER I 58 25.11 4.74 19.06
C SER I 58 26.18 4.11 18.17
N ASP I 59 26.06 2.82 17.86
CA ASP I 59 26.99 2.16 16.95
C ASP I 59 26.80 2.78 15.57
N THR I 60 27.88 2.84 14.79
CA THR I 60 27.88 3.53 13.51
C THR I 60 28.56 2.68 12.46
N TRP I 61 28.20 2.90 11.21
CA TRP I 61 28.78 2.18 10.10
C TRP I 61 28.72 3.15 8.91
N TYR I 62 29.78 3.11 8.11
CA TYR I 62 30.04 4.07 7.04
C TYR I 62 30.34 3.40 5.71
N ALA I 63 29.95 4.05 4.62
CA ALA I 63 30.47 3.72 3.31
C ALA I 63 32.01 3.84 3.31
N ASP I 64 32.67 2.98 2.52
CA ASP I 64 34.13 3.07 2.40
C ASP I 64 34.59 4.47 1.98
N SER I 65 33.92 5.08 1.01
CA SER I 65 34.23 6.44 0.53
C SER I 65 34.37 7.52 1.63
N VAL I 66 33.76 7.34 2.81
CA VAL I 66 33.78 8.39 3.84
C VAL I 66 34.33 7.94 5.20
N LYS I 67 34.61 6.66 5.35
CA LYS I 67 35.15 6.10 6.58
C LYS I 67 36.43 6.82 6.89
N GLY I 68 36.58 7.26 8.14
CA GLY I 68 37.75 8.03 8.56
C GLY I 68 37.59 9.55 8.47
N ARG I 69 36.60 10.05 7.71
CA ARG I 69 36.42 11.50 7.52
C ARG I 69 35.09 12.00 8.11
N PHE I 70 34.05 11.15 8.08
CA PHE I 70 32.70 11.52 8.53
C PHE I 70 32.34 10.78 9.80
N THR I 71 31.61 11.44 10.69
CA THR I 71 31.16 10.74 11.91
C THR I 71 29.74 11.17 12.19
N ILE I 72 28.91 10.20 12.49
CA ILE I 72 27.53 10.45 12.86
C ILE I 72 27.38 10.38 14.38
N SER I 73 26.75 11.37 14.99
CA SER I 73 26.56 11.36 16.44
C SER I 73 25.10 11.62 16.84
N LYS I 74 24.71 11.01 17.95
CA LYS I 74 23.32 11.04 18.45
C LYS I 74 23.17 12.21 19.39
N ASP I 75 21.99 12.83 19.39
CA ASP I 75 21.68 13.94 20.24
C ASP I 75 20.33 13.61 20.85
N ASP I 76 20.39 12.90 21.97
CA ASP I 76 19.22 12.34 22.62
C ASP I 76 18.16 13.39 22.85
N ALA I 77 18.57 14.53 23.39
CA ALA I 77 17.69 15.62 23.77
C ALA I 77 16.97 16.22 22.60
N ALA I 78 17.68 16.41 21.49
CA ALA I 78 17.11 16.97 20.24
C ALA I 78 16.27 15.97 19.44
N ASN I 79 16.28 14.72 19.88
CA ASN I 79 15.73 13.62 19.14
C ASN I 79 16.36 13.62 17.74
N GLY I 80 17.65 13.90 17.71
CA GLY I 80 18.33 14.14 16.45
C GLY I 80 19.68 13.47 16.30
N VAL I 81 20.16 13.46 15.07
CA VAL I 81 21.51 13.01 14.79
C VAL I 81 22.22 14.09 14.00
N HIS I 82 23.54 14.06 14.11
CA HIS I 82 24.38 15.01 13.39
C HIS I 82 25.35 14.23 12.52
N LEU I 83 25.51 14.66 11.29
CA LEU I 83 26.51 14.08 10.39
C LEU I 83 27.62 15.11 10.29
N GLN I 84 28.74 14.85 10.96
CA GLN I 84 29.92 15.73 10.94
C GLN I 84 30.93 15.25 9.91
N MET I 85 31.16 16.09 8.90
CA MET I 85 31.99 15.79 7.76
C MET I 85 33.31 16.54 7.85
N SER I 86 34.42 15.84 7.65
CA SER I 86 35.71 16.52 7.64
C SER I 86 36.50 16.07 6.46
N SER I 87 37.60 16.77 6.20
CA SER I 87 38.43 16.52 5.03
C SER I 87 37.57 16.53 3.77
N LEU I 88 36.66 17.50 3.70
CA LEU I 88 35.69 17.53 2.61
C LEU I 88 36.40 17.76 1.28
N LYS I 89 35.96 17.07 0.23
CA LYS I 89 36.51 17.26 -1.10
C LYS I 89 35.41 17.56 -2.13
N PRO I 90 35.79 18.10 -3.27
CA PRO I 90 34.80 18.35 -4.31
C PRO I 90 33.87 17.12 -4.60
N GLU I 91 34.41 15.91 -4.54
CA GLU I 91 33.57 14.70 -4.73
C GLU I 91 32.52 14.42 -3.63
N ASP I 92 32.57 15.18 -2.53
CA ASP I 92 31.54 15.12 -1.50
C ASP I 92 30.35 16.03 -1.79
N THR I 93 30.45 16.85 -2.84
CA THR I 93 29.32 17.68 -3.30
C THR I 93 28.12 16.86 -3.66
N ALA I 94 26.99 17.16 -3.02
CA ALA I 94 25.78 16.38 -3.22
C ALA I 94 24.60 16.94 -2.42
N VAL I 95 23.40 16.46 -2.75
CA VAL I 95 22.25 16.69 -1.87
C VAL I 95 22.28 15.53 -0.89
N TYR I 96 22.29 15.87 0.40
CA TYR I 96 22.39 14.88 1.46
C TYR I 96 21.02 14.65 2.06
N TYR I 97 20.63 13.38 2.23
CA TYR I 97 19.31 12.98 2.76
C TYR I 97 19.44 12.22 4.06
N CYS I 98 18.67 12.65 5.05
CA CYS I 98 18.45 11.90 6.28
C CYS I 98 17.41 10.83 5.98
N ALA I 99 17.47 9.69 6.65
CA ALA I 99 16.42 8.68 6.56
C ALA I 99 16.34 7.87 7.86
N SER I 100 15.21 7.22 8.11
CA SER I 100 15.14 6.35 9.27
C SER I 100 14.37 5.10 9.01
N ALA I 101 14.58 4.14 9.92
CA ALA I 101 14.03 2.79 9.76
C ALA I 101 13.91 2.14 11.11
N LEU I 102 13.09 1.09 11.19
CA LEU I 102 13.03 0.23 12.39
C LEU I 102 13.81 -1.05 12.19
N ARG I 103 14.83 -1.29 13.00
CA ARG I 103 15.69 -2.44 12.80
C ARG I 103 14.92 -3.74 12.94
N ARG I 104 15.01 -4.58 11.93
CA ARG I 104 14.26 -5.82 11.93
C ARG I 104 14.96 -6.84 12.85
N PRO I 105 14.18 -7.63 13.60
CA PRO I 105 14.82 -8.65 14.46
C PRO I 105 15.69 -9.61 13.62
N GLY I 106 16.87 -9.95 14.11
CA GLY I 106 17.79 -10.85 13.38
C GLY I 106 18.81 -10.17 12.47
N SER I 107 18.59 -8.91 12.14
CA SER I 107 19.57 -8.13 11.38
C SER I 107 20.53 -7.36 12.28
N ASP I 108 21.76 -7.18 11.81
CA ASP I 108 22.68 -6.27 12.46
C ASP I 108 22.27 -4.87 12.02
N ALA I 109 22.45 -3.88 12.89
CA ALA I 109 22.16 -2.48 12.55
C ALA I 109 22.85 -2.11 11.25
N SER I 110 24.11 -2.55 11.11
CA SER I 110 24.95 -2.25 9.95
C SER I 110 24.46 -2.85 8.64
N ASP I 111 23.41 -3.66 8.67
CA ASP I 111 22.81 -4.15 7.45
C ASP I 111 22.01 -3.06 6.75
N TYR I 112 21.68 -1.97 7.44
CA TYR I 112 20.82 -0.91 6.90
C TYR I 112 21.65 0.07 6.07
N THR I 113 21.90 -0.34 4.83
CA THR I 113 22.74 0.43 3.89
C THR I 113 22.05 0.75 2.58
N ARG I 114 20.83 0.28 2.39
CA ARG I 114 20.20 0.36 1.07
C ARG I 114 18.99 1.23 1.10
N ILE I 115 18.67 1.89 -0.01
CA ILE I 115 17.51 2.75 -0.08
C ILE I 115 16.19 2.10 0.41
N PRO I 116 15.88 0.89 -0.08
CA PRO I 116 14.63 0.27 0.37
C PRO I 116 14.60 -0.21 1.84
N ASP I 117 15.75 -0.26 2.51
CA ASP I 117 15.79 -0.55 3.94
C ASP I 117 15.19 0.60 4.75
N TYR I 118 15.04 1.80 4.16
CA TYR I 118 14.58 3.01 4.90
C TYR I 118 13.23 3.55 4.40
N PRO I 119 12.15 3.45 5.23
CA PRO I 119 10.84 3.94 4.82
C PRO I 119 10.61 5.47 4.95
N TYR I 120 11.37 6.15 5.78
CA TYR I 120 11.15 7.57 6.06
C TYR I 120 12.36 8.36 5.56
N TRP I 121 12.09 9.46 4.84
CA TRP I 121 13.12 10.26 4.21
C TRP I 121 12.92 11.75 4.49
N GLY I 122 14.05 12.46 4.68
CA GLY I 122 13.98 13.90 4.75
C GLY I 122 14.01 14.44 3.33
N GLN I 123 13.98 15.76 3.25
CA GLN I 123 13.80 16.59 2.04
C GLN I 123 15.16 16.87 1.34
N GLY I 124 16.23 16.69 2.07
CA GLY I 124 17.56 16.80 1.49
C GLY I 124 18.16 18.16 1.71
N THR I 125 19.48 18.20 1.71
CA THR I 125 20.22 19.39 2.07
C THR I 125 21.40 19.49 1.14
N GLN I 126 21.58 20.67 0.52
CA GLN I 126 22.68 20.87 -0.40
C GLN I 126 23.99 21.13 0.30
N VAL I 127 25.00 20.36 -0.08
CA VAL I 127 26.37 20.58 0.35
C VAL I 127 27.28 20.67 -0.89
N THR I 128 27.96 21.79 -0.98
CA THR I 128 28.83 22.03 -2.09
C THR I 128 30.26 22.35 -1.58
N VAL I 129 31.24 21.64 -2.11
CA VAL I 129 32.64 21.79 -1.68
C VAL I 129 33.40 22.34 -2.88
N SER I 130 33.90 23.57 -2.77
CA SER I 130 34.54 24.20 -3.91
C SER I 130 35.94 23.67 -4.01
N SER I 131 36.51 23.76 -5.21
CA SER I 131 37.85 23.22 -5.44
C SER I 131 38.96 24.08 -4.85
N HIS I 132 38.64 25.26 -4.30
CA HIS I 132 39.68 26.08 -3.63
C HIS I 132 39.93 25.56 -2.23
N HIS I 133 41.21 25.46 -1.87
CA HIS I 133 41.61 24.92 -0.55
C HIS I 133 41.64 26.05 0.44
N HIS I 134 41.40 25.72 1.71
CA HIS I 134 41.63 26.69 2.76
C HIS I 134 43.13 27.05 2.83
N LYS J 5 -16.79 29.26 30.07
CA LYS J 5 -16.32 28.24 29.10
C LYS J 5 -16.02 26.91 29.80
N LEU J 6 -16.76 25.90 29.41
CA LEU J 6 -16.57 24.58 29.91
C LEU J 6 -16.49 23.75 28.65
N GLN J 7 -15.32 23.23 28.39
CA GLN J 7 -15.03 22.45 27.19
C GLN J 7 -15.37 20.97 27.45
N GLN J 8 -16.17 20.39 26.55
CA GLN J 8 -16.58 18.98 26.64
C GLN J 8 -15.92 18.11 25.57
N SER J 9 -15.83 16.83 25.86
CA SER J 9 -15.32 15.85 24.91
C SER J 9 -15.80 14.48 25.28
N GLY J 10 -15.63 13.54 24.35
CA GLY J 10 -15.96 12.13 24.60
C GLY J 10 -17.19 11.55 23.90
N GLY J 11 -17.87 12.36 23.10
CA GLY J 11 -19.07 11.90 22.40
C GLY J 11 -18.84 10.74 21.45
N GLY J 12 -19.85 9.90 21.32
CA GLY J 12 -19.67 8.74 20.46
C GLY J 12 -20.90 7.91 20.48
N MET J 13 -20.83 6.78 19.77
CA MET J 13 -21.91 5.84 19.75
C MET J 13 -21.38 4.50 20.28
N VAL J 14 -22.15 3.85 21.14
CA VAL J 14 -21.77 2.58 21.71
C VAL J 14 -22.96 1.62 21.68
N GLN J 15 -22.68 0.41 22.13
CA GLN J 15 -23.66 -0.70 22.20
C GLN J 15 -24.36 -0.70 23.55
N THR J 16 -25.54 -1.31 23.62
CA THR J 16 -26.19 -1.53 24.91
C THR J 16 -25.26 -2.37 25.77
N GLY J 17 -25.03 -1.95 27.00
CA GLY J 17 -24.16 -2.65 27.96
C GLY J 17 -22.73 -2.13 27.97
N ASP J 18 -22.41 -1.21 27.06
CA ASP J 18 -21.07 -0.65 27.03
C ASP J 18 -20.86 0.46 28.06
N SER J 19 -19.60 0.88 28.18
CA SER J 19 -19.20 2.05 28.94
C SER J 19 -18.65 3.14 28.00
N LEU J 20 -18.64 4.35 28.52
CA LEU J 20 -18.13 5.50 27.79
C LEU J 20 -17.96 6.63 28.79
N ARG J 21 -16.97 7.50 28.58
CA ARG J 21 -16.80 8.61 29.47
C ARG J 21 -16.66 9.90 28.75
N LEU J 22 -17.30 10.90 29.33
CA LEU J 22 -17.23 12.27 28.82
C LEU J 22 -16.36 13.03 29.75
N SER J 23 -15.76 14.10 29.25
CA SER J 23 -14.92 14.97 30.07
C SER J 23 -15.34 16.40 29.94
N CYS J 24 -15.14 17.16 31.01
CA CYS J 24 -15.47 18.58 31.02
C CYS J 24 -14.32 19.35 31.63
N VAL J 25 -13.80 20.32 30.92
CA VAL J 25 -12.69 21.10 31.48
C VAL J 25 -13.03 22.57 31.48
N GLY J 26 -12.86 23.22 32.61
CA GLY J 26 -13.18 24.65 32.72
C GLY J 26 -12.00 25.52 32.34
N SER J 27 -12.27 26.66 31.73
CA SER J 27 -11.19 27.61 31.39
C SER J 27 -10.66 28.40 32.60
N ARG J 28 -11.45 28.54 33.67
CA ARG J 28 -10.98 29.07 34.96
C ARG J 28 -10.67 27.97 35.92
N ARG J 29 -9.61 28.11 36.70
CA ARG J 29 -9.28 27.08 37.68
C ARG J 29 -10.45 27.00 38.67
N ALA J 30 -10.91 25.78 38.98
CA ALA J 30 -11.97 25.63 39.98
C ALA J 30 -11.48 26.09 41.32
N LEU J 31 -12.41 26.58 42.14
CA LEU J 31 -12.16 26.92 43.53
C LEU J 31 -12.77 25.86 44.44
N SER J 32 -12.49 25.97 45.74
CA SER J 32 -13.07 25.00 46.70
C SER J 32 -14.59 24.91 46.71
N SER J 33 -15.31 25.98 46.35
CA SER J 33 -16.78 25.93 46.41
C SER J 33 -17.37 25.65 44.99
N THR J 34 -16.50 25.30 44.03
CA THR J 34 -16.96 24.95 42.68
C THR J 34 -17.71 23.63 42.70
N ILE J 35 -18.82 23.60 42.00
CA ILE J 35 -19.56 22.37 41.80
C ILE J 35 -19.72 22.18 40.29
N VAL J 36 -19.51 20.96 39.84
CA VAL J 36 -19.69 20.59 38.45
C VAL J 36 -20.79 19.54 38.33
N GLY J 37 -21.72 19.78 37.42
CA GLY J 37 -22.91 19.00 37.22
C GLY J 37 -23.02 18.55 35.78
N TRP J 38 -23.79 17.49 35.60
CA TRP J 38 -24.11 16.98 34.28
C TRP J 38 -25.62 16.81 34.15
N PHE J 39 -26.10 17.21 32.97
CA PHE J 39 -27.47 17.13 32.59
C PHE J 39 -27.51 16.49 31.21
N ARG J 40 -28.70 16.08 30.81
CA ARG J 40 -28.87 15.53 29.47
C ARG J 40 -30.21 15.83 28.93
N GLN J 41 -30.29 15.88 27.59
CA GLN J 41 -31.54 16.13 26.93
C GLN J 41 -31.61 15.41 25.59
N ILE J 42 -32.68 14.64 25.37
CA ILE J 42 -33.02 14.10 24.04
C ILE J 42 -34.21 14.89 23.48
N PRO J 43 -34.25 15.10 22.14
CA PRO J 43 -35.41 15.80 21.60
C PRO J 43 -36.73 15.13 21.99
N GLY J 44 -37.65 15.97 22.50
CA GLY J 44 -38.98 15.55 22.93
C GLY J 44 -39.07 15.43 24.44
N LYS J 45 -37.94 15.47 25.12
CA LYS J 45 -37.92 15.37 26.57
C LYS J 45 -37.24 16.58 27.18
N GLU J 46 -37.52 16.83 28.45
CA GLU J 46 -36.91 17.94 29.16
C GLU J 46 -35.45 17.60 29.48
N ARG J 47 -34.65 18.65 29.71
CA ARG J 47 -33.27 18.53 30.11
C ARG J 47 -33.30 18.04 31.55
N GLU J 48 -32.63 16.93 31.83
CA GLU J 48 -32.75 16.29 33.14
C GLU J 48 -31.40 16.17 33.80
N PHE J 49 -31.39 16.33 35.12
CA PHE J 49 -30.18 16.20 35.93
C PHE J 49 -29.65 14.77 35.88
N VAL J 50 -28.32 14.60 35.83
CA VAL J 50 -27.71 13.29 35.80
C VAL J 50 -26.89 13.09 37.08
N GLY J 51 -26.04 14.06 37.41
CA GLY J 51 -25.26 13.99 38.65
C GLY J 51 -24.29 15.13 38.78
N GLY J 52 -23.65 15.22 39.95
CA GLY J 52 -22.75 16.30 40.22
C GLY J 52 -21.67 15.91 41.20
N ILE J 53 -20.63 16.74 41.25
CA ILE J 53 -19.47 16.52 42.13
C ILE J 53 -19.10 17.84 42.81
N ALA J 54 -18.71 17.76 44.09
CA ALA J 54 -18.10 18.90 44.76
C ALA J 54 -16.59 18.93 44.55
N TRP J 55 -16.06 20.04 44.02
CA TRP J 55 -14.63 20.10 43.72
C TRP J 55 -13.74 19.90 44.98
N SER J 56 -14.16 20.46 46.09
CA SER J 56 -13.33 20.43 47.32
C SER J 56 -13.24 19.05 47.90
N SER J 57 -14.35 18.35 47.96
CA SER J 57 -14.43 17.05 48.65
C SER J 57 -14.47 15.85 47.68
N SER J 58 -14.85 16.08 46.43
CA SER J 58 -15.16 14.99 45.49
C SER J 58 -16.37 14.15 45.90
N ASP J 59 -17.20 14.65 46.80
CA ASP J 59 -18.50 14.03 47.04
C ASP J 59 -19.35 14.18 45.77
N THR J 60 -20.26 13.23 45.57
CA THR J 60 -21.09 13.20 44.38
C THR J 60 -22.50 12.83 44.76
N TRP J 61 -23.43 13.17 43.89
CA TRP J 61 -24.85 12.85 44.06
C TRP J 61 -25.40 12.62 42.64
N TYR J 62 -26.34 11.68 42.51
CA TYR J 62 -26.83 11.24 41.21
C TYR J 62 -28.35 11.23 41.12
N ALA J 63 -28.90 11.49 39.94
CA ALA J 63 -30.30 11.15 39.73
C ALA J 63 -30.51 9.62 39.96
N ASP J 64 -31.69 9.27 40.47
CA ASP J 64 -32.10 7.86 40.65
C ASP J 64 -31.87 6.98 39.41
N SER J 65 -32.19 7.50 38.23
CA SER J 65 -32.05 6.75 36.97
C SER J 65 -30.63 6.22 36.65
N VAL J 66 -29.59 6.86 37.18
CA VAL J 66 -28.23 6.46 36.83
C VAL J 66 -27.42 6.01 38.01
N LYS J 67 -27.99 6.07 39.20
CA LYS J 67 -27.24 5.77 40.42
C LYS J 67 -26.84 4.30 40.39
N GLY J 68 -25.58 4.02 40.68
CA GLY J 68 -25.04 2.64 40.53
C GLY J 68 -24.50 2.30 39.14
N ARG J 69 -24.71 3.18 38.15
CA ARG J 69 -24.22 2.93 36.78
C ARG J 69 -23.22 3.99 36.33
N PHE J 70 -23.41 5.22 36.78
CA PHE J 70 -22.54 6.33 36.37
C PHE J 70 -21.74 6.81 37.56
N THR J 71 -20.50 7.19 37.29
CA THR J 71 -19.60 7.77 38.28
C THR J 71 -18.95 9.02 37.73
N ILE J 72 -18.98 10.09 38.50
CA ILE J 72 -18.25 11.29 38.18
C ILE J 72 -16.98 11.35 39.01
N SER J 73 -15.85 11.57 38.35
CA SER J 73 -14.58 11.75 39.02
C SER J 73 -13.94 13.12 38.74
N LYS J 74 -13.14 13.55 39.73
CA LYS J 74 -12.38 14.78 39.69
C LYS J 74 -11.06 14.53 38.96
N ASP J 75 -10.58 15.52 38.21
CA ASP J 75 -9.28 15.43 37.57
C ASP J 75 -8.56 16.75 37.87
N ASP J 76 -7.85 16.73 38.98
CA ASP J 76 -7.35 17.95 39.57
C ASP J 76 -6.38 18.63 38.63
N ALA J 77 -5.47 17.82 38.07
CA ALA J 77 -4.39 18.31 37.22
C ALA J 77 -4.92 18.99 35.98
N ALA J 78 -5.90 18.36 35.35
CA ALA J 78 -6.51 18.86 34.13
C ALA J 78 -7.61 19.90 34.35
N ASN J 79 -7.89 20.23 35.61
CA ASN J 79 -9.00 21.11 35.93
C ASN J 79 -10.33 20.63 35.31
N GLY J 80 -10.53 19.32 35.33
CA GLY J 80 -11.73 18.77 34.73
C GLY J 80 -12.37 17.70 35.57
N VAL J 81 -13.48 17.21 35.02
CA VAL J 81 -14.22 16.14 35.62
C VAL J 81 -14.56 15.18 34.51
N HIS J 82 -14.66 13.90 34.83
CA HIS J 82 -15.12 12.92 33.86
C HIS J 82 -16.42 12.30 34.36
N LEU J 83 -17.40 12.20 33.47
CA LEU J 83 -18.59 11.41 33.69
C LEU J 83 -18.44 10.04 33.07
N GLN J 84 -18.26 9.01 33.89
CA GLN J 84 -18.05 7.63 33.43
C GLN J 84 -19.31 6.82 33.58
N MET J 85 -19.85 6.40 32.44
CA MET J 85 -21.14 5.77 32.34
C MET J 85 -20.94 4.32 32.04
N SER J 86 -21.70 3.46 32.72
CA SER J 86 -21.68 2.05 32.46
C SER J 86 -23.07 1.48 32.40
N SER J 87 -23.16 0.23 31.96
CA SER J 87 -24.45 -0.43 31.74
C SER J 87 -25.38 0.49 30.96
N LEU J 88 -24.82 1.08 29.91
CA LEU J 88 -25.55 2.02 29.10
C LEU J 88 -26.70 1.32 28.39
N LYS J 89 -27.84 2.00 28.32
CA LYS J 89 -28.99 1.52 27.59
C LYS J 89 -29.52 2.57 26.62
N PRO J 90 -30.38 2.15 25.68
CA PRO J 90 -30.89 3.12 24.71
C PRO J 90 -31.52 4.36 25.33
N GLU J 91 -32.16 4.18 26.50
CA GLU J 91 -32.70 5.26 27.33
C GLU J 91 -31.68 6.35 27.74
N ASP J 92 -30.38 6.05 27.66
CA ASP J 92 -29.31 7.01 28.04
C ASP J 92 -28.89 7.89 26.86
N THR J 93 -29.41 7.56 25.69
CA THR J 93 -29.20 8.39 24.50
C THR J 93 -29.67 9.81 24.74
N ALA J 94 -28.77 10.77 24.54
CA ALA J 94 -29.07 12.16 24.82
C ALA J 94 -27.87 13.03 24.53
N VAL J 95 -28.11 14.35 24.47
CA VAL J 95 -27.01 15.35 24.44
C VAL J 95 -26.66 15.63 25.91
N TYR J 96 -25.41 15.43 26.26
CA TYR J 96 -24.98 15.57 27.67
C TYR J 96 -24.32 16.91 27.82
N TYR J 97 -24.65 17.62 28.88
CA TYR J 97 -24.14 18.96 29.13
C TYR J 97 -23.44 18.99 30.47
N CYS J 98 -22.20 19.46 30.45
CA CYS J 98 -21.47 19.94 31.61
C CYS J 98 -22.02 21.28 32.12
N ALA J 99 -21.94 21.54 33.41
CA ALA J 99 -22.33 22.86 33.93
C ALA J 99 -21.62 23.09 35.21
N SER J 100 -21.36 24.33 35.58
CA SER J 100 -20.80 24.52 36.94
C SER J 100 -21.44 25.68 37.66
N ALA J 101 -21.10 25.81 38.95
CA ALA J 101 -21.78 26.75 39.83
C ALA J 101 -20.90 26.96 41.06
N LEU J 102 -21.15 28.02 41.82
CA LEU J 102 -20.46 28.20 43.12
C LEU J 102 -21.43 27.91 44.25
N ARG J 103 -21.10 26.94 45.11
CA ARG J 103 -21.99 26.51 46.20
C ARG J 103 -22.32 27.65 47.15
N ARG J 104 -23.58 27.90 47.36
CA ARG J 104 -24.00 28.94 48.29
C ARG J 104 -23.77 28.48 49.72
N PRO J 105 -23.32 29.38 50.60
CA PRO J 105 -23.21 29.02 52.02
C PRO J 105 -24.52 28.49 52.60
N GLY J 106 -24.42 27.52 53.51
CA GLY J 106 -25.62 26.90 54.07
C GLY J 106 -26.35 25.87 53.18
N SER J 107 -25.91 25.69 51.94
CA SER J 107 -26.43 24.60 51.09
C SER J 107 -25.57 23.35 51.22
N ASP J 108 -26.17 22.18 51.04
CA ASP J 108 -25.42 20.97 50.83
C ASP J 108 -25.08 20.99 49.35
N ALA J 109 -23.88 20.56 48.95
CA ALA J 109 -23.56 20.52 47.51
C ALA J 109 -24.61 19.71 46.73
N SER J 110 -25.12 18.62 47.32
CA SER J 110 -26.18 17.80 46.66
C SER J 110 -27.52 18.49 46.51
N ASP J 111 -27.63 19.73 46.97
CA ASP J 111 -28.78 20.54 46.62
C ASP J 111 -28.71 20.99 45.15
N TYR J 112 -27.54 20.88 44.51
CA TYR J 112 -27.34 21.43 43.17
C TYR J 112 -27.79 20.43 42.10
N THR J 113 -29.10 20.42 41.85
CA THR J 113 -29.72 19.44 40.97
C THR J 113 -30.62 20.03 39.89
N ARG J 114 -30.79 21.34 39.88
CA ARG J 114 -31.73 21.99 38.98
C ARG J 114 -31.03 22.92 38.02
N ILE J 115 -31.64 23.10 36.84
CA ILE J 115 -31.04 23.92 35.84
C ILE J 115 -30.64 25.33 36.34
N PRO J 116 -31.56 26.06 37.00
CA PRO J 116 -31.27 27.39 37.47
C PRO J 116 -30.18 27.44 38.55
N ASP J 117 -29.81 26.30 39.16
CA ASP J 117 -28.72 26.28 40.16
C ASP J 117 -27.36 26.53 39.51
N TYR J 118 -27.25 26.35 38.18
CA TYR J 118 -25.97 26.37 37.46
C TYR J 118 -25.93 27.51 36.46
N PRO J 119 -25.02 28.50 36.66
CA PRO J 119 -24.90 29.62 35.73
C PRO J 119 -24.06 29.37 34.48
N TYR J 120 -23.11 28.43 34.55
CA TYR J 120 -22.19 28.16 33.45
C TYR J 120 -22.53 26.79 32.81
N TRP J 121 -22.63 26.76 31.49
CA TRP J 121 -22.95 25.57 30.71
C TRP J 121 -21.95 25.31 29.60
N GLY J 122 -21.64 24.04 29.38
CA GLY J 122 -20.87 23.65 28.21
C GLY J 122 -21.79 23.57 27.00
N GLN J 123 -21.20 23.21 25.87
CA GLN J 123 -21.84 23.19 24.53
C GLN J 123 -22.66 21.91 24.26
N GLY J 124 -22.37 20.83 24.98
CA GLY J 124 -23.15 19.61 24.82
C GLY J 124 -22.44 18.61 23.94
N THR J 125 -22.68 17.33 24.23
CA THR J 125 -21.95 16.23 23.64
C THR J 125 -22.94 15.14 23.41
N GLN J 126 -22.98 14.59 22.19
CA GLN J 126 -23.91 13.52 21.83
C GLN J 126 -23.40 12.17 22.26
N VAL J 127 -24.27 11.42 22.93
CA VAL J 127 -24.04 10.03 23.28
C VAL J 127 -25.24 9.22 22.78
N THR J 128 -24.96 8.22 21.97
CA THR J 128 -26.01 7.43 21.41
C THR J 128 -25.75 5.96 21.73
N VAL J 129 -26.73 5.32 22.33
CA VAL J 129 -26.66 3.91 22.66
C VAL J 129 -27.57 3.13 21.74
N SER J 130 -26.99 2.26 20.91
CA SER J 130 -27.75 1.52 19.94
C SER J 130 -28.40 0.34 20.65
N SER J 131 -29.53 -0.10 20.11
CA SER J 131 -30.28 -1.20 20.68
C SER J 131 -29.54 -2.54 20.61
N HIS J 132 -28.46 -2.64 19.82
CA HIS J 132 -27.65 -3.86 19.75
C HIS J 132 -26.74 -4.02 20.95
N HIS J 133 -26.73 -5.23 21.51
CA HIS J 133 -25.96 -5.52 22.71
C HIS J 133 -24.60 -5.98 22.25
N HIS J 134 -23.61 -5.87 23.12
CA HIS J 134 -22.28 -6.41 22.81
C HIS J 134 -22.26 -7.95 22.85
N LYS K 5 -0.23 -40.63 -9.60
CA LYS K 5 -1.59 -40.31 -9.09
C LYS K 5 -1.59 -40.18 -7.56
N LEU K 6 -2.15 -39.08 -7.11
CA LEU K 6 -2.35 -38.83 -5.72
C LEU K 6 -3.83 -38.66 -5.67
N GLN K 7 -4.54 -39.61 -5.11
CA GLN K 7 -5.99 -39.56 -5.01
C GLN K 7 -6.39 -38.79 -3.75
N GLN K 8 -7.27 -37.81 -3.88
CA GLN K 8 -7.75 -37.07 -2.73
C GLN K 8 -9.21 -37.35 -2.44
N SER K 9 -9.57 -37.07 -1.19
CA SER K 9 -10.95 -37.17 -0.77
C SER K 9 -11.18 -36.36 0.51
N GLY K 10 -12.45 -36.20 0.88
CA GLY K 10 -12.86 -35.51 2.11
C GLY K 10 -13.41 -34.09 1.98
N GLY K 11 -13.61 -33.64 0.74
CA GLY K 11 -14.15 -32.31 0.52
C GLY K 11 -15.56 -32.11 1.06
N GLY K 12 -15.87 -30.87 1.40
CA GLY K 12 -17.14 -30.60 1.99
C GLY K 12 -17.26 -29.16 2.41
N MET K 13 -18.38 -28.90 3.04
CA MET K 13 -18.70 -27.60 3.55
C MET K 13 -18.96 -27.74 5.06
N VAL K 14 -18.41 -26.81 5.83
CA VAL K 14 -18.59 -26.85 7.25
C VAL K 14 -18.81 -25.42 7.76
N GLN K 15 -19.15 -25.34 9.04
CA GLN K 15 -19.34 -24.08 9.76
C GLN K 15 -17.99 -23.52 10.32
N THR K 16 -17.95 -22.24 10.61
CA THR K 16 -16.82 -21.64 11.32
C THR K 16 -16.67 -22.33 12.67
N GLY K 17 -15.43 -22.73 13.01
CA GLY K 17 -15.12 -23.48 14.24
C GLY K 17 -15.12 -24.99 14.06
N ASP K 18 -15.67 -25.48 12.96
CA ASP K 18 -15.68 -26.94 12.75
C ASP K 18 -14.33 -27.54 12.38
N SER K 19 -14.29 -28.87 12.36
CA SER K 19 -13.12 -29.62 11.88
C SER K 19 -13.51 -30.44 10.66
N LEU K 20 -12.50 -30.80 9.87
CA LEU K 20 -12.69 -31.60 8.66
C LEU K 20 -11.35 -32.20 8.30
N ARG K 21 -11.35 -33.38 7.71
CA ARG K 21 -10.11 -33.94 7.20
C ARG K 21 -10.13 -34.40 5.76
N LEU K 22 -9.03 -34.10 5.12
CA LEU K 22 -8.79 -34.49 3.77
C LEU K 22 -7.85 -35.63 3.79
N SER K 23 -7.91 -36.45 2.76
CA SER K 23 -6.98 -37.55 2.65
C SER K 23 -6.36 -37.56 1.27
N CYS K 24 -5.15 -38.09 1.21
CA CYS K 24 -4.41 -38.25 -0.02
C CYS K 24 -3.71 -39.60 -0.01
N VAL K 25 -3.96 -40.42 -1.04
CA VAL K 25 -3.34 -41.76 -1.16
C VAL K 25 -2.57 -41.87 -2.45
N GLY K 26 -1.28 -42.21 -2.33
CA GLY K 26 -0.44 -42.39 -3.51
C GLY K 26 -0.67 -43.76 -4.16
N SER K 27 -0.67 -43.81 -5.49
CA SER K 27 -0.73 -45.12 -6.20
C SER K 27 0.59 -45.90 -6.13
N ARG K 28 1.73 -45.23 -6.02
CA ARG K 28 3.00 -45.88 -5.71
C ARG K 28 3.23 -45.88 -4.21
N ARG K 29 3.75 -46.96 -3.70
CA ARG K 29 4.11 -47.01 -2.29
C ARG K 29 5.15 -45.93 -2.01
N ALA K 30 5.00 -45.25 -0.87
CA ALA K 30 5.95 -44.23 -0.46
C ALA K 30 7.25 -44.87 -0.05
N LEU K 31 8.34 -44.15 -0.25
CA LEU K 31 9.67 -44.59 0.16
C LEU K 31 10.09 -43.74 1.36
N SER K 32 11.24 -44.07 1.95
CA SER K 32 11.68 -43.39 3.14
C SER K 32 12.02 -41.90 2.90
N SER K 33 12.46 -41.50 1.72
CA SER K 33 12.66 -40.06 1.51
C SER K 33 11.46 -39.36 0.81
N THR K 34 10.29 -40.01 0.82
CA THR K 34 9.06 -39.40 0.28
C THR K 34 8.56 -38.29 1.21
N ILE K 35 8.20 -37.14 0.62
CA ILE K 35 7.58 -36.05 1.33
C ILE K 35 6.19 -35.81 0.72
N VAL K 36 5.20 -35.56 1.59
CA VAL K 36 3.86 -35.22 1.16
C VAL K 36 3.50 -33.84 1.69
N GLY K 37 3.04 -32.96 0.79
CA GLY K 37 2.66 -31.63 1.15
C GLY K 37 1.25 -31.31 0.76
N TRP K 38 0.75 -30.24 1.35
CA TRP K 38 -0.56 -29.71 1.04
C TRP K 38 -0.40 -28.25 0.70
N PHE K 39 -1.07 -27.88 -0.38
CA PHE K 39 -1.26 -26.50 -0.79
C PHE K 39 -2.75 -26.16 -0.94
N ARG K 40 -3.08 -24.88 -1.00
CA ARG K 40 -4.45 -24.46 -1.22
C ARG K 40 -4.51 -23.20 -2.07
N GLN K 41 -5.63 -23.08 -2.79
CA GLN K 41 -5.81 -21.94 -3.68
C GLN K 41 -7.28 -21.61 -3.78
N ILE K 42 -7.62 -20.34 -3.49
CA ILE K 42 -8.97 -19.80 -3.77
C ILE K 42 -8.84 -18.87 -5.00
N PRO K 43 -9.87 -18.81 -5.87
CA PRO K 43 -9.76 -17.91 -7.03
C PRO K 43 -9.44 -16.46 -6.63
N GLY K 44 -8.44 -15.88 -7.27
CA GLY K 44 -8.04 -14.50 -6.98
C GLY K 44 -6.77 -14.40 -6.15
N LYS K 45 -6.32 -15.52 -5.57
CA LYS K 45 -5.11 -15.58 -4.81
C LYS K 45 -4.20 -16.65 -5.38
N GLU K 46 -2.92 -16.57 -5.00
CA GLU K 46 -1.90 -17.55 -5.35
C GLU K 46 -2.08 -18.84 -4.57
N ARG K 47 -1.60 -19.91 -5.17
CA ARG K 47 -1.61 -21.19 -4.51
C ARG K 47 -0.59 -21.09 -3.41
N GLU K 48 -0.97 -21.43 -2.19
CA GLU K 48 -0.13 -21.21 -1.02
C GLU K 48 0.16 -22.50 -0.27
N PHE K 49 1.34 -22.58 0.35
CA PHE K 49 1.75 -23.75 1.12
C PHE K 49 0.96 -23.86 2.42
N VAL K 50 0.53 -25.06 2.77
CA VAL K 50 -0.22 -25.28 4.00
C VAL K 50 0.64 -26.04 5.02
N GLY K 51 1.20 -27.17 4.58
CA GLY K 51 2.03 -28.00 5.43
C GLY K 51 2.47 -29.26 4.74
N GLY K 52 3.41 -29.95 5.38
CA GLY K 52 4.03 -31.09 4.80
C GLY K 52 4.42 -32.11 5.86
N ILE K 53 4.65 -33.35 5.44
CA ILE K 53 5.05 -34.45 6.36
C ILE K 53 6.14 -35.27 5.68
N ALA K 54 7.12 -35.71 6.45
CA ALA K 54 8.11 -36.63 5.96
C ALA K 54 7.68 -38.05 6.26
N TRP K 55 7.60 -38.87 5.23
CA TRP K 55 7.11 -40.22 5.39
C TRP K 55 7.92 -41.11 6.36
N SER K 56 9.23 -40.98 6.35
CA SER K 56 10.03 -41.85 7.21
C SER K 56 9.91 -41.55 8.68
N SER K 57 9.86 -40.27 9.03
CA SER K 57 9.90 -39.82 10.44
C SER K 57 8.55 -39.34 10.99
N SER K 58 7.64 -38.96 10.11
CA SER K 58 6.38 -38.27 10.50
C SER K 58 6.59 -36.83 11.00
N ASP K 59 7.76 -36.25 10.75
CA ASP K 59 8.03 -34.86 11.09
C ASP K 59 7.16 -34.01 10.21
N THR K 60 6.62 -32.92 10.75
CA THR K 60 5.72 -32.04 10.03
C THR K 60 6.19 -30.58 10.13
N TRP K 61 5.76 -29.77 9.17
CA TRP K 61 6.06 -28.34 9.17
C TRP K 61 4.86 -27.64 8.50
N TYR K 62 4.48 -26.48 9.00
CA TYR K 62 3.21 -25.82 8.62
C TYR K 62 3.49 -24.38 8.21
N ALA K 63 2.64 -23.80 7.36
CA ALA K 63 2.65 -22.36 7.14
C ALA K 63 2.20 -21.70 8.43
N ASP K 64 2.68 -20.47 8.67
CA ASP K 64 2.25 -19.69 9.84
C ASP K 64 0.74 -19.61 10.02
N SER K 65 0.03 -19.36 8.93
CA SER K 65 -1.43 -19.26 8.93
C SER K 65 -2.20 -20.43 9.58
N VAL K 66 -1.68 -21.63 9.50
CA VAL K 66 -2.41 -22.78 9.99
C VAL K 66 -1.75 -23.48 11.16
N LYS K 67 -0.61 -22.96 11.59
CA LYS K 67 0.14 -23.58 12.70
C LYS K 67 -0.75 -23.52 13.94
N GLY K 68 -0.86 -24.64 14.67
CA GLY K 68 -1.73 -24.72 15.84
C GLY K 68 -3.13 -25.25 15.59
N ARG K 69 -3.60 -25.21 14.33
CA ARG K 69 -4.98 -25.54 13.96
C ARG K 69 -5.09 -26.81 13.06
N PHE K 70 -4.10 -26.99 12.17
CA PHE K 70 -4.05 -28.10 11.24
C PHE K 70 -2.96 -29.10 11.64
N THR K 71 -3.24 -30.39 11.45
CA THR K 71 -2.26 -31.47 11.68
C THR K 71 -2.29 -32.42 10.51
N ILE K 72 -1.10 -32.73 9.99
CA ILE K 72 -0.94 -33.78 9.01
C ILE K 72 -0.49 -35.07 9.69
N SER K 73 -1.17 -36.16 9.39
CA SER K 73 -0.78 -37.45 9.93
C SER K 73 -0.62 -38.53 8.84
N LYS K 74 0.24 -39.48 9.15
CA LYS K 74 0.66 -40.54 8.26
C LYS K 74 -0.24 -41.73 8.51
N ASP K 75 -0.64 -42.43 7.45
CA ASP K 75 -1.37 -43.66 7.58
C ASP K 75 -0.64 -44.69 6.73
N ASP K 76 0.26 -45.42 7.39
CA ASP K 76 1.21 -46.26 6.67
C ASP K 76 0.47 -47.36 5.93
N ALA K 77 -0.56 -47.93 6.54
CA ALA K 77 -1.33 -49.02 5.97
C ALA K 77 -2.02 -48.62 4.68
N ALA K 78 -2.62 -47.43 4.69
CA ALA K 78 -3.30 -46.90 3.53
C ALA K 78 -2.37 -46.26 2.48
N ASN K 79 -1.06 -46.25 2.73
CA ASN K 79 -0.12 -45.48 1.92
C ASN K 79 -0.65 -44.05 1.70
N GLY K 80 -1.21 -43.46 2.74
CA GLY K 80 -1.76 -42.12 2.59
C GLY K 80 -1.47 -41.21 3.75
N VAL K 81 -1.87 -39.95 3.59
CA VAL K 81 -1.77 -38.99 4.66
C VAL K 81 -3.09 -38.28 4.86
N HIS K 82 -3.31 -37.79 6.08
CA HIS K 82 -4.53 -37.05 6.36
C HIS K 82 -4.19 -35.64 6.77
N LEU K 83 -4.87 -34.67 6.15
CA LEU K 83 -4.81 -33.29 6.61
C LEU K 83 -6.02 -33.01 7.49
N GLN K 84 -5.79 -32.93 8.79
CA GLN K 84 -6.84 -32.62 9.74
C GLN K 84 -6.84 -31.17 10.17
N MET K 85 -7.95 -30.50 9.86
CA MET K 85 -8.09 -29.07 10.01
C MET K 85 -9.05 -28.84 11.12
N SER K 86 -8.70 -27.94 12.02
CA SER K 86 -9.57 -27.53 13.11
C SER K 86 -9.60 -26.04 13.20
N SER K 87 -10.55 -25.54 14.00
CA SER K 87 -10.76 -24.13 14.14
C SER K 87 -10.85 -23.47 12.77
N LEU K 88 -11.63 -24.09 11.89
CA LEU K 88 -11.77 -23.60 10.52
C LEU K 88 -12.46 -22.23 10.47
N LYS K 89 -11.99 -21.40 9.53
CA LYS K 89 -12.43 -20.04 9.40
C LYS K 89 -12.79 -19.85 7.91
N PRO K 90 -13.65 -18.86 7.59
CA PRO K 90 -13.94 -18.53 6.20
C PRO K 90 -12.69 -18.33 5.34
N GLU K 91 -11.63 -17.81 5.92
CA GLU K 91 -10.41 -17.57 5.17
C GLU K 91 -9.62 -18.88 4.82
N ASP K 92 -10.06 -20.02 5.36
CA ASP K 92 -9.54 -21.33 5.01
C ASP K 92 -10.23 -21.93 3.76
N THR K 93 -11.28 -21.27 3.29
CA THR K 93 -11.96 -21.73 2.11
C THR K 93 -11.00 -21.75 0.91
N ALA K 94 -10.91 -22.89 0.25
CA ALA K 94 -9.98 -23.07 -0.85
C ALA K 94 -10.11 -24.43 -1.48
N VAL K 95 -9.49 -24.57 -2.64
CA VAL K 95 -9.24 -25.89 -3.24
C VAL K 95 -7.92 -26.33 -2.63
N TYR K 96 -7.95 -27.49 -2.00
CA TYR K 96 -6.75 -28.03 -1.35
C TYR K 96 -6.12 -29.09 -2.23
N TYR K 97 -4.80 -29.04 -2.40
CA TYR K 97 -4.03 -29.97 -3.24
C TYR K 97 -3.02 -30.71 -2.43
N CYS K 98 -3.00 -32.04 -2.61
CA CYS K 98 -1.96 -32.93 -2.14
C CYS K 98 -0.84 -32.86 -3.16
N ALA K 99 0.38 -33.03 -2.72
CA ALA K 99 1.53 -33.10 -3.61
C ALA K 99 2.61 -33.92 -2.95
N SER K 100 3.44 -34.55 -3.79
CA SER K 100 4.51 -35.42 -3.31
C SER K 100 5.84 -35.09 -3.99
N ALA K 101 6.94 -35.50 -3.35
CA ALA K 101 8.27 -35.15 -3.80
C ALA K 101 9.23 -36.13 -3.15
N LEU K 102 10.43 -36.21 -3.70
CA LEU K 102 11.51 -37.02 -3.11
C LEU K 102 12.56 -36.11 -2.51
N ARG K 103 12.82 -36.26 -1.22
CA ARG K 103 13.71 -35.35 -0.50
C ARG K 103 15.16 -35.44 -1.01
N ARG K 104 15.66 -34.28 -1.38
CA ARG K 104 16.98 -34.04 -1.99
C ARG K 104 18.04 -34.23 -0.86
N PRO K 105 19.12 -34.96 -1.12
CA PRO K 105 20.03 -35.14 0.03
C PRO K 105 20.64 -33.80 0.45
N GLY K 106 20.97 -33.64 1.72
CA GLY K 106 21.46 -32.33 2.19
C GLY K 106 20.41 -31.23 2.37
N SER K 107 19.13 -31.53 2.11
CA SER K 107 18.05 -30.61 2.43
C SER K 107 17.29 -31.15 3.66
N ASP K 108 16.88 -30.23 4.52
CA ASP K 108 15.93 -30.50 5.58
C ASP K 108 14.56 -30.78 4.95
N ALA K 109 13.79 -31.74 5.46
CA ALA K 109 12.48 -32.02 4.89
C ALA K 109 11.60 -30.75 4.82
N SER K 110 11.71 -29.92 5.85
CA SER K 110 10.93 -28.70 6.01
C SER K 110 11.29 -27.58 5.04
N ASP K 111 12.30 -27.79 4.20
CA ASP K 111 12.59 -26.89 3.10
C ASP K 111 11.54 -27.08 2.00
N TYR K 112 10.80 -28.19 1.99
CA TYR K 112 9.85 -28.48 0.93
C TYR K 112 8.53 -27.66 1.12
N THR K 113 8.61 -26.40 0.77
CA THR K 113 7.51 -25.48 0.98
C THR K 113 7.07 -24.78 -0.28
N ARG K 114 7.75 -24.99 -1.40
CA ARG K 114 7.40 -24.25 -2.62
C ARG K 114 6.77 -25.17 -3.66
N ILE K 115 5.93 -24.59 -4.50
CA ILE K 115 5.41 -25.31 -5.63
C ILE K 115 6.43 -26.11 -6.46
N PRO K 116 7.50 -25.47 -6.95
CA PRO K 116 8.46 -26.23 -7.77
C PRO K 116 9.26 -27.35 -7.07
N ASP K 117 9.19 -27.41 -5.74
CA ASP K 117 9.77 -28.49 -4.96
C ASP K 117 9.02 -29.79 -5.16
N TYR K 118 7.81 -29.75 -5.72
CA TYR K 118 6.96 -30.94 -5.76
C TYR K 118 6.60 -31.28 -7.20
N PRO K 119 7.08 -32.43 -7.73
CA PRO K 119 6.71 -32.84 -9.08
C PRO K 119 5.33 -33.51 -9.25
N TYR K 120 4.74 -34.04 -8.18
CA TYR K 120 3.54 -34.83 -8.29
C TYR K 120 2.40 -34.09 -7.59
N TRP K 121 1.25 -34.00 -8.24
CA TRP K 121 0.09 -33.19 -7.70
C TRP K 121 -1.20 -33.96 -7.82
N GLY K 122 -2.05 -33.84 -6.79
CA GLY K 122 -3.42 -34.31 -6.87
C GLY K 122 -4.25 -33.31 -7.63
N GLN K 123 -5.51 -33.66 -7.85
CA GLN K 123 -6.42 -32.89 -8.69
C GLN K 123 -7.18 -31.85 -7.84
N GLY K 124 -7.07 -31.94 -6.52
CA GLY K 124 -7.61 -30.89 -5.65
C GLY K 124 -8.99 -31.21 -5.10
N THR K 125 -9.30 -30.62 -3.96
CA THR K 125 -10.50 -30.92 -3.22
C THR K 125 -11.00 -29.63 -2.61
N GLN K 126 -12.30 -29.39 -2.78
CA GLN K 126 -12.93 -28.17 -2.35
C GLN K 126 -13.28 -28.26 -0.89
N VAL K 127 -12.87 -27.22 -0.18
CA VAL K 127 -13.24 -27.04 1.22
C VAL K 127 -13.79 -25.64 1.43
N THR K 128 -15.03 -25.59 1.92
CA THR K 128 -15.68 -24.32 2.10
C THR K 128 -16.16 -24.17 3.53
N VAL K 129 -15.76 -23.05 4.13
CA VAL K 129 -16.12 -22.76 5.50
C VAL K 129 -17.06 -21.60 5.51
N SER K 130 -18.32 -21.88 5.87
CA SER K 130 -19.33 -20.84 5.90
C SER K 130 -19.10 -19.94 7.10
N SER K 131 -19.57 -18.70 7.00
CA SER K 131 -19.47 -17.73 8.10
C SER K 131 -20.35 -18.03 9.31
N HIS K 132 -21.29 -18.97 9.19
CA HIS K 132 -22.14 -19.33 10.33
C HIS K 132 -21.36 -20.17 11.33
N HIS K 133 -21.51 -19.87 12.61
CA HIS K 133 -20.82 -20.65 13.65
C HIS K 133 -21.71 -21.81 14.06
N HIS K 134 -21.08 -22.91 14.50
CA HIS K 134 -21.82 -24.03 15.11
C HIS K 134 -22.51 -23.63 16.41
N LYS L 5 -31.81 -42.33 -9.32
CA LYS L 5 -30.43 -41.77 -9.36
C LYS L 5 -30.37 -40.55 -10.32
N LEU L 6 -29.78 -39.46 -9.81
CA LEU L 6 -29.62 -38.19 -10.53
C LEU L 6 -28.16 -37.81 -10.45
N GLN L 7 -27.42 -37.97 -11.54
CA GLN L 7 -25.96 -37.73 -11.53
C GLN L 7 -25.68 -36.25 -11.73
N GLN L 8 -24.94 -35.67 -10.81
CA GLN L 8 -24.63 -34.25 -10.94
C GLN L 8 -23.17 -34.05 -11.35
N SER L 9 -22.90 -32.93 -12.00
CA SER L 9 -21.52 -32.52 -12.35
C SER L 9 -21.43 -30.96 -12.44
N GLY L 10 -20.20 -30.44 -12.52
CA GLY L 10 -19.98 -29.01 -12.77
C GLY L 10 -19.44 -28.19 -11.61
N GLY L 11 -19.24 -28.81 -10.47
CA GLY L 11 -18.81 -28.06 -9.28
C GLY L 11 -17.43 -27.48 -9.43
N GLY L 12 -17.20 -26.40 -8.71
CA GLY L 12 -15.88 -25.80 -8.64
C GLY L 12 -15.92 -24.48 -7.92
N MET L 13 -14.83 -23.73 -7.95
CA MET L 13 -14.82 -22.36 -7.41
C MET L 13 -14.61 -21.36 -8.54
N VAL L 14 -15.27 -20.21 -8.42
CA VAL L 14 -15.18 -19.13 -9.38
C VAL L 14 -14.99 -17.79 -8.66
N GLN L 15 -14.83 -16.74 -9.45
CA GLN L 15 -14.71 -15.38 -8.94
C GLN L 15 -16.09 -14.78 -8.84
N THR L 16 -16.22 -13.75 -8.00
CA THR L 16 -17.43 -12.94 -8.03
C THR L 16 -17.58 -12.38 -9.45
N GLY L 17 -18.80 -12.40 -9.92
CA GLY L 17 -19.12 -11.96 -11.29
C GLY L 17 -18.93 -13.02 -12.36
N ASP L 18 -18.41 -14.19 -12.01
CA ASP L 18 -18.24 -15.27 -13.00
C ASP L 18 -19.55 -16.01 -13.25
N SER L 19 -19.55 -16.87 -14.26
CA SER L 19 -20.64 -17.82 -14.48
C SER L 19 -20.11 -19.23 -14.31
N LEU L 20 -21.05 -20.15 -14.08
CA LEU L 20 -20.76 -21.55 -13.92
C LEU L 20 -22.00 -22.32 -14.26
N ARG L 21 -21.83 -23.50 -14.86
CA ARG L 21 -22.93 -24.37 -15.22
C ARG L 21 -22.85 -25.71 -14.47
N LEU L 22 -23.95 -26.11 -13.82
CA LEU L 22 -24.08 -27.44 -13.21
C LEU L 22 -24.98 -28.31 -14.07
N SER L 23 -24.72 -29.62 -14.07
CA SER L 23 -25.51 -30.55 -14.86
C SER L 23 -26.14 -31.62 -13.99
N CYS L 24 -27.31 -32.04 -14.41
CA CYS L 24 -28.02 -33.12 -13.78
C CYS L 24 -28.50 -34.06 -14.85
N VAL L 25 -28.16 -35.35 -14.69
CA VAL L 25 -28.53 -36.39 -15.68
C VAL L 25 -29.21 -37.52 -14.93
N GLY L 26 -30.41 -37.89 -15.39
CA GLY L 26 -31.24 -38.83 -14.67
C GLY L 26 -30.87 -40.23 -15.08
N SER L 27 -30.97 -41.19 -14.16
CA SER L 27 -30.65 -42.58 -14.49
C SER L 27 -31.74 -43.27 -15.29
N ARG L 28 -32.88 -42.62 -15.47
CA ARG L 28 -33.89 -43.16 -16.33
C ARG L 28 -34.37 -42.02 -17.20
N ARG L 29 -34.83 -42.34 -18.41
CA ARG L 29 -35.24 -41.31 -19.36
C ARG L 29 -36.42 -40.57 -18.77
N ALA L 30 -36.41 -39.25 -18.97
CA ALA L 30 -37.47 -38.36 -18.56
C ALA L 30 -38.63 -38.53 -19.48
N LEU L 31 -39.84 -38.20 -19.02
CA LEU L 31 -41.05 -38.15 -19.87
C LEU L 31 -41.72 -36.80 -19.81
N SER L 32 -42.79 -36.61 -20.57
CA SER L 32 -43.44 -35.31 -20.67
C SER L 32 -43.79 -34.59 -19.34
N SER L 33 -44.10 -35.36 -18.31
CA SER L 33 -44.50 -34.77 -17.02
C SER L 33 -43.33 -34.69 -16.03
N THR L 34 -42.13 -35.07 -16.46
CA THR L 34 -40.98 -34.98 -15.55
C THR L 34 -40.63 -33.50 -15.26
N ILE L 35 -40.28 -33.20 -14.01
CA ILE L 35 -39.81 -31.87 -13.63
C ILE L 35 -38.46 -32.02 -12.95
N VAL L 36 -37.55 -31.10 -13.24
CA VAL L 36 -36.26 -31.12 -12.61
C VAL L 36 -36.07 -29.77 -11.95
N GLY L 37 -35.72 -29.83 -10.68
CA GLY L 37 -35.52 -28.63 -9.89
C GLY L 37 -34.15 -28.57 -9.24
N TRP L 38 -33.79 -27.35 -8.85
CA TRP L 38 -32.52 -27.09 -8.16
C TRP L 38 -32.76 -26.40 -6.82
N PHE L 39 -32.03 -26.88 -5.81
CA PHE L 39 -32.05 -26.34 -4.47
C PHE L 39 -30.60 -26.11 -4.09
N ARG L 40 -30.40 -25.31 -3.07
CA ARG L 40 -29.07 -25.16 -2.51
C ARG L 40 -29.12 -25.03 -1.01
N GLN L 41 -28.01 -25.38 -0.37
CA GLN L 41 -27.87 -25.28 1.06
C GLN L 41 -26.41 -24.95 1.45
N ILE L 42 -26.26 -23.96 2.34
CA ILE L 42 -24.97 -23.66 2.97
C ILE L 42 -25.12 -24.02 4.44
N PRO L 43 -24.06 -24.58 5.06
CA PRO L 43 -24.26 -24.90 6.48
C PRO L 43 -24.75 -23.70 7.31
N GLY L 44 -25.76 -23.90 8.13
CA GLY L 44 -26.28 -22.81 8.97
C GLY L 44 -27.55 -22.18 8.40
N LYS L 45 -27.89 -22.52 7.15
CA LYS L 45 -29.13 -22.11 6.51
C LYS L 45 -29.93 -23.30 6.01
N GLU L 46 -31.26 -23.14 5.95
CA GLU L 46 -32.13 -24.16 5.36
C GLU L 46 -31.87 -24.35 3.87
N ARG L 47 -32.17 -25.54 3.38
CA ARG L 47 -32.14 -25.83 1.96
C ARG L 47 -33.17 -25.00 1.20
N GLU L 48 -32.77 -24.29 0.15
CA GLU L 48 -33.64 -23.33 -0.50
C GLU L 48 -33.83 -23.67 -1.95
N PHE L 49 -35.02 -23.44 -2.44
CA PHE L 49 -35.32 -23.66 -3.85
C PHE L 49 -34.66 -22.60 -4.70
N VAL L 50 -34.13 -23.02 -5.84
CA VAL L 50 -33.41 -22.13 -6.73
C VAL L 50 -34.21 -21.89 -8.01
N GLY L 51 -34.66 -22.95 -8.63
CA GLY L 51 -35.39 -22.89 -9.91
C GLY L 51 -35.75 -24.27 -10.41
N GLY L 52 -36.58 -24.35 -11.45
CA GLY L 52 -37.02 -25.64 -11.95
C GLY L 52 -37.38 -25.55 -13.42
N ILE L 53 -37.43 -26.71 -14.07
CA ILE L 53 -37.84 -26.77 -15.49
C ILE L 53 -38.79 -27.95 -15.71
N ALA L 54 -39.74 -27.72 -16.63
CA ALA L 54 -40.66 -28.76 -17.10
C ALA L 54 -40.08 -29.42 -18.36
N TRP L 55 -39.86 -30.73 -18.32
CA TRP L 55 -39.20 -31.48 -19.39
C TRP L 55 -39.87 -31.36 -20.75
N SER L 56 -41.18 -31.55 -20.79
CA SER L 56 -41.86 -31.52 -22.09
C SER L 56 -41.90 -30.13 -22.67
N SER L 57 -42.18 -29.11 -21.86
CA SER L 57 -42.44 -27.75 -22.35
C SER L 57 -41.26 -26.81 -22.30
N SER L 58 -40.26 -27.17 -21.50
CA SER L 58 -39.20 -26.24 -21.08
C SER L 58 -39.74 -24.95 -20.38
N ASP L 59 -40.91 -25.03 -19.74
CA ASP L 59 -41.33 -23.99 -18.80
C ASP L 59 -40.31 -23.95 -17.67
N THR L 60 -40.03 -22.75 -17.18
CA THR L 60 -39.03 -22.54 -16.12
C THR L 60 -39.58 -21.56 -15.11
N TRP L 61 -39.09 -21.65 -13.87
CA TRP L 61 -39.51 -20.78 -12.81
C TRP L 61 -38.35 -20.73 -11.80
N TYR L 62 -38.19 -19.59 -11.15
CA TYR L 62 -37.02 -19.30 -10.31
C TYR L 62 -37.39 -18.70 -8.98
N ALA L 63 -36.54 -18.91 -7.97
CA ALA L 63 -36.61 -18.10 -6.76
C ALA L 63 -36.28 -16.66 -7.11
N ASP L 64 -36.89 -15.71 -6.39
CA ASP L 64 -36.59 -14.30 -6.60
C ASP L 64 -35.11 -13.98 -6.44
N SER L 65 -34.44 -14.61 -5.48
CA SER L 65 -33.03 -14.29 -5.25
C SER L 65 -32.12 -14.65 -6.44
N VAL L 66 -32.62 -15.44 -7.40
CA VAL L 66 -31.81 -15.75 -8.58
C VAL L 66 -32.37 -15.31 -9.94
N LYS L 67 -33.60 -14.78 -9.96
CA LYS L 67 -34.22 -14.32 -11.22
C LYS L 67 -33.36 -13.28 -11.90
N GLY L 68 -33.14 -13.46 -13.19
CA GLY L 68 -32.34 -12.56 -13.97
C GLY L 68 -30.88 -12.94 -14.05
N ARG L 69 -30.43 -13.82 -13.14
CA ARG L 69 -29.02 -14.25 -13.07
C ARG L 69 -28.80 -15.70 -13.46
N PHE L 70 -29.76 -16.56 -13.08
CA PHE L 70 -29.72 -17.99 -13.33
C PHE L 70 -30.70 -18.46 -14.43
N THR L 71 -30.29 -19.45 -15.21
CA THR L 71 -31.18 -20.05 -16.20
C THR L 71 -31.05 -21.56 -16.19
N ILE L 72 -32.13 -22.26 -16.45
CA ILE L 72 -32.15 -23.71 -16.58
C ILE L 72 -32.58 -24.14 -17.99
N SER L 73 -31.85 -25.06 -18.58
CA SER L 73 -32.22 -25.52 -19.92
C SER L 73 -32.10 -27.03 -19.99
N LYS L 74 -32.81 -27.64 -20.94
CA LYS L 74 -32.80 -29.10 -21.01
C LYS L 74 -31.90 -29.57 -22.12
N ASP L 75 -31.56 -30.83 -22.07
CA ASP L 75 -30.64 -31.38 -22.99
C ASP L 75 -31.16 -32.75 -23.32
N ASP L 76 -31.96 -32.82 -24.36
CA ASP L 76 -32.63 -34.05 -24.69
C ASP L 76 -31.59 -35.18 -24.84
N ALA L 77 -30.50 -34.91 -25.55
CA ALA L 77 -29.48 -35.92 -25.87
C ALA L 77 -28.83 -36.52 -24.62
N ALA L 78 -28.45 -35.69 -23.67
CA ALA L 78 -27.84 -36.20 -22.43
C ALA L 78 -28.88 -36.67 -21.42
N ASN L 79 -30.17 -36.52 -21.72
CA ASN L 79 -31.23 -36.79 -20.73
C ASN L 79 -30.97 -36.01 -19.43
N GLY L 80 -30.73 -34.72 -19.61
CA GLY L 80 -30.30 -33.90 -18.51
C GLY L 80 -30.69 -32.47 -18.61
N VAL L 81 -30.37 -31.76 -17.56
CA VAL L 81 -30.65 -30.38 -17.51
C VAL L 81 -29.43 -29.70 -17.01
N HIS L 82 -29.35 -28.43 -17.37
CA HIS L 82 -28.22 -27.56 -17.00
C HIS L 82 -28.64 -26.34 -16.24
N LEU L 83 -28.04 -26.11 -15.08
CA LEU L 83 -28.29 -24.89 -14.31
C LEU L 83 -27.11 -23.98 -14.61
N GLN L 84 -27.37 -22.93 -15.37
CA GLN L 84 -26.35 -22.00 -15.73
C GLN L 84 -26.48 -20.70 -14.92
N MET L 85 -25.49 -20.47 -14.08
CA MET L 85 -25.52 -19.35 -13.14
C MET L 85 -24.61 -18.24 -13.62
N SER L 86 -25.12 -17.04 -13.64
CA SER L 86 -24.31 -15.86 -13.88
C SER L 86 -24.38 -14.87 -12.72
N SER L 87 -23.54 -13.84 -12.82
CA SER L 87 -23.40 -12.81 -11.79
C SER L 87 -23.30 -13.42 -10.41
N LEU L 88 -22.41 -14.39 -10.27
CA LEU L 88 -22.30 -15.11 -9.03
C LEU L 88 -21.68 -14.22 -8.01
N LYS L 89 -22.07 -14.47 -6.75
CA LYS L 89 -21.61 -13.69 -5.62
C LYS L 89 -21.37 -14.65 -4.47
N PRO L 90 -20.65 -14.19 -3.44
CA PRO L 90 -20.37 -15.10 -2.32
C PRO L 90 -21.64 -15.65 -1.64
N GLU L 91 -22.72 -14.88 -1.67
CA GLU L 91 -24.06 -15.35 -1.23
C GLU L 91 -24.58 -16.58 -1.96
N ASP L 92 -24.06 -16.83 -3.15
CA ASP L 92 -24.45 -18.03 -3.96
C ASP L 92 -23.62 -19.28 -3.63
N THR L 93 -22.59 -19.13 -2.82
CA THR L 93 -21.85 -20.28 -2.28
C THR L 93 -22.80 -21.26 -1.58
N ALA L 94 -22.77 -22.52 -2.00
CA ALA L 94 -23.60 -23.53 -1.42
C ALA L 94 -23.34 -24.90 -2.05
N VAL L 95 -23.89 -25.93 -1.42
CA VAL L 95 -24.03 -27.24 -2.05
C VAL L 95 -25.34 -27.17 -2.87
N TYR L 96 -25.25 -27.41 -4.16
CA TYR L 96 -26.40 -27.40 -5.04
C TYR L 96 -26.88 -28.83 -5.26
N TYR L 97 -28.20 -29.02 -5.08
CA TYR L 97 -28.84 -30.31 -5.28
C TYR L 97 -29.79 -30.26 -6.48
N CYS L 98 -29.70 -31.31 -7.32
CA CYS L 98 -30.65 -31.56 -8.41
C CYS L 98 -31.76 -32.44 -7.81
N ALA L 99 -32.99 -32.29 -8.27
CA ALA L 99 -34.05 -33.17 -7.81
C ALA L 99 -35.09 -33.33 -8.90
N SER L 100 -35.90 -34.38 -8.85
CA SER L 100 -36.91 -34.53 -9.91
C SER L 100 -38.23 -35.01 -9.38
N ALA L 101 -39.28 -34.74 -10.15
CA ALA L 101 -40.65 -35.03 -9.72
C ALA L 101 -41.51 -35.32 -10.92
N LEU L 102 -42.67 -35.92 -10.68
CA LEU L 102 -43.67 -36.06 -11.74
C LEU L 102 -44.78 -35.08 -11.52
N ARG L 103 -45.09 -34.25 -12.54
CA ARG L 103 -46.06 -33.19 -12.38
C ARG L 103 -47.40 -33.82 -12.05
N ARG L 104 -48.05 -33.36 -11.01
CA ARG L 104 -49.38 -33.93 -10.68
C ARG L 104 -50.46 -33.31 -11.61
N PRO L 105 -51.50 -34.07 -12.01
CA PRO L 105 -52.53 -33.42 -12.86
C PRO L 105 -53.16 -32.21 -12.20
N GLY L 106 -53.39 -31.17 -13.00
CA GLY L 106 -54.01 -29.95 -12.49
C GLY L 106 -53.07 -28.99 -11.80
N SER L 107 -51.76 -29.30 -11.75
CA SER L 107 -50.80 -28.31 -11.21
C SER L 107 -50.03 -27.72 -12.39
N ASP L 108 -49.82 -26.41 -12.38
CA ASP L 108 -48.74 -25.83 -13.15
C ASP L 108 -47.37 -26.38 -12.71
N ALA L 109 -46.46 -26.54 -13.66
CA ALA L 109 -45.13 -27.01 -13.32
C ALA L 109 -44.47 -26.08 -12.29
N SER L 110 -44.75 -24.79 -12.41
CA SER L 110 -44.19 -23.77 -11.52
C SER L 110 -44.65 -23.84 -10.05
N ASP L 111 -45.61 -24.71 -9.72
CA ASP L 111 -45.89 -24.95 -8.31
C ASP L 111 -44.85 -25.84 -7.66
N TYR L 112 -43.91 -26.42 -8.45
CA TYR L 112 -42.89 -27.35 -7.90
C TYR L 112 -41.67 -26.59 -7.33
N THR L 113 -41.89 -26.05 -6.14
CA THR L 113 -40.93 -25.17 -5.50
C THR L 113 -40.50 -25.61 -4.12
N ARG L 114 -41.02 -26.73 -3.62
CA ARG L 114 -40.82 -27.12 -2.23
C ARG L 114 -40.10 -28.45 -2.09
N ILE L 115 -39.30 -28.63 -1.04
CA ILE L 115 -38.56 -29.90 -0.83
C ILE L 115 -39.44 -31.17 -1.00
N PRO L 116 -40.61 -31.21 -0.34
CA PRO L 116 -41.40 -32.45 -0.40
C PRO L 116 -42.18 -32.68 -1.69
N ASP L 117 -42.18 -31.69 -2.57
CA ASP L 117 -42.66 -31.83 -3.94
C ASP L 117 -41.77 -32.76 -4.77
N TYR L 118 -40.55 -33.04 -4.30
CA TYR L 118 -39.53 -33.77 -5.11
C TYR L 118 -39.10 -35.04 -4.42
N PRO L 119 -39.46 -36.18 -4.98
CA PRO L 119 -39.11 -37.44 -4.32
C PRO L 119 -37.70 -37.97 -4.67
N TYR L 120 -37.11 -37.47 -5.76
CA TYR L 120 -35.76 -37.93 -6.18
C TYR L 120 -34.73 -36.82 -6.07
N TRP L 121 -33.64 -37.14 -5.35
CA TRP L 121 -32.55 -36.17 -5.10
C TRP L 121 -31.19 -36.65 -5.59
N GLY L 122 -30.43 -35.73 -6.16
CA GLY L 122 -29.01 -35.97 -6.42
C GLY L 122 -28.21 -35.82 -5.15
N GLN L 123 -26.91 -36.04 -5.29
CA GLN L 123 -25.94 -36.20 -4.20
C GLN L 123 -25.36 -34.84 -3.73
N GLY L 124 -25.51 -33.81 -4.54
CA GLY L 124 -25.02 -32.50 -4.17
C GLY L 124 -23.73 -32.15 -4.88
N THR L 125 -23.56 -30.87 -5.22
CA THR L 125 -22.38 -30.34 -5.92
C THR L 125 -21.97 -29.01 -5.28
N GLN L 126 -20.69 -28.91 -4.95
CA GLN L 126 -20.17 -27.79 -4.19
C GLN L 126 -19.86 -26.65 -5.16
N VAL L 127 -20.40 -25.47 -4.89
CA VAL L 127 -20.05 -24.27 -5.61
C VAL L 127 -19.59 -23.18 -4.62
N THR L 128 -18.38 -22.67 -4.84
CA THR L 128 -17.82 -21.65 -3.99
C THR L 128 -17.48 -20.46 -4.86
N VAL L 129 -17.96 -19.30 -4.46
CA VAL L 129 -17.66 -18.04 -5.10
C VAL L 129 -16.77 -17.22 -4.18
N SER L 130 -15.51 -17.04 -4.62
CA SER L 130 -14.54 -16.23 -3.92
C SER L 130 -14.99 -14.79 -3.87
N SER L 131 -14.64 -14.09 -2.78
CA SER L 131 -14.92 -12.66 -2.69
C SER L 131 -14.04 -11.84 -3.71
N HIS L 132 -13.03 -12.48 -4.31
CA HIS L 132 -12.29 -11.87 -5.38
C HIS L 132 -13.18 -11.79 -6.67
N HIS L 133 -13.38 -10.58 -7.16
CA HIS L 133 -14.05 -10.37 -8.47
C HIS L 133 -13.06 -10.65 -9.61
N HIS L 134 -13.56 -11.01 -10.78
CA HIS L 134 -12.70 -11.21 -11.93
C HIS L 134 -12.04 -9.90 -12.34
N HIS L 135 -10.94 -9.99 -13.06
CA HIS L 135 -10.14 -8.80 -13.41
C HIS L 135 -10.40 -8.30 -14.83
N HIS L 136 -11.62 -8.37 -15.31
CA HIS L 136 -11.92 -8.09 -16.72
C HIS L 136 -13.10 -7.11 -16.90
C ACT M . -11.36 6.57 26.85
O ACT M . -12.39 7.14 27.23
OXT ACT M . -10.23 6.92 27.22
CH3 ACT M . -11.53 5.51 25.83
C FMT N . 11.07 4.32 13.70
O1 FMT N . 9.88 4.07 13.68
O2 FMT N . 11.48 5.13 14.67
C ACT O . 10.34 26.43 -12.89
O ACT O . 9.21 26.85 -13.24
OXT ACT O . 11.30 27.20 -12.64
CH3 ACT O . 10.56 24.95 -12.81
C FMT P . -11.18 13.07 -6.75
O1 FMT P . -11.55 14.24 -6.70
O2 FMT P . -9.88 12.86 -6.88
C FMT Q . 4.06 -5.20 44.93
O1 FMT Q . 4.15 -3.99 44.73
O2 FMT Q . 5.14 -5.98 44.70
C ACT R . -29.33 24.17 8.23
O ACT R . -28.97 25.23 7.66
OXT ACT R . -28.93 23.06 7.91
CH3 ACT R . -30.28 24.19 9.41
C ACT S . -0.33 -36.56 -34.05
O ACT S . -1.35 -37.06 -34.61
OXT ACT S . -0.35 -35.61 -33.24
CH3 ACT S . 0.99 -37.11 -34.41
C FMT T . -33.79 -7.21 -30.45
O1 FMT T . -33.03 -8.17 -30.62
O2 FMT T . -33.29 -6.00 -30.64
C FMT U . 47.15 -13.21 -13.56
O1 FMT U . 48.24 -13.75 -13.48
O2 FMT U . 47.14 -11.88 -13.55
C ACT V . 28.05 24.51 13.33
O ACT V . 27.69 23.55 12.63
OXT ACT V . 27.77 24.61 14.53
CH3 ACT V . 28.86 25.58 12.68
C ACT W . -14.43 -38.22 8.87
O ACT W . -13.61 -37.48 8.30
OXT ACT W . -14.20 -39.43 9.11
CH3 ACT W . -15.77 -37.65 9.25
C FMT X . -18.62 -25.33 -19.30
O1 FMT X . -19.37 -25.55 -18.36
O2 FMT X . -18.76 -26.10 -20.37
#